data_6A3G
#
_entry.id   6A3G
#
_cell.length_a   80.742
_cell.length_b   93.787
_cell.length_c   100.989
_cell.angle_alpha   90.00
_cell.angle_beta   100.97
_cell.angle_gamma   90.00
#
_symmetry.space_group_name_H-M   'P 1 21 1'
#
loop_
_entity.id
_entity.type
_entity.pdbx_description
1 polymer 'Putative dehydrogenase'
2 non-polymer '1,4-DIHYDRONICOTINAMIDE ADENINE DINUCLEOTIDE'
3 water water
#
_entity_poly.entity_id   1
_entity_poly.type   'polypeptide(L)'
_entity_poly.pdbx_seq_one_letter_code
;MGSSHHHHHHSSGLVPRGSHMQNLNVGLIGGGFMGKAHSLAYAAMPMFFWPAPALPVRKVIAEANPELAAEAARRFGFEN
STSDWRSIIDDPDIHVVDIATPNHLHAEIAIAAAEAGKHIICEKPLARTGEESKAMYDAVKDKNIVHMVAFNYRRTPAVA
LAKKYIEEGAIGRILSFRGTYLQDWSADPNSPLSWRFQKSIAGSGALGDIATHVIDMARYLVGEFSAVNAVLSTWIPERP
LQSGGADALGTVRGGEGPKGPVDVDDEVMTMIRFANGAVGSVEATRNAHGRNNYITFEIHGTEGSIVFNYERRDELQVAF
ASDQADRRGFRTVYTGPAHPYGEGLWPIPALGIGYGETKIIEAHDFFKAIAEGGSVSPSFADGYQVALIDDAIVESAAKE
SWVDVPQISA
;
_entity_poly.pdbx_strand_id   A,B,C,D
#
loop_
_chem_comp.id
_chem_comp.type
_chem_comp.name
_chem_comp.formula
NAI non-polymer '1,4-DIHYDRONICOTINAMIDE ADENINE DINUCLEOTIDE' 'C21 H29 N7 O14 P2'
#
# COMPACT_ATOMS: atom_id res chain seq x y z
N MET A 21 25.56 37.65 -10.97
CA MET A 21 24.40 37.21 -10.08
C MET A 21 24.60 37.73 -8.65
N GLN A 22 23.50 37.97 -7.93
CA GLN A 22 23.55 38.49 -6.55
C GLN A 22 23.96 37.37 -5.56
N ASN A 23 24.97 37.63 -4.72
CA ASN A 23 25.48 36.67 -3.73
C ASN A 23 25.06 37.17 -2.35
N LEU A 24 24.35 36.35 -1.54
CA LEU A 24 23.94 36.77 -0.21
C LEU A 24 24.69 35.95 0.85
N ASN A 25 25.36 36.67 1.75
CA ASN A 25 26.08 36.13 2.87
C ASN A 25 25.12 35.69 3.97
N VAL A 26 25.18 34.39 4.29
CA VAL A 26 24.32 33.82 5.30
C VAL A 26 25.11 33.68 6.61
N GLY A 27 24.50 34.14 7.70
CA GLY A 27 24.90 33.80 9.06
C GLY A 27 23.92 32.79 9.65
N LEU A 28 24.38 31.55 9.81
CA LEU A 28 23.56 30.47 10.37
C LEU A 28 23.89 30.33 11.85
N ILE A 29 22.85 30.28 12.68
CA ILE A 29 23.02 30.16 14.13
C ILE A 29 22.50 28.79 14.55
N GLY A 30 23.42 27.90 14.91
CA GLY A 30 23.12 26.48 15.22
C GLY A 30 23.65 25.54 14.16
N GLY A 31 24.46 24.55 14.57
CA GLY A 31 25.02 23.55 13.71
C GLY A 31 24.61 22.15 14.16
N GLY A 32 23.39 22.01 14.69
CA GLY A 32 22.82 20.71 15.04
C GLY A 32 22.08 20.09 13.85
N PHE A 33 20.93 19.48 14.11
CA PHE A 33 20.20 18.75 13.06
C PHE A 33 19.75 19.71 11.95
N MET A 34 19.09 20.80 12.33
CA MET A 34 18.66 21.77 11.36
C MET A 34 19.81 22.59 10.76
N GLY A 35 20.88 22.84 11.54
CA GLY A 35 22.13 23.38 10.97
C GLY A 35 22.61 22.58 9.74
N LYS A 36 22.54 21.26 9.83
CA LYS A 36 22.93 20.41 8.70
C LYS A 36 21.95 20.53 7.54
N ALA A 37 20.65 20.41 7.80
CA ALA A 37 19.64 20.48 6.71
C ALA A 37 19.69 21.85 5.99
N HIS A 38 19.88 22.91 6.76
CA HIS A 38 19.95 24.27 6.25
C HIS A 38 21.21 24.44 5.40
N SER A 39 22.33 23.90 5.89
CA SER A 39 23.61 23.98 5.17
C SER A 39 23.54 23.27 3.81
N LEU A 40 22.94 22.06 3.80
CA LEU A 40 22.67 21.34 2.61
C LEU A 40 21.84 22.21 1.67
N ALA A 41 20.78 22.86 2.16
CA ALA A 41 19.93 23.65 1.28
C ALA A 41 20.73 24.79 0.62
N TYR A 42 21.59 25.46 1.38
CA TYR A 42 22.35 26.60 0.88
C TYR A 42 23.41 26.15 -0.13
N ALA A 43 24.02 24.98 0.05
CA ALA A 43 24.99 24.40 -0.88
C ALA A 43 24.32 23.91 -2.17
N ALA A 44 23.09 23.40 -2.07
CA ALA A 44 22.46 22.67 -3.20
C ALA A 44 21.49 23.53 -4.01
N MET A 45 20.87 24.55 -3.38
CA MET A 45 19.73 25.22 -4.03
C MET A 45 20.07 25.68 -5.46
N PRO A 46 21.22 26.34 -5.72
CA PRO A 46 21.49 26.83 -7.08
C PRO A 46 21.67 25.71 -8.13
N MET A 47 22.09 24.53 -7.68
CA MET A 47 22.24 23.39 -8.56
C MET A 47 20.86 22.93 -9.06
N PHE A 48 19.85 23.05 -8.20
CA PHE A 48 18.50 22.59 -8.51
C PHE A 48 17.72 23.66 -9.29
N PHE A 49 17.70 24.89 -8.76
CA PHE A 49 16.94 26.01 -9.33
C PHE A 49 17.93 26.96 -10.00
N TRP A 50 18.06 26.83 -11.32
CA TRP A 50 19.06 27.52 -12.11
C TRP A 50 18.40 28.12 -13.36
N PRO A 51 18.66 29.40 -13.67
CA PRO A 51 19.47 30.35 -12.90
C PRO A 51 18.86 30.68 -11.52
N ALA A 52 19.68 30.73 -10.47
CA ALA A 52 19.22 30.87 -9.09
C ALA A 52 18.74 32.30 -8.83
N PRO A 53 17.77 32.50 -7.90
CA PRO A 53 17.35 33.86 -7.60
C PRO A 53 18.51 34.68 -7.02
N ALA A 54 19.35 34.04 -6.21
CA ALA A 54 20.60 34.57 -5.70
C ALA A 54 21.45 33.37 -5.23
N LEU A 55 22.75 33.58 -5.06
CA LEU A 55 23.67 32.52 -4.66
C LEU A 55 23.91 32.63 -3.17
N PRO A 56 23.61 31.60 -2.36
CA PRO A 56 23.92 31.62 -0.94
C PRO A 56 25.43 31.52 -0.70
N VAL A 57 25.96 32.39 0.16
CA VAL A 57 27.31 32.22 0.61
C VAL A 57 27.22 31.79 2.07
N ARG A 58 27.75 30.61 2.37
CA ARG A 58 27.84 30.13 3.74
C ARG A 58 28.99 30.89 4.40
N LYS A 59 28.69 32.06 4.97
CA LYS A 59 29.73 33.02 5.34
C LYS A 59 30.17 32.79 6.79
N VAL A 60 29.22 32.71 7.73
CA VAL A 60 29.58 32.49 9.15
C VAL A 60 28.55 31.59 9.82
N ILE A 61 29.02 30.65 10.63
CA ILE A 61 28.16 29.83 11.47
C ILE A 61 28.48 30.10 12.95
N ALA A 62 27.43 30.22 13.75
CA ALA A 62 27.55 30.43 15.17
C ALA A 62 27.17 29.14 15.90
N GLU A 63 27.95 28.79 16.93
CA GLU A 63 27.61 27.68 17.78
C GLU A 63 27.87 28.06 19.24
N ALA A 64 27.57 27.12 20.14
CA ALA A 64 27.54 27.34 21.59
C ALA A 64 28.94 27.65 22.12
N ASN A 65 30.00 27.13 21.48
CA ASN A 65 31.35 27.42 21.93
C ASN A 65 32.28 27.41 20.72
N PRO A 66 33.51 27.96 20.84
CA PRO A 66 34.39 28.12 19.69
C PRO A 66 34.85 26.82 19.02
N GLU A 67 35.03 25.75 19.78
CA GLU A 67 35.44 24.45 19.21
C GLU A 67 34.29 23.86 18.36
N LEU A 68 33.10 23.73 18.95
CA LEU A 68 31.86 23.37 18.23
C LEU A 68 31.73 24.21 16.95
N ALA A 69 31.86 25.53 17.08
CA ALA A 69 31.60 26.45 15.96
C ALA A 69 32.58 26.15 14.81
N ALA A 70 33.87 25.97 15.12
CA ALA A 70 34.85 25.79 14.07
C ALA A 70 34.65 24.44 13.36
N GLU A 71 34.32 23.41 14.14
CA GLU A 71 34.09 22.10 13.60
C GLU A 71 32.87 22.12 12.68
N ALA A 72 31.81 22.77 13.12
CA ALA A 72 30.62 22.92 12.32
C ALA A 72 30.94 23.70 11.02
N ALA A 73 31.80 24.73 11.08
CA ALA A 73 32.22 25.43 9.85
C ALA A 73 32.93 24.47 8.89
N ARG A 74 33.82 23.62 9.40
CA ARG A 74 34.55 22.68 8.53
C ARG A 74 33.57 21.68 7.91
N ARG A 75 32.62 21.21 8.73
CA ARG A 75 31.65 20.17 8.35
C ARG A 75 30.71 20.68 7.25
N PHE A 76 30.13 21.87 7.49
CA PHE A 76 29.03 22.44 6.73
C PHE A 76 29.51 23.44 5.67
N GLY A 77 30.82 23.68 5.63
CA GLY A 77 31.45 24.46 4.59
C GLY A 77 31.24 25.94 4.76
N PHE A 78 31.33 26.46 5.99
CA PHE A 78 31.23 27.90 6.23
C PHE A 78 32.65 28.46 6.24
N GLU A 79 32.79 29.68 5.71
CA GLU A 79 34.08 30.34 5.68
C GLU A 79 34.57 30.70 7.10
N ASN A 80 33.68 31.24 7.95
CA ASN A 80 34.03 31.68 9.31
C ASN A 80 33.12 30.98 10.34
N SER A 81 33.54 31.04 11.60
CA SER A 81 32.79 30.52 12.76
C SER A 81 32.89 31.49 13.94
N THR A 82 31.90 31.46 14.83
CA THR A 82 31.94 32.26 16.06
C THR A 82 31.17 31.51 17.14
N SER A 83 31.57 31.74 18.40
CA SER A 83 30.82 31.31 19.55
C SER A 83 29.80 32.38 19.97
N ASP A 84 29.77 33.54 19.29
CA ASP A 84 28.83 34.57 19.70
C ASP A 84 27.96 35.06 18.54
N TRP A 85 26.68 34.67 18.60
CA TRP A 85 25.75 35.00 17.52
C TRP A 85 25.59 36.52 17.36
N ARG A 86 25.78 37.30 18.42
CA ARG A 86 25.65 38.77 18.29
C ARG A 86 26.64 39.30 17.24
N SER A 87 27.79 38.64 17.06
CA SER A 87 28.79 39.12 16.13
C SER A 87 28.33 38.96 14.67
N ILE A 88 27.37 38.05 14.44
CA ILE A 88 26.68 37.90 13.15
C ILE A 88 25.70 39.08 13.00
N ILE A 89 24.89 39.32 14.02
CA ILE A 89 23.92 40.44 13.93
C ILE A 89 24.66 41.76 13.64
N ASP A 90 25.82 41.95 14.26
CA ASP A 90 26.48 43.25 14.21
C ASP A 90 27.41 43.38 13.00
N ASP A 91 27.47 42.34 12.17
CA ASP A 91 28.36 42.32 11.05
C ASP A 91 27.60 42.92 9.87
N PRO A 92 28.06 44.06 9.32
CA PRO A 92 27.29 44.76 8.29
C PRO A 92 27.19 43.97 6.98
N ASP A 93 28.09 43.02 6.74
CA ASP A 93 28.10 42.30 5.49
C ASP A 93 27.32 40.97 5.54
N ILE A 94 26.65 40.66 6.64
CA ILE A 94 25.69 39.51 6.65
C ILE A 94 24.32 40.02 6.19
N HIS A 95 23.78 39.40 5.14
CA HIS A 95 22.48 39.77 4.58
C HIS A 95 21.35 38.94 5.18
N VAL A 96 21.64 37.68 5.53
CA VAL A 96 20.64 36.70 5.92
C VAL A 96 21.05 36.13 7.29
N VAL A 97 20.10 36.12 8.25
CA VAL A 97 20.25 35.44 9.51
C VAL A 97 19.30 34.25 9.54
N ASP A 98 19.86 33.07 9.86
CA ASP A 98 19.14 31.84 9.85
C ASP A 98 19.27 31.22 11.23
N ILE A 99 18.13 31.11 11.93
CA ILE A 99 18.08 30.73 13.32
C ILE A 99 17.68 29.26 13.41
N ALA A 100 18.65 28.42 13.79
CA ALA A 100 18.48 27.01 13.89
C ALA A 100 18.85 26.52 15.30
N THR A 101 18.60 27.37 16.31
CA THR A 101 18.83 27.04 17.66
C THR A 101 17.57 26.44 18.28
N PRO A 102 17.65 25.90 19.52
CA PRO A 102 16.43 25.54 20.22
C PRO A 102 15.52 26.75 20.46
N ASN A 103 14.30 26.48 20.92
CA ASN A 103 13.20 27.43 20.84
C ASN A 103 13.40 28.64 21.78
N HIS A 104 14.28 28.51 22.79
CA HIS A 104 14.43 29.55 23.83
C HIS A 104 15.22 30.76 23.32
N LEU A 105 15.91 30.64 22.18
CA LEU A 105 16.71 31.74 21.65
C LEU A 105 16.09 32.36 20.39
N HIS A 106 14.98 31.82 19.87
CA HIS A 106 14.43 32.31 18.61
C HIS A 106 14.13 33.83 18.69
N ALA A 107 13.42 34.24 19.74
CA ALA A 107 12.90 35.59 19.84
C ALA A 107 14.03 36.63 19.97
N GLU A 108 14.99 36.39 20.89
CA GLU A 108 16.11 37.34 21.15
C GLU A 108 16.92 37.57 19.88
N ILE A 109 17.19 36.47 19.16
CA ILE A 109 18.02 36.52 17.98
C ILE A 109 17.28 37.20 16.82
N ALA A 110 16.02 36.81 16.57
CA ALA A 110 15.27 37.41 15.48
C ALA A 110 15.03 38.90 15.73
N ILE A 111 14.77 39.27 16.97
CA ILE A 111 14.47 40.67 17.28
C ILE A 111 15.73 41.52 17.03
N ALA A 112 16.89 41.00 17.44
CA ALA A 112 18.20 41.64 17.17
C ALA A 112 18.44 41.76 15.67
N ALA A 113 18.11 40.70 14.92
CA ALA A 113 18.39 40.64 13.48
C ALA A 113 17.51 41.67 12.77
N ALA A 114 16.28 41.79 13.24
CA ALA A 114 15.32 42.66 12.62
C ALA A 114 15.79 44.11 12.78
N GLU A 115 16.26 44.43 13.99
CA GLU A 115 16.69 45.77 14.34
C GLU A 115 17.90 46.12 13.48
N ALA A 116 18.73 45.13 13.14
CA ALA A 116 19.90 45.32 12.29
C ALA A 116 19.53 45.30 10.80
N GLY A 117 18.24 45.13 10.47
CA GLY A 117 17.78 45.19 9.08
C GLY A 117 18.17 43.96 8.27
N LYS A 118 18.28 42.78 8.90
CA LYS A 118 18.63 41.55 8.20
C LYS A 118 17.36 40.81 7.73
N HIS A 119 17.48 40.08 6.62
CA HIS A 119 16.49 39.09 6.24
C HIS A 119 16.62 37.92 7.22
N ILE A 120 15.48 37.32 7.60
CA ILE A 120 15.52 36.30 8.64
C ILE A 120 14.68 35.08 8.22
N ILE A 121 15.28 33.89 8.34
CA ILE A 121 14.55 32.63 8.41
C ILE A 121 14.75 32.05 9.82
N CYS A 122 13.66 31.62 10.44
CA CYS A 122 13.68 31.11 11.80
C CYS A 122 12.99 29.76 11.81
N GLU A 123 13.61 28.78 12.48
CA GLU A 123 13.01 27.48 12.63
C GLU A 123 11.71 27.57 13.45
N LYS A 124 10.82 26.61 13.21
CA LYS A 124 9.58 26.47 13.99
C LYS A 124 9.91 25.79 15.32
N PRO A 125 9.00 25.92 16.30
CA PRO A 125 7.94 26.90 16.35
C PRO A 125 8.56 28.30 16.46
N LEU A 126 7.81 29.35 16.15
CA LEU A 126 8.45 30.65 16.02
C LEU A 126 9.13 31.01 17.35
N ALA A 127 8.42 30.80 18.48
CA ALA A 127 8.99 30.92 19.81
C ALA A 127 8.22 30.00 20.76
N ARG A 128 8.45 30.15 22.08
CA ARG A 128 7.89 29.24 23.10
C ARG A 128 6.43 29.58 23.44
N THR A 129 6.04 30.85 23.35
CA THR A 129 4.67 31.27 23.70
C THR A 129 4.11 32.21 22.63
N GLY A 130 2.80 32.45 22.71
CA GLY A 130 2.14 33.48 21.91
C GLY A 130 2.80 34.84 22.09
N GLU A 131 3.05 35.23 23.35
CA GLU A 131 3.61 36.57 23.64
C GLU A 131 5.04 36.70 23.09
N GLU A 132 5.87 35.66 23.23
CA GLU A 132 7.20 35.72 22.63
C GLU A 132 7.08 35.86 21.11
N SER A 133 6.13 35.13 20.49
CA SER A 133 6.00 35.12 19.05
C SER A 133 5.52 36.49 18.56
N LYS A 134 4.61 37.11 19.31
CA LYS A 134 4.13 38.44 19.01
C LYS A 134 5.28 39.45 18.97
N ALA A 135 6.22 39.34 19.91
CA ALA A 135 7.31 40.30 19.95
C ALA A 135 8.19 40.17 18.68
N MET A 136 8.32 38.95 18.18
CA MET A 136 9.07 38.68 16.93
C MET A 136 8.33 39.25 15.72
N TYR A 137 7.03 39.01 15.64
CA TYR A 137 6.22 39.61 14.57
C TYR A 137 6.29 41.15 14.56
N ASP A 138 6.09 41.77 15.72
CA ASP A 138 6.12 43.22 15.88
C ASP A 138 7.48 43.77 15.46
N ALA A 139 8.58 43.03 15.70
CA ALA A 139 9.90 43.51 15.35
C ALA A 139 10.12 43.53 13.81
N VAL A 140 9.43 42.68 13.02
CA VAL A 140 9.71 42.58 11.57
C VAL A 140 8.60 43.22 10.73
N LYS A 141 7.39 43.38 11.28
CA LYS A 141 6.23 43.58 10.44
C LYS A 141 6.30 44.90 9.66
N ASP A 142 7.02 45.91 10.17
CA ASP A 142 7.06 47.22 9.52
C ASP A 142 8.46 47.48 8.93
N LYS A 143 9.27 46.44 8.81
CA LYS A 143 10.57 46.59 8.18
C LYS A 143 10.47 46.05 6.76
N ASN A 144 11.36 46.55 5.89
CA ASN A 144 11.42 46.08 4.55
C ASN A 144 12.43 44.92 4.51
N ILE A 145 12.11 43.84 5.22
CA ILE A 145 12.97 42.64 5.23
C ILE A 145 12.08 41.41 4.93
N VAL A 146 12.66 40.38 4.31
CA VAL A 146 11.96 39.15 4.15
C VAL A 146 12.08 38.39 5.48
N HIS A 147 10.95 37.93 6.03
CA HIS A 147 10.95 37.08 7.21
C HIS A 147 10.18 35.80 6.90
N MET A 148 10.74 34.67 7.37
CA MET A 148 10.21 33.36 7.08
C MET A 148 10.27 32.45 8.31
N VAL A 149 9.24 31.62 8.50
CA VAL A 149 9.31 30.52 9.47
C VAL A 149 9.37 29.21 8.69
N ALA A 150 10.24 28.30 9.15
CA ALA A 150 10.74 27.13 8.35
C ALA A 150 9.82 25.90 8.46
N PHE A 151 8.54 26.08 8.11
CA PHE A 151 7.54 25.01 7.93
C PHE A 151 7.77 24.41 6.56
N ASN A 152 8.88 23.68 6.41
CA ASN A 152 9.31 23.14 5.13
C ASN A 152 8.41 22.01 4.62
N TYR A 153 7.62 21.32 5.46
CA TYR A 153 6.82 20.20 4.93
C TYR A 153 5.76 20.67 3.91
N ARG A 154 5.27 21.92 4.01
CA ARG A 154 4.28 22.42 3.04
C ARG A 154 4.92 22.56 1.65
N ARG A 155 6.25 22.55 1.58
CA ARG A 155 7.00 22.58 0.31
C ARG A 155 7.43 21.19 -0.17
N THR A 156 6.95 20.11 0.44
CA THR A 156 6.96 18.83 -0.20
C THR A 156 6.20 18.97 -1.50
N PRO A 157 6.75 18.55 -2.67
CA PRO A 157 6.04 18.74 -3.93
C PRO A 157 4.60 18.20 -3.93
N ALA A 158 4.39 17.04 -3.29
CA ALA A 158 3.04 16.47 -3.17
C ALA A 158 2.09 17.45 -2.48
N VAL A 159 2.58 18.18 -1.46
CA VAL A 159 1.71 19.12 -0.72
C VAL A 159 1.42 20.34 -1.60
N ALA A 160 2.43 20.82 -2.33
CA ALA A 160 2.22 21.92 -3.29
C ALA A 160 1.22 21.49 -4.38
N LEU A 161 1.30 20.24 -4.83
CA LEU A 161 0.35 19.70 -5.82
C LEU A 161 -1.07 19.66 -5.26
N ALA A 162 -1.20 19.23 -4.00
CA ALA A 162 -2.51 19.28 -3.32
C ALA A 162 -3.07 20.71 -3.38
N LYS A 163 -2.23 21.71 -3.04
CA LYS A 163 -2.65 23.13 -3.05
C LYS A 163 -3.15 23.54 -4.44
N LYS A 164 -2.42 23.12 -5.47
CA LYS A 164 -2.82 23.39 -6.85
C LYS A 164 -4.21 22.81 -7.13
N TYR A 165 -4.43 21.51 -6.84
CA TYR A 165 -5.74 20.92 -7.09
C TYR A 165 -6.82 21.73 -6.37
N ILE A 166 -6.55 22.10 -5.12
CA ILE A 166 -7.55 22.75 -4.30
C ILE A 166 -7.88 24.13 -4.92
N GLU A 167 -6.85 24.92 -5.22
CA GLU A 167 -7.07 26.31 -5.62
C GLU A 167 -7.68 26.37 -7.02
N GLU A 168 -7.46 25.32 -7.83
CA GLU A 168 -8.10 25.11 -9.12
C GLU A 168 -9.58 24.74 -9.04
N GLY A 169 -10.05 24.32 -7.87
CA GLY A 169 -11.41 23.83 -7.69
C GLY A 169 -11.59 22.35 -8.04
N ALA A 170 -10.48 21.60 -8.23
CA ALA A 170 -10.55 20.23 -8.73
C ALA A 170 -11.15 19.26 -7.69
N ILE A 171 -11.18 19.61 -6.39
CA ILE A 171 -11.93 18.77 -5.44
C ILE A 171 -13.13 19.53 -4.87
N GLY A 172 -13.49 20.66 -5.49
CA GLY A 172 -14.68 21.38 -5.06
C GLY A 172 -14.43 22.12 -3.75
N ARG A 173 -15.50 22.36 -3.01
CA ARG A 173 -15.42 23.08 -1.73
C ARG A 173 -14.96 22.10 -0.63
N ILE A 174 -14.04 22.53 0.25
CA ILE A 174 -13.53 21.60 1.30
C ILE A 174 -14.54 21.50 2.44
N LEU A 175 -14.91 20.25 2.80
CA LEU A 175 -15.79 19.98 3.92
C LEU A 175 -15.00 19.64 5.19
N SER A 176 -14.01 18.75 5.11
CA SER A 176 -13.35 18.35 6.30
C SER A 176 -11.89 18.02 6.02
N PHE A 177 -11.09 18.19 7.08
CA PHE A 177 -9.65 17.97 7.07
C PHE A 177 -9.27 17.10 8.28
N ARG A 178 -8.42 16.09 8.04
CA ARG A 178 -7.82 15.31 9.09
C ARG A 178 -6.31 15.36 8.91
N GLY A 179 -5.57 15.74 9.95
CA GLY A 179 -4.11 15.85 9.89
C GLY A 179 -3.46 15.05 11.02
N THR A 180 -2.35 14.35 10.75
CA THR A 180 -1.58 13.77 11.85
C THR A 180 -0.09 14.07 11.72
N TYR A 181 0.58 13.95 12.86
CA TYR A 181 2.01 13.82 12.96
C TYR A 181 2.30 12.80 14.07
N LEU A 182 2.56 11.54 13.68
CA LEU A 182 2.78 10.46 14.62
C LEU A 182 4.23 10.01 14.52
N GLN A 183 4.88 9.99 15.70
CA GLN A 183 6.27 9.61 15.85
C GLN A 183 6.40 8.61 17.01
N ASP A 184 7.59 8.01 17.09
CA ASP A 184 7.84 7.07 18.18
C ASP A 184 9.26 7.14 18.73
N TRP A 185 10.07 8.15 18.36
CA TRP A 185 11.49 8.17 18.77
C TRP A 185 11.68 8.30 20.30
N SER A 186 10.70 8.84 21.03
CA SER A 186 10.79 8.85 22.48
C SER A 186 9.76 7.92 23.11
N ALA A 187 9.24 6.94 22.36
CA ALA A 187 8.24 6.02 22.91
C ALA A 187 8.85 5.12 23.99
N ASP A 188 10.16 5.00 24.01
CA ASP A 188 10.90 4.30 25.05
C ASP A 188 11.11 5.22 26.26
N PRO A 189 10.60 4.88 27.48
CA PRO A 189 10.75 5.71 28.67
C PRO A 189 12.20 5.95 29.12
N ASN A 190 13.17 5.21 28.54
CA ASN A 190 14.59 5.40 28.82
C ASN A 190 15.22 6.38 27.82
N SER A 191 14.48 6.83 26.82
CA SER A 191 14.96 7.93 25.98
C SER A 191 15.10 9.17 26.86
N PRO A 192 16.23 9.92 26.80
CA PRO A 192 16.54 10.89 27.85
C PRO A 192 15.86 12.26 27.69
N LEU A 193 15.95 13.04 28.76
CA LEU A 193 15.29 14.34 28.90
C LEU A 193 16.05 15.44 28.15
N SER A 194 15.97 15.42 26.82
CA SER A 194 16.55 16.49 26.01
C SER A 194 15.73 17.78 26.18
N TRP A 195 16.13 18.86 25.49
CA TRP A 195 15.44 20.17 25.59
C TRP A 195 13.99 20.08 25.11
N ARG A 196 13.67 19.12 24.23
CA ARG A 196 12.35 19.02 23.67
C ARG A 196 11.31 18.59 24.72
N PHE A 197 11.77 18.08 25.86
CA PHE A 197 10.90 17.65 26.97
C PHE A 197 10.87 18.68 28.12
N GLN A 198 11.53 19.83 27.96
CA GLN A 198 11.68 20.80 29.03
C GLN A 198 10.96 22.09 28.62
N LYS A 199 9.88 22.39 29.33
CA LYS A 199 8.99 23.47 28.95
C LYS A 199 9.74 24.82 28.89
N SER A 200 10.67 25.05 29.82
CA SER A 200 11.35 26.35 29.84
C SER A 200 12.14 26.59 28.56
N ILE A 201 12.54 25.52 27.86
CA ILE A 201 13.31 25.60 26.62
C ILE A 201 12.37 25.47 25.43
N ALA A 202 11.48 24.46 25.45
CA ALA A 202 10.68 24.10 24.26
C ALA A 202 9.41 24.96 24.16
N GLY A 203 8.83 25.36 25.30
CA GLY A 203 7.48 25.95 25.34
C GLY A 203 6.38 24.88 25.42
N SER A 204 6.52 23.78 24.66
CA SER A 204 5.57 22.68 24.68
C SER A 204 6.26 21.45 24.07
N GLY A 205 5.55 20.32 23.97
CA GLY A 205 6.18 19.06 23.56
C GLY A 205 5.82 18.73 22.12
N ALA A 206 4.91 17.75 21.95
CA ALA A 206 4.44 17.36 20.62
C ALA A 206 3.72 18.54 19.96
N LEU A 207 2.96 19.33 20.73
CA LEU A 207 2.21 20.43 20.14
C LEU A 207 3.13 21.38 19.36
N GLY A 208 4.16 21.94 20.01
CA GLY A 208 5.02 22.91 19.40
C GLY A 208 6.00 22.29 18.44
N ASP A 209 6.45 21.07 18.74
CA ASP A 209 7.50 20.43 17.97
C ASP A 209 6.99 19.90 16.63
N ILE A 210 5.80 19.27 16.61
CA ILE A 210 5.34 18.55 15.44
C ILE A 210 3.89 18.89 15.05
N ALA A 211 2.97 19.16 15.98
CA ALA A 211 1.60 19.54 15.56
C ALA A 211 1.63 20.83 14.72
N THR A 212 2.56 21.75 15.02
CA THR A 212 2.66 23.02 14.29
C THR A 212 2.87 22.77 12.79
N HIS A 213 3.63 21.75 12.42
CA HIS A 213 3.79 21.44 11.00
C HIS A 213 2.44 21.11 10.36
N VAL A 214 1.59 20.36 11.06
CA VAL A 214 0.26 19.94 10.56
C VAL A 214 -0.68 21.15 10.57
N ILE A 215 -0.57 21.98 11.61
CA ILE A 215 -1.37 23.19 11.71
C ILE A 215 -1.02 24.12 10.53
N ASP A 216 0.28 24.30 10.26
CA ASP A 216 0.67 25.09 9.06
C ASP A 216 0.03 24.48 7.78
N MET A 217 0.07 23.15 7.63
CA MET A 217 -0.49 22.51 6.43
C MET A 217 -1.99 22.81 6.28
N ALA A 218 -2.72 22.65 7.38
CA ALA A 218 -4.16 22.96 7.48
C ALA A 218 -4.46 24.42 7.07
N ARG A 219 -3.66 25.38 7.56
CA ARG A 219 -3.81 26.78 7.21
C ARG A 219 -3.50 26.99 5.71
N TYR A 220 -2.48 26.32 5.20
CA TYR A 220 -2.09 26.45 3.78
C TYR A 220 -3.17 25.84 2.87
N LEU A 221 -3.68 24.67 3.22
CA LEU A 221 -4.53 23.91 2.29
C LEU A 221 -6.02 24.24 2.50
N VAL A 222 -6.43 24.55 3.73
CA VAL A 222 -7.85 24.72 4.04
C VAL A 222 -8.13 26.18 4.33
N GLY A 223 -7.41 26.77 5.28
CA GLY A 223 -7.62 28.16 5.62
C GLY A 223 -7.44 28.40 7.11
N GLU A 224 -7.89 29.58 7.53
CA GLU A 224 -7.61 30.05 8.88
C GLU A 224 -8.47 29.28 9.90
N PHE A 225 -7.91 29.04 11.08
CA PHE A 225 -8.63 28.35 12.14
C PHE A 225 -9.52 29.38 12.87
N SER A 226 -10.77 28.98 13.16
CA SER A 226 -11.72 29.80 13.89
C SER A 226 -11.77 29.40 15.38
N ALA A 227 -11.81 28.10 15.70
CA ALA A 227 -11.89 27.60 17.08
C ALA A 227 -11.28 26.20 17.17
N VAL A 228 -10.86 25.82 18.38
CA VAL A 228 -10.29 24.52 18.62
C VAL A 228 -10.85 23.97 19.93
N ASN A 229 -10.80 22.64 20.04
CA ASN A 229 -11.18 21.93 21.23
C ASN A 229 -10.26 20.71 21.37
N ALA A 230 -9.52 20.66 22.47
CA ALA A 230 -8.32 19.87 22.54
C ALA A 230 -8.19 19.04 23.84
N VAL A 231 -7.34 18.02 23.74
CA VAL A 231 -6.87 17.21 24.84
C VAL A 231 -5.37 17.02 24.68
N LEU A 232 -4.62 17.32 25.76
CA LEU A 232 -3.20 17.12 25.80
C LEU A 232 -2.90 15.94 26.73
N SER A 233 -1.95 15.09 26.34
CA SER A 233 -1.60 13.93 27.16
C SER A 233 -0.09 13.86 27.34
N THR A 234 0.33 13.49 28.55
CA THR A 234 1.69 13.13 28.83
C THR A 234 1.71 11.69 29.34
N TRP A 235 2.36 10.79 28.61
CA TRP A 235 2.35 9.36 28.91
C TRP A 235 3.59 8.96 29.73
N ILE A 236 4.71 9.64 29.49
CA ILE A 236 5.99 9.33 30.13
C ILE A 236 6.45 10.57 30.93
N PRO A 237 6.12 10.63 32.24
CA PRO A 237 6.26 11.86 33.02
C PRO A 237 7.66 12.13 33.60
N GLU A 238 8.59 11.18 33.46
CA GLU A 238 9.96 11.41 33.88
C GLU A 238 10.86 10.59 32.95
N ARG A 239 12.09 11.06 32.75
CA ARG A 239 13.06 10.38 31.90
C ARG A 239 14.43 10.47 32.56
N PRO A 240 15.40 9.63 32.14
CA PRO A 240 16.80 9.81 32.50
C PRO A 240 17.37 11.11 31.93
N LEU A 241 18.35 11.69 32.64
CA LEU A 241 19.02 12.93 32.20
C LEU A 241 20.09 12.58 31.17
N GLN A 242 20.44 13.56 30.32
CA GLN A 242 21.61 13.59 29.37
C GLN A 242 21.09 13.36 27.94
N LYS A 259 17.83 10.90 36.40
CA LYS A 259 16.35 11.08 36.36
C LYS A 259 15.96 12.57 36.31
N GLY A 260 14.88 12.91 35.59
CA GLY A 260 14.23 14.25 35.69
C GLY A 260 12.84 14.29 35.05
N PRO A 261 11.99 15.29 35.38
CA PRO A 261 10.60 15.32 34.94
C PRO A 261 10.39 15.91 33.54
N VAL A 262 9.33 15.41 32.89
CA VAL A 262 8.87 15.87 31.62
C VAL A 262 7.68 16.75 31.92
N ASP A 263 7.72 18.04 31.57
CA ASP A 263 6.64 18.98 31.94
C ASP A 263 5.98 19.56 30.69
N VAL A 264 6.02 18.77 29.60
CA VAL A 264 5.32 19.11 28.37
C VAL A 264 4.41 17.93 27.98
N ASP A 265 3.59 18.16 26.93
CA ASP A 265 2.70 17.16 26.31
C ASP A 265 3.51 16.17 25.45
N ASP A 266 3.12 14.90 25.55
CA ASP A 266 3.61 13.87 24.64
C ASP A 266 2.69 13.77 23.40
N GLU A 267 1.46 14.23 23.55
CA GLU A 267 0.42 13.97 22.57
C GLU A 267 -0.66 15.05 22.69
N VAL A 268 -1.21 15.41 21.54
CA VAL A 268 -2.25 16.39 21.43
C VAL A 268 -3.27 15.86 20.42
N MET A 269 -4.55 16.01 20.74
CA MET A 269 -5.57 15.87 19.71
C MET A 269 -6.50 17.07 19.84
N THR A 270 -6.95 17.59 18.70
CA THR A 270 -7.81 18.77 18.70
C THR A 270 -8.80 18.67 17.55
N MET A 271 -10.04 19.03 17.86
CA MET A 271 -11.00 19.37 16.86
C MET A 271 -10.82 20.85 16.47
N ILE A 272 -11.22 21.16 15.23
CA ILE A 272 -11.04 22.44 14.60
C ILE A 272 -12.34 22.83 13.89
N ARG A 273 -12.72 24.09 14.06
CA ARG A 273 -13.70 24.77 13.19
C ARG A 273 -12.87 25.75 12.39
N PHE A 274 -12.92 25.65 11.06
CA PHE A 274 -12.23 26.57 10.16
C PHE A 274 -13.14 27.77 9.92
N ALA A 275 -12.55 28.92 9.60
CA ALA A 275 -13.36 30.13 9.44
C ALA A 275 -14.21 30.03 8.17
N ASN A 276 -13.78 29.25 7.17
CA ASN A 276 -14.57 29.03 5.97
C ASN A 276 -15.72 28.01 6.20
N GLY A 277 -15.86 27.44 7.40
CA GLY A 277 -16.98 26.53 7.73
C GLY A 277 -16.62 25.05 7.61
N ALA A 278 -15.47 24.71 7.04
CA ALA A 278 -14.98 23.34 7.11
C ALA A 278 -14.76 22.95 8.58
N VAL A 279 -14.73 21.65 8.81
CA VAL A 279 -14.42 21.08 10.12
C VAL A 279 -13.14 20.25 9.98
N GLY A 280 -12.48 19.97 11.09
CA GLY A 280 -11.39 18.99 11.04
C GLY A 280 -10.83 18.62 12.40
N SER A 281 -9.71 17.92 12.34
CA SER A 281 -8.99 17.58 13.54
C SER A 281 -7.52 17.36 13.20
N VAL A 282 -6.69 17.54 14.23
CA VAL A 282 -5.25 17.29 14.17
C VAL A 282 -4.83 16.43 15.37
N GLU A 283 -3.96 15.48 15.12
CA GLU A 283 -3.48 14.60 16.19
C GLU A 283 -1.99 14.40 15.99
N ALA A 284 -1.22 14.65 17.04
CA ALA A 284 0.22 14.45 17.03
C ALA A 284 0.64 13.75 18.31
N THR A 285 1.65 12.87 18.19
CA THR A 285 2.14 12.13 19.32
C THR A 285 3.60 11.74 19.10
N ARG A 286 4.30 11.57 20.25
CA ARG A 286 5.64 11.00 20.29
C ARG A 286 5.61 9.51 20.68
N ASN A 287 4.42 8.94 20.79
CA ASN A 287 4.27 7.62 21.43
C ASN A 287 3.38 6.68 20.57
N ALA A 288 3.69 6.58 19.28
CA ALA A 288 2.98 5.67 18.38
C ALA A 288 3.97 4.66 17.79
N HIS A 289 4.17 3.52 18.46
CA HIS A 289 5.07 2.49 17.95
C HIS A 289 4.73 2.17 16.48
N GLY A 290 5.74 2.16 15.63
CA GLY A 290 5.62 1.85 14.19
C GLY A 290 5.52 3.10 13.33
N ARG A 291 5.19 4.23 13.95
CA ARG A 291 5.08 5.53 13.27
C ARG A 291 6.40 6.29 13.45
N ASN A 292 7.03 6.70 12.34
CA ASN A 292 8.38 7.29 12.39
C ASN A 292 8.33 8.80 12.14
N ASN A 293 7.84 9.17 10.96
CA ASN A 293 7.67 10.59 10.59
C ASN A 293 6.37 10.72 9.77
N TYR A 294 5.30 10.27 10.41
CA TYR A 294 4.00 10.06 9.79
C TYR A 294 3.18 11.34 9.88
N ILE A 295 3.60 12.32 9.10
CA ILE A 295 2.79 13.53 8.93
C ILE A 295 1.90 13.30 7.72
N THR A 296 0.58 13.32 7.96
CA THR A 296 -0.40 12.93 6.94
C THR A 296 -1.55 13.92 6.95
N PHE A 297 -2.28 13.93 5.83
CA PHE A 297 -3.57 14.52 5.88
C PHE A 297 -4.52 13.76 4.95
N GLU A 298 -5.80 13.97 5.24
CA GLU A 298 -6.91 13.56 4.39
C GLU A 298 -7.92 14.70 4.35
N ILE A 299 -8.22 15.14 3.12
CA ILE A 299 -9.15 16.26 2.88
C ILE A 299 -10.32 15.75 2.04
N HIS A 300 -11.54 15.99 2.51
CA HIS A 300 -12.74 15.68 1.76
C HIS A 300 -13.34 16.98 1.23
N GLY A 301 -13.44 17.06 -0.10
CA GLY A 301 -14.18 18.11 -0.76
C GLY A 301 -15.47 17.59 -1.38
N THR A 302 -16.29 18.53 -1.87
CA THR A 302 -17.56 18.23 -2.49
C THR A 302 -17.34 17.45 -3.80
N GLU A 303 -16.17 17.58 -4.42
CA GLU A 303 -15.94 16.96 -5.74
C GLU A 303 -14.70 16.06 -5.76
N GLY A 304 -14.16 15.74 -4.58
CA GLY A 304 -12.95 14.90 -4.57
C GLY A 304 -12.31 14.85 -3.21
N SER A 305 -11.32 13.98 -3.09
CA SER A 305 -10.56 13.84 -1.83
C SER A 305 -9.06 13.83 -2.12
N ILE A 306 -8.27 14.25 -1.15
CA ILE A 306 -6.81 14.18 -1.25
C ILE A 306 -6.24 13.56 0.03
N VAL A 307 -5.26 12.67 -0.15
CA VAL A 307 -4.61 11.99 1.00
C VAL A 307 -3.09 12.04 0.76
N PHE A 308 -2.35 12.42 1.79
CA PHE A 308 -0.93 12.56 1.72
C PHE A 308 -0.28 11.84 2.91
N ASN A 309 0.85 11.15 2.66
CA ASN A 309 1.64 10.47 3.72
C ASN A 309 3.13 10.75 3.50
N TYR A 310 3.74 11.55 4.39
CA TYR A 310 5.13 12.00 4.20
C TYR A 310 6.10 10.80 4.23
N GLU A 311 5.74 9.71 4.91
CA GLU A 311 6.62 8.54 4.91
C GLU A 311 6.69 7.96 3.49
N ARG A 312 5.69 8.30 2.65
CA ARG A 312 5.75 8.04 1.21
C ARG A 312 5.62 9.36 0.44
N ARG A 313 6.49 10.35 0.74
CA ARG A 313 6.27 11.76 0.34
C ARG A 313 6.25 11.98 -1.20
N ASP A 314 6.83 11.05 -1.98
CA ASP A 314 6.79 11.14 -3.46
C ASP A 314 5.36 11.05 -4.03
N GLU A 315 4.41 10.55 -3.23
CA GLU A 315 3.08 10.27 -3.70
C GLU A 315 2.08 11.30 -3.18
N LEU A 316 1.13 11.68 -4.03
CA LEU A 316 -0.11 12.27 -3.57
C LEU A 316 -1.25 11.36 -4.02
N GLN A 317 -2.22 11.08 -3.13
CA GLN A 317 -3.40 10.33 -3.54
C GLN A 317 -4.55 11.31 -3.78
N VAL A 318 -5.27 11.17 -4.90
CA VAL A 318 -6.38 12.08 -5.22
C VAL A 318 -7.48 11.28 -5.92
N ALA A 319 -8.71 11.48 -5.42
CA ALA A 319 -9.90 10.84 -5.95
C ALA A 319 -10.83 11.94 -6.49
N PHE A 320 -11.16 11.88 -7.77
CA PHE A 320 -12.04 12.85 -8.38
C PHE A 320 -13.42 12.24 -8.57
N ALA A 321 -14.45 12.96 -8.13
CA ALA A 321 -15.84 12.53 -8.28
C ALA A 321 -16.25 12.42 -9.75
N SER A 322 -15.59 13.18 -10.64
CA SER A 322 -15.91 13.27 -12.06
C SER A 322 -15.44 12.03 -12.83
N ASP A 323 -14.69 11.11 -12.22
CA ASP A 323 -14.25 9.93 -12.92
C ASP A 323 -15.51 9.15 -13.35
N GLN A 324 -15.46 8.44 -14.47
CA GLN A 324 -16.56 7.59 -14.86
C GLN A 324 -16.79 6.52 -13.77
N ALA A 325 -18.05 6.14 -13.58
CA ALA A 325 -18.48 5.31 -12.46
C ALA A 325 -17.72 3.99 -12.34
N ASP A 326 -17.18 3.45 -13.44
CA ASP A 326 -16.53 2.15 -13.37
C ASP A 326 -15.00 2.26 -13.30
N ARG A 327 -14.47 3.48 -13.10
CA ARG A 327 -13.03 3.67 -13.00
C ARG A 327 -12.74 4.83 -12.05
N ARG A 328 -13.41 4.82 -10.90
CA ARG A 328 -13.36 5.92 -9.93
C ARG A 328 -12.58 5.44 -8.69
N GLY A 329 -11.75 6.32 -8.12
CA GLY A 329 -10.96 5.97 -6.96
C GLY A 329 -9.76 6.89 -6.81
N PHE A 330 -8.99 6.68 -5.75
CA PHE A 330 -7.76 7.41 -5.54
C PHE A 330 -6.72 6.99 -6.57
N ARG A 331 -6.20 8.00 -7.27
CA ARG A 331 -5.00 7.91 -8.11
C ARG A 331 -3.76 8.17 -7.25
N THR A 332 -2.74 7.32 -7.38
CA THR A 332 -1.43 7.61 -6.81
C THR A 332 -0.61 8.36 -7.86
N VAL A 333 -0.38 9.65 -7.58
CA VAL A 333 0.42 10.55 -8.41
C VAL A 333 1.81 10.75 -7.80
N TYR A 334 2.85 10.39 -8.56
CA TYR A 334 4.22 10.56 -8.16
C TYR A 334 4.68 11.92 -8.68
N THR A 335 5.31 12.74 -7.84
CA THR A 335 5.64 14.10 -8.22
C THR A 335 6.91 14.14 -9.07
N GLY A 336 6.95 15.07 -10.02
CA GLY A 336 8.03 15.22 -10.96
C GLY A 336 7.91 16.50 -11.76
N PRO A 337 8.51 16.54 -12.96
CA PRO A 337 8.49 17.77 -13.74
C PRO A 337 7.12 18.39 -13.99
N ALA A 338 6.05 17.59 -14.07
CA ALA A 338 4.73 18.09 -14.41
C ALA A 338 4.05 18.80 -13.24
N HIS A 339 4.61 18.71 -12.03
CA HIS A 339 3.97 19.19 -10.79
C HIS A 339 4.74 20.38 -10.21
N PRO A 340 4.11 21.16 -9.31
CA PRO A 340 4.72 22.35 -8.72
C PRO A 340 6.16 22.11 -8.26
N TYR A 341 7.03 23.09 -8.60
CA TYR A 341 8.46 23.07 -8.27
C TYR A 341 9.23 22.06 -9.10
N GLY A 342 8.53 21.31 -9.96
CA GLY A 342 9.14 20.20 -10.66
C GLY A 342 10.29 20.60 -11.57
N GLU A 343 10.27 21.85 -12.05
CA GLU A 343 11.31 22.38 -12.95
C GLU A 343 12.66 22.42 -12.22
N GLY A 344 12.65 22.44 -10.89
CA GLY A 344 13.86 22.58 -10.15
C GLY A 344 14.31 21.28 -9.51
N LEU A 345 13.61 20.17 -9.77
CA LEU A 345 13.87 18.97 -9.01
C LEU A 345 14.43 17.91 -9.95
N TRP A 346 13.95 16.66 -9.90
CA TRP A 346 14.58 15.57 -10.65
C TRP A 346 13.87 15.36 -11.99
N PRO A 347 14.57 14.77 -12.99
CA PRO A 347 14.01 14.71 -14.33
C PRO A 347 12.84 13.74 -14.54
N ILE A 348 12.56 12.83 -13.61
CA ILE A 348 11.35 11.99 -13.73
C ILE A 348 10.72 11.87 -12.35
N PRO A 349 9.42 11.56 -12.28
CA PRO A 349 8.80 11.20 -11.02
C PRO A 349 9.49 9.97 -10.41
N ALA A 350 9.53 9.98 -9.08
CA ALA A 350 9.98 8.88 -8.23
C ALA A 350 11.49 8.64 -8.35
N LEU A 351 12.25 9.56 -8.95
CA LEU A 351 13.67 9.49 -8.76
C LEU A 351 14.01 9.65 -7.28
N GLY A 352 13.19 10.45 -6.58
CA GLY A 352 13.10 10.38 -5.15
C GLY A 352 13.38 11.68 -4.45
N ILE A 353 12.31 12.19 -3.81
CA ILE A 353 12.35 13.33 -2.95
C ILE A 353 12.68 12.85 -1.53
N GLY A 354 13.63 13.52 -0.89
CA GLY A 354 13.99 13.30 0.51
C GLY A 354 13.72 14.54 1.34
N TYR A 355 14.21 14.57 2.59
CA TYR A 355 14.01 15.73 3.44
C TYR A 355 14.66 16.98 2.83
N GLY A 356 15.87 16.80 2.28
CA GLY A 356 16.72 17.88 1.79
C GLY A 356 16.05 18.71 0.72
N GLU A 357 15.36 18.06 -0.24
CA GLU A 357 14.64 18.79 -1.31
C GLU A 357 13.60 19.79 -0.73
N THR A 358 12.98 19.46 0.39
CA THR A 358 12.00 20.39 0.97
C THR A 358 12.72 21.64 1.47
N LYS A 359 13.93 21.47 2.01
CA LYS A 359 14.71 22.61 2.52
C LYS A 359 15.30 23.43 1.36
N ILE A 360 15.63 22.73 0.27
CA ILE A 360 16.12 23.36 -0.95
C ILE A 360 15.04 24.27 -1.53
N ILE A 361 13.78 23.79 -1.55
CA ILE A 361 12.65 24.55 -2.10
C ILE A 361 12.42 25.77 -1.22
N GLU A 362 12.42 25.56 0.10
CA GLU A 362 12.26 26.62 1.08
C GLU A 362 13.33 27.70 0.86
N ALA A 363 14.58 27.29 0.71
CA ALA A 363 15.69 28.23 0.48
C ALA A 363 15.51 28.98 -0.85
N HIS A 364 15.06 28.27 -1.90
CA HIS A 364 14.82 28.88 -3.17
C HIS A 364 13.80 30.01 -3.04
N ASP A 365 12.70 29.73 -2.35
CA ASP A 365 11.59 30.72 -2.29
C ASP A 365 11.96 31.91 -1.39
N PHE A 366 12.69 31.66 -0.32
CA PHE A 366 13.23 32.70 0.58
C PHE A 366 14.07 33.69 -0.22
N PHE A 367 15.06 33.15 -0.97
CA PHE A 367 16.01 33.91 -1.78
C PHE A 367 15.29 34.62 -2.93
N LYS A 368 14.27 34.00 -3.51
CA LYS A 368 13.48 34.63 -4.57
C LYS A 368 12.78 35.87 -3.99
N ALA A 369 12.20 35.74 -2.80
CA ALA A 369 11.56 36.88 -2.15
C ALA A 369 12.57 38.01 -1.91
N ILE A 370 13.78 37.67 -1.44
CA ILE A 370 14.80 38.68 -1.16
C ILE A 370 15.21 39.37 -2.47
N ALA A 371 15.55 38.58 -3.49
CA ALA A 371 16.02 39.08 -4.78
C ALA A 371 14.97 39.98 -5.45
N GLU A 372 13.69 39.69 -5.24
CA GLU A 372 12.61 40.35 -5.93
C GLU A 372 11.99 41.45 -5.06
N GLY A 373 12.50 41.63 -3.83
CA GLY A 373 11.95 42.58 -2.89
C GLY A 373 10.49 42.27 -2.56
N GLY A 374 10.17 40.98 -2.42
CA GLY A 374 8.81 40.58 -2.05
C GLY A 374 8.79 39.94 -0.67
N SER A 375 7.64 39.40 -0.29
CA SER A 375 7.52 38.65 0.93
C SER A 375 7.34 37.17 0.58
N VAL A 376 7.53 36.31 1.58
CA VAL A 376 7.43 34.85 1.38
C VAL A 376 6.41 34.32 2.38
N SER A 377 5.86 33.15 2.07
CA SER A 377 4.93 32.44 2.91
C SER A 377 5.48 31.03 3.21
N PRO A 378 5.44 30.58 4.46
CA PRO A 378 4.93 31.27 5.63
C PRO A 378 5.93 32.24 6.26
N SER A 379 5.42 33.39 6.73
CA SER A 379 6.25 34.48 7.30
C SER A 379 6.08 34.47 8.81
N PHE A 380 6.69 35.43 9.50
CA PHE A 380 6.50 35.54 10.94
C PHE A 380 5.03 35.80 11.24
N ALA A 381 4.29 36.42 10.33
CA ALA A 381 2.86 36.57 10.52
C ALA A 381 2.22 35.18 10.72
N ASP A 382 2.52 34.25 9.79
CA ASP A 382 2.10 32.85 9.89
C ASP A 382 2.59 32.16 11.15
N GLY A 383 3.89 32.35 11.48
CA GLY A 383 4.53 31.78 12.68
C GLY A 383 3.81 32.18 13.97
N TYR A 384 3.44 33.45 14.02
CA TYR A 384 2.72 34.02 15.16
C TYR A 384 1.29 33.47 15.22
N GLN A 385 0.62 33.37 14.07
CA GLN A 385 -0.77 32.87 14.02
C GLN A 385 -0.81 31.45 14.57
N VAL A 386 0.21 30.65 14.22
CA VAL A 386 0.35 29.26 14.69
C VAL A 386 0.63 29.25 16.20
N ALA A 387 1.44 30.19 16.70
CA ALA A 387 1.68 30.28 18.15
C ALA A 387 0.36 30.59 18.87
N LEU A 388 -0.48 31.44 18.28
CA LEU A 388 -1.80 31.76 18.87
C LEU A 388 -2.73 30.54 18.88
N ILE A 389 -2.70 29.73 17.80
CA ILE A 389 -3.43 28.49 17.70
C ILE A 389 -2.96 27.55 18.81
N ASP A 390 -1.64 27.35 18.97
CA ASP A 390 -1.11 26.48 20.01
C ASP A 390 -1.62 26.97 21.38
N ASP A 391 -1.55 28.27 21.62
CA ASP A 391 -2.03 28.81 22.89
C ASP A 391 -3.52 28.50 23.07
N ALA A 392 -4.31 28.63 22.00
CA ALA A 392 -5.76 28.36 22.08
C ALA A 392 -6.06 26.88 22.43
N ILE A 393 -5.22 25.98 21.92
CA ILE A 393 -5.26 24.54 22.14
C ILE A 393 -4.96 24.22 23.61
N VAL A 394 -3.93 24.87 24.17
CA VAL A 394 -3.54 24.70 25.57
C VAL A 394 -4.68 25.19 26.48
N GLU A 395 -5.19 26.38 26.19
CA GLU A 395 -6.31 26.96 26.93
C GLU A 395 -7.51 26.00 26.89
N SER A 396 -7.83 25.53 25.67
CA SER A 396 -8.92 24.63 25.44
C SER A 396 -8.75 23.39 26.31
N ALA A 397 -7.56 22.78 26.27
CA ALA A 397 -7.35 21.52 26.99
C ALA A 397 -7.58 21.73 28.49
N ALA A 398 -7.10 22.87 29.00
CA ALA A 398 -7.15 23.19 30.44
C ALA A 398 -8.60 23.40 30.89
N LYS A 399 -9.39 24.12 30.07
CA LYS A 399 -10.76 24.48 30.36
C LYS A 399 -11.77 23.44 29.83
N GLU A 400 -11.31 22.47 29.02
CA GLU A 400 -12.13 21.44 28.38
C GLU A 400 -13.30 22.07 27.64
N SER A 401 -13.02 23.14 26.89
CA SER A 401 -14.04 23.77 26.07
C SER A 401 -13.41 24.34 24.80
N TRP A 402 -14.30 24.65 23.88
CA TRP A 402 -13.99 25.33 22.68
C TRP A 402 -13.38 26.68 23.02
N VAL A 403 -12.31 27.02 22.31
CA VAL A 403 -11.66 28.29 22.42
C VAL A 403 -11.52 28.88 21.01
N ASP A 404 -11.97 30.14 20.85
CA ASP A 404 -11.76 30.91 19.64
C ASP A 404 -10.28 31.24 19.45
N VAL A 405 -9.82 31.14 18.21
CA VAL A 405 -8.42 31.41 17.94
C VAL A 405 -8.29 32.91 17.67
N PRO A 406 -7.54 33.67 18.50
CA PRO A 406 -7.36 35.09 18.23
C PRO A 406 -6.63 35.25 16.91
N GLN A 407 -6.99 36.27 16.13
CA GLN A 407 -6.28 36.57 14.89
C GLN A 407 -5.17 37.58 15.19
N ILE A 408 -4.10 37.56 14.39
CA ILE A 408 -2.91 38.38 14.64
C ILE A 408 -3.26 39.88 14.51
N GLN B 22 42.22 16.21 4.51
CA GLN B 22 42.90 16.15 3.16
C GLN B 22 41.92 16.41 2.01
N ASN B 23 42.33 17.25 1.06
CA ASN B 23 41.51 17.63 -0.09
C ASN B 23 41.73 16.69 -1.27
N LEU B 24 40.63 16.31 -1.95
CA LEU B 24 40.74 15.63 -3.25
C LEU B 24 40.07 16.51 -4.31
N ASN B 25 40.86 16.89 -5.31
CA ASN B 25 40.43 17.72 -6.41
C ASN B 25 39.74 16.86 -7.46
N VAL B 26 38.46 17.17 -7.67
CA VAL B 26 37.64 16.48 -8.61
C VAL B 26 37.63 17.24 -9.95
N GLY B 27 37.77 16.45 -11.01
CA GLY B 27 37.50 16.89 -12.35
C GLY B 27 36.33 16.11 -12.92
N LEU B 28 35.19 16.82 -13.09
CA LEU B 28 33.95 16.23 -13.52
C LEU B 28 33.76 16.51 -14.99
N ILE B 29 33.49 15.46 -15.75
CA ILE B 29 33.31 15.56 -17.19
C ILE B 29 31.84 15.27 -17.51
N GLY B 30 31.14 16.31 -17.97
CA GLY B 30 29.70 16.29 -18.24
C GLY B 30 28.93 17.03 -17.17
N GLY B 31 28.07 17.95 -17.58
CA GLY B 31 27.33 18.79 -16.67
C GLY B 31 25.85 18.72 -16.91
N GLY B 32 25.37 17.53 -17.27
CA GLY B 32 23.97 17.34 -17.50
C GLY B 32 23.30 16.75 -16.25
N PHE B 33 22.45 15.73 -16.40
CA PHE B 33 21.65 15.15 -15.26
C PHE B 33 22.57 14.57 -14.19
N MET B 34 23.48 13.68 -14.58
CA MET B 34 24.44 13.12 -13.62
C MET B 34 25.49 14.14 -13.19
N GLY B 35 25.85 15.11 -14.03
CA GLY B 35 26.67 16.21 -13.53
C GLY B 35 26.07 16.88 -12.29
N LYS B 36 24.78 17.17 -12.32
CA LYS B 36 24.11 17.75 -11.22
C LYS B 36 24.14 16.84 -9.98
N ALA B 37 23.72 15.58 -10.16
CA ALA B 37 23.56 14.68 -9.02
C ALA B 37 24.94 14.46 -8.39
N HIS B 38 25.95 14.35 -9.24
CA HIS B 38 27.34 14.18 -8.76
C HIS B 38 27.83 15.43 -8.00
N SER B 39 27.51 16.63 -8.51
CA SER B 39 27.93 17.89 -7.91
C SER B 39 27.30 18.02 -6.51
N LEU B 40 26.01 17.71 -6.41
CA LEU B 40 25.31 17.63 -5.12
C LEU B 40 26.07 16.70 -4.17
N ALA B 41 26.47 15.50 -4.62
CA ALA B 41 27.14 14.56 -3.75
C ALA B 41 28.45 15.16 -3.19
N TYR B 42 29.24 15.81 -4.04
CA TYR B 42 30.52 16.35 -3.63
C TYR B 42 30.32 17.54 -2.68
N ALA B 43 29.29 18.36 -2.93
CA ALA B 43 28.94 19.47 -2.02
C ALA B 43 28.48 18.94 -0.65
N ALA B 44 27.70 17.85 -0.61
CA ALA B 44 26.96 17.49 0.59
C ALA B 44 27.67 16.41 1.41
N MET B 45 28.54 15.60 0.78
CA MET B 45 28.95 14.36 1.41
C MET B 45 29.53 14.63 2.81
N PRO B 46 30.49 15.57 3.00
CA PRO B 46 31.04 15.82 4.34
C PRO B 46 30.05 16.33 5.38
N MET B 47 28.96 16.98 4.96
CA MET B 47 27.93 17.37 5.90
C MET B 47 27.28 16.11 6.52
N PHE B 48 27.19 15.03 5.74
CA PHE B 48 26.43 13.84 6.17
C PHE B 48 27.33 12.89 6.96
N PHE B 49 28.49 12.58 6.35
CA PHE B 49 29.49 11.67 6.87
C PHE B 49 30.67 12.47 7.40
N TRP B 50 30.65 12.74 8.71
CA TRP B 50 31.61 13.59 9.37
C TRP B 50 32.21 12.86 10.57
N PRO B 51 33.53 12.85 10.73
CA PRO B 51 34.49 13.53 9.87
C PRO B 51 34.58 12.78 8.54
N ALA B 52 34.75 13.51 7.44
CA ALA B 52 34.71 12.91 6.13
C ALA B 52 36.02 12.17 5.87
N PRO B 53 35.98 11.09 5.05
CA PRO B 53 37.21 10.41 4.67
C PRO B 53 38.17 11.39 3.99
N ALA B 54 37.64 12.32 3.20
CA ALA B 54 38.42 13.35 2.54
C ALA B 54 37.44 14.44 2.08
N LEU B 55 37.98 15.59 1.74
CA LEU B 55 37.14 16.72 1.40
C LEU B 55 37.13 16.90 -0.10
N PRO B 56 35.97 16.69 -0.76
CA PRO B 56 35.91 16.88 -2.20
C PRO B 56 36.11 18.37 -2.52
N VAL B 57 36.92 18.68 -3.53
CA VAL B 57 36.99 20.02 -4.07
C VAL B 57 36.49 19.94 -5.51
N ARG B 58 35.44 20.68 -5.82
CA ARG B 58 34.92 20.75 -7.20
C ARG B 58 35.83 21.68 -8.00
N LYS B 59 36.87 21.10 -8.61
CA LYS B 59 38.02 21.86 -9.13
C LYS B 59 37.75 22.35 -10.56
N VAL B 60 37.44 21.39 -11.44
CA VAL B 60 37.18 21.68 -12.84
C VAL B 60 36.03 20.82 -13.36
N ILE B 61 35.15 21.46 -14.14
CA ILE B 61 34.11 20.76 -14.87
C ILE B 61 34.36 20.94 -16.37
N ALA B 62 34.25 19.85 -17.13
CA ALA B 62 34.38 19.85 -18.58
C ALA B 62 33.00 19.67 -19.20
N GLU B 63 32.75 20.40 -20.30
CA GLU B 63 31.54 20.28 -21.06
C GLU B 63 31.90 20.40 -22.55
N ALA B 64 30.88 20.29 -23.41
CA ALA B 64 31.08 20.06 -24.84
C ALA B 64 31.56 21.32 -25.57
N ASN B 65 31.33 22.51 -25.02
CA ASN B 65 31.83 23.77 -25.57
C ASN B 65 32.05 24.75 -24.42
N PRO B 66 32.84 25.83 -24.61
CA PRO B 66 33.21 26.72 -23.52
C PRO B 66 32.05 27.36 -22.75
N GLU B 67 30.96 27.69 -23.46
CA GLU B 67 29.80 28.38 -22.89
C GLU B 67 29.08 27.41 -21.96
N LEU B 68 28.84 26.18 -22.45
CA LEU B 68 28.23 25.09 -21.66
C LEU B 68 29.08 24.86 -20.40
N ALA B 69 30.40 24.84 -20.56
CA ALA B 69 31.32 24.54 -19.46
C ALA B 69 31.28 25.63 -18.39
N ALA B 70 31.35 26.91 -18.78
CA ALA B 70 31.41 28.00 -17.83
C ALA B 70 30.09 28.10 -17.06
N GLU B 71 28.97 27.85 -17.75
CA GLU B 71 27.62 27.87 -17.19
C GLU B 71 27.47 26.73 -16.17
N ALA B 72 27.94 25.54 -16.54
CA ALA B 72 27.96 24.37 -15.62
C ALA B 72 28.76 24.69 -14.35
N ALA B 73 29.92 25.34 -14.53
CA ALA B 73 30.78 25.72 -13.38
C ALA B 73 30.04 26.66 -12.43
N ARG B 74 29.33 27.63 -13.00
CA ARG B 74 28.56 28.55 -12.18
C ARG B 74 27.47 27.79 -11.43
N ARG B 75 26.68 26.99 -12.15
CA ARG B 75 25.53 26.27 -11.56
C ARG B 75 25.98 25.28 -10.45
N PHE B 76 27.06 24.54 -10.70
CA PHE B 76 27.42 23.38 -9.84
C PHE B 76 28.53 23.73 -8.85
N GLY B 77 29.05 24.95 -8.98
CA GLY B 77 30.00 25.48 -8.02
C GLY B 77 31.41 24.96 -8.24
N PHE B 78 31.85 24.82 -9.49
CA PHE B 78 33.23 24.42 -9.75
C PHE B 78 34.13 25.65 -9.86
N GLU B 79 35.41 25.45 -9.52
CA GLU B 79 36.34 26.56 -9.47
C GLU B 79 36.75 26.98 -10.88
N ASN B 80 36.79 26.02 -11.81
CA ASN B 80 37.26 26.17 -13.19
C ASN B 80 36.35 25.39 -14.14
N SER B 81 36.32 25.83 -15.40
CA SER B 81 35.62 25.12 -16.45
C SER B 81 36.59 24.86 -17.59
N THR B 82 36.31 23.88 -18.43
CA THR B 82 37.04 23.66 -19.69
C THR B 82 36.09 23.01 -20.69
N SER B 83 36.38 23.22 -21.98
CA SER B 83 35.65 22.56 -23.03
C SER B 83 36.46 21.38 -23.56
N ASP B 84 37.63 21.13 -22.97
CA ASP B 84 38.43 19.98 -23.38
C ASP B 84 38.78 19.15 -22.15
N TRP B 85 38.20 17.96 -22.07
CA TRP B 85 38.38 17.12 -20.89
C TRP B 85 39.83 16.63 -20.78
N ARG B 86 40.54 16.57 -21.91
CA ARG B 86 41.93 16.11 -21.85
C ARG B 86 42.75 17.04 -20.94
N SER B 87 42.35 18.31 -20.79
CA SER B 87 43.06 19.27 -19.95
C SER B 87 42.92 18.90 -18.46
N ILE B 88 41.88 18.13 -18.14
CA ILE B 88 41.70 17.61 -16.79
C ILE B 88 42.68 16.44 -16.59
N ILE B 89 42.77 15.53 -17.56
CA ILE B 89 43.66 14.35 -17.47
C ILE B 89 45.11 14.81 -17.29
N ASP B 90 45.48 15.91 -17.96
CA ASP B 90 46.86 16.43 -17.99
C ASP B 90 47.16 17.36 -16.80
N ASP B 91 46.15 17.62 -15.96
CA ASP B 91 46.35 18.52 -14.84
C ASP B 91 46.90 17.71 -13.69
N PRO B 92 48.17 17.93 -13.27
CA PRO B 92 48.74 17.14 -12.17
C PRO B 92 48.05 17.33 -10.81
N ASP B 93 47.26 18.39 -10.64
CA ASP B 93 46.60 18.66 -9.36
C ASP B 93 45.23 17.95 -9.23
N ILE B 94 44.72 17.34 -10.31
CA ILE B 94 43.47 16.56 -10.27
C ILE B 94 43.73 15.14 -9.74
N HIS B 95 42.96 14.77 -8.71
CA HIS B 95 43.12 13.50 -8.05
C HIS B 95 42.07 12.47 -8.49
N VAL B 96 40.87 12.97 -8.81
CA VAL B 96 39.73 12.16 -9.16
C VAL B 96 39.21 12.64 -10.52
N VAL B 97 38.97 11.70 -11.46
CA VAL B 97 38.22 11.99 -12.68
C VAL B 97 36.85 11.32 -12.55
N ASP B 98 35.80 12.11 -12.80
CA ASP B 98 34.43 11.66 -12.64
C ASP B 98 33.73 11.75 -13.99
N ILE B 99 33.44 10.59 -14.59
CA ILE B 99 32.94 10.52 -15.97
C ILE B 99 31.42 10.48 -15.97
N ALA B 100 30.79 11.58 -16.42
CA ALA B 100 29.36 11.74 -16.42
C ALA B 100 28.88 12.08 -17.82
N THR B 101 29.56 11.52 -18.83
CA THR B 101 29.20 11.75 -20.21
C THR B 101 28.30 10.62 -20.71
N PRO B 102 27.71 10.75 -21.93
CA PRO B 102 27.05 9.62 -22.58
C PRO B 102 28.04 8.45 -22.79
N ASN B 103 27.48 7.28 -23.11
CA ASN B 103 28.21 6.01 -22.97
C ASN B 103 29.39 5.89 -23.94
N HIS B 104 29.34 6.65 -25.03
CA HIS B 104 30.33 6.52 -26.12
C HIS B 104 31.71 7.09 -25.73
N LEU B 105 31.79 7.95 -24.72
CA LEU B 105 33.07 8.56 -24.34
C LEU B 105 33.64 7.93 -23.07
N HIS B 106 32.94 6.97 -22.44
CA HIS B 106 33.39 6.45 -21.13
C HIS B 106 34.81 5.87 -21.21
N ALA B 107 35.03 5.01 -22.18
CA ALA B 107 36.26 4.24 -22.29
C ALA B 107 37.46 5.13 -22.61
N GLU B 108 37.35 5.98 -23.61
CA GLU B 108 38.45 6.85 -23.99
C GLU B 108 38.90 7.69 -22.78
N ILE B 109 37.94 8.29 -22.08
CA ILE B 109 38.27 9.15 -20.96
C ILE B 109 38.89 8.31 -19.82
N ALA B 110 38.26 7.19 -19.45
CA ALA B 110 38.75 6.42 -18.31
C ALA B 110 40.17 5.89 -18.58
N ILE B 111 40.41 5.44 -19.81
CA ILE B 111 41.70 4.89 -20.14
C ILE B 111 42.76 5.98 -20.00
N ALA B 112 42.50 7.20 -20.52
CA ALA B 112 43.45 8.33 -20.34
C ALA B 112 43.67 8.62 -18.85
N ALA B 113 42.57 8.67 -18.07
CA ALA B 113 42.66 8.96 -16.66
C ALA B 113 43.52 7.91 -15.95
N ALA B 114 43.32 6.63 -16.27
CA ALA B 114 44.06 5.53 -15.65
C ALA B 114 45.56 5.65 -15.99
N GLU B 115 45.86 6.02 -17.23
CA GLU B 115 47.27 6.18 -17.64
C GLU B 115 47.94 7.36 -16.91
N ALA B 116 47.15 8.36 -16.50
CA ALA B 116 47.66 9.49 -15.73
C ALA B 116 47.63 9.21 -14.23
N GLY B 117 47.24 8.00 -13.82
CA GLY B 117 47.33 7.61 -12.44
C GLY B 117 46.24 8.25 -11.59
N LYS B 118 45.12 8.65 -12.21
CA LYS B 118 44.00 9.27 -11.46
C LYS B 118 43.01 8.20 -10.96
N HIS B 119 42.40 8.48 -9.81
CA HIS B 119 41.23 7.72 -9.33
C HIS B 119 40.04 8.05 -10.24
N ILE B 120 39.14 7.10 -10.43
CA ILE B 120 38.07 7.24 -11.43
C ILE B 120 36.76 6.71 -10.87
N ILE B 121 35.72 7.53 -10.99
CA ILE B 121 34.35 7.05 -10.94
C ILE B 121 33.74 7.28 -12.33
N CYS B 122 33.08 6.24 -12.87
CA CYS B 122 32.52 6.27 -14.19
C CYS B 122 31.05 5.88 -14.09
N GLU B 123 30.20 6.61 -14.82
CA GLU B 123 28.78 6.31 -14.81
C GLU B 123 28.50 4.98 -15.52
N LYS B 124 27.35 4.37 -15.19
CA LYS B 124 26.96 3.13 -15.82
C LYS B 124 26.29 3.47 -17.14
N PRO B 125 26.19 2.52 -18.07
CA PRO B 125 26.96 1.27 -18.09
C PRO B 125 28.43 1.63 -18.32
N LEU B 126 29.35 0.78 -17.88
CA LEU B 126 30.75 1.14 -17.93
C LEU B 126 31.08 1.63 -19.34
N ALA B 127 30.63 0.86 -20.34
CA ALA B 127 30.83 1.24 -21.71
C ALA B 127 29.74 0.61 -22.58
N ARG B 128 29.86 0.70 -23.90
CA ARG B 128 28.78 0.33 -24.79
C ARG B 128 28.69 -1.19 -25.00
N THR B 129 29.82 -1.90 -24.85
CA THR B 129 29.90 -3.33 -25.11
C THR B 129 30.85 -3.97 -24.09
N GLY B 130 30.81 -5.31 -24.05
CA GLY B 130 31.70 -6.07 -23.22
C GLY B 130 33.13 -5.80 -23.60
N GLU B 131 33.38 -5.73 -24.91
CA GLU B 131 34.75 -5.55 -25.39
C GLU B 131 35.28 -4.15 -25.01
N GLU B 132 34.45 -3.13 -25.14
CA GLU B 132 34.90 -1.77 -24.85
C GLU B 132 35.13 -1.64 -23.34
N SER B 133 34.24 -2.28 -22.55
CA SER B 133 34.34 -2.33 -21.08
C SER B 133 35.61 -3.04 -20.63
N LYS B 134 36.00 -4.10 -21.34
CA LYS B 134 37.22 -4.87 -21.05
C LYS B 134 38.45 -3.96 -21.09
N ALA B 135 38.56 -3.10 -22.11
CA ALA B 135 39.71 -2.19 -22.27
C ALA B 135 39.82 -1.26 -21.06
N MET B 136 38.69 -0.79 -20.56
CA MET B 136 38.66 0.05 -19.33
C MET B 136 39.13 -0.77 -18.12
N TYR B 137 38.62 -1.98 -17.95
CA TYR B 137 39.07 -2.83 -16.85
C TYR B 137 40.57 -3.11 -16.94
N ASP B 138 41.05 -3.46 -18.15
CA ASP B 138 42.48 -3.78 -18.34
C ASP B 138 43.32 -2.56 -17.97
N ALA B 139 42.83 -1.37 -18.35
CA ALA B 139 43.53 -0.13 -18.09
C ALA B 139 43.71 0.17 -16.60
N VAL B 140 42.86 -0.35 -15.72
CA VAL B 140 42.94 0.04 -14.31
C VAL B 140 43.38 -1.13 -13.41
N LYS B 141 43.28 -2.37 -13.90
CA LYS B 141 43.29 -3.54 -12.99
C LYS B 141 44.65 -3.69 -12.28
N ASP B 142 45.71 -3.16 -12.91
CA ASP B 142 47.06 -3.32 -12.40
C ASP B 142 47.62 -2.02 -11.80
N LYS B 143 46.79 -0.98 -11.66
CA LYS B 143 47.23 0.26 -11.02
C LYS B 143 46.67 0.34 -9.59
N ASN B 144 47.38 1.03 -8.70
CA ASN B 144 46.93 1.32 -7.33
C ASN B 144 46.08 2.60 -7.34
N ILE B 145 44.94 2.54 -8.04
CA ILE B 145 43.99 3.62 -8.12
C ILE B 145 42.63 3.01 -7.77
N VAL B 146 41.74 3.82 -7.18
CA VAL B 146 40.39 3.43 -6.91
C VAL B 146 39.60 3.64 -8.19
N HIS B 147 38.87 2.60 -8.63
CA HIS B 147 38.02 2.71 -9.81
C HIS B 147 36.63 2.23 -9.41
N MET B 148 35.61 2.99 -9.82
CA MET B 148 34.22 2.76 -9.39
C MET B 148 33.28 2.97 -10.57
N VAL B 149 32.25 2.11 -10.66
CA VAL B 149 31.14 2.26 -11.61
C VAL B 149 29.90 2.63 -10.78
N ALA B 150 29.22 3.69 -11.21
CA ALA B 150 28.25 4.39 -10.36
C ALA B 150 26.89 3.69 -10.32
N PHE B 151 26.83 2.43 -9.83
CA PHE B 151 25.53 1.78 -9.61
C PHE B 151 25.04 2.21 -8.22
N ASN B 152 24.50 3.43 -8.14
CA ASN B 152 24.23 4.05 -6.85
C ASN B 152 23.03 3.39 -6.16
N TYR B 153 22.17 2.71 -6.93
CA TYR B 153 20.93 2.21 -6.36
C TYR B 153 21.18 1.13 -5.28
N ARG B 154 22.29 0.38 -5.36
CA ARG B 154 22.61 -0.64 -4.35
C ARG B 154 22.96 0.03 -3.01
N ARG B 155 23.20 1.34 -3.03
CA ARG B 155 23.54 2.10 -1.81
C ARG B 155 22.29 2.83 -1.28
N THR B 156 21.12 2.56 -1.84
CA THR B 156 19.90 2.88 -1.13
C THR B 156 19.95 2.15 0.20
N PRO B 157 19.74 2.82 1.36
CA PRO B 157 19.93 2.13 2.63
C PRO B 157 19.11 0.84 2.76
N ALA B 158 17.89 0.87 2.24
CA ALA B 158 17.04 -0.36 2.24
C ALA B 158 17.69 -1.52 1.51
N VAL B 159 18.44 -1.25 0.42
CA VAL B 159 19.11 -2.31 -0.29
C VAL B 159 20.33 -2.80 0.52
N ALA B 160 21.05 -1.87 1.18
CA ALA B 160 22.14 -2.26 2.06
C ALA B 160 21.59 -3.08 3.25
N LEU B 161 20.42 -2.71 3.78
CA LEU B 161 19.75 -3.49 4.86
C LEU B 161 19.40 -4.91 4.38
N ALA B 162 18.87 -5.05 3.16
CA ALA B 162 18.64 -6.38 2.57
C ALA B 162 19.94 -7.21 2.56
N LYS B 163 21.06 -6.61 2.15
CA LYS B 163 22.32 -7.29 2.12
C LYS B 163 22.66 -7.76 3.54
N LYS B 164 22.43 -6.89 4.53
CA LYS B 164 22.76 -7.24 5.91
C LYS B 164 21.98 -8.49 6.31
N TYR B 165 20.66 -8.47 6.09
CA TYR B 165 19.80 -9.60 6.46
C TYR B 165 20.31 -10.89 5.78
N ILE B 166 20.66 -10.81 4.51
CA ILE B 166 21.07 -11.99 3.75
C ILE B 166 22.39 -12.54 4.31
N GLU B 167 23.39 -11.68 4.48
CA GLU B 167 24.74 -12.09 4.99
C GLU B 167 24.66 -12.67 6.40
N GLU B 168 23.71 -12.21 7.22
CA GLU B 168 23.55 -12.77 8.58
C GLU B 168 22.87 -14.15 8.54
N GLY B 169 22.28 -14.55 7.41
CA GLY B 169 21.50 -15.79 7.35
C GLY B 169 20.04 -15.61 7.74
N ALA B 170 19.58 -14.37 7.90
CA ALA B 170 18.27 -14.15 8.50
C ALA B 170 17.12 -14.58 7.57
N ILE B 171 17.36 -14.81 6.27
CA ILE B 171 16.32 -15.40 5.43
C ILE B 171 16.82 -16.75 4.87
N GLY B 172 17.90 -17.29 5.44
CA GLY B 172 18.46 -18.57 5.00
C GLY B 172 19.09 -18.50 3.62
N ARG B 173 19.03 -19.62 2.89
CA ARG B 173 19.67 -19.74 1.57
C ARG B 173 18.72 -19.16 0.52
N ILE B 174 19.25 -18.43 -0.47
CA ILE B 174 18.43 -17.81 -1.50
C ILE B 174 18.04 -18.86 -2.56
N LEU B 175 16.74 -18.93 -2.85
CA LEU B 175 16.17 -19.81 -3.84
C LEU B 175 15.94 -19.06 -5.15
N SER B 176 15.34 -17.87 -5.03
CA SER B 176 14.74 -17.21 -6.18
C SER B 176 14.87 -15.69 -6.05
N PHE B 177 15.14 -15.03 -7.19
CA PHE B 177 15.24 -13.56 -7.29
C PHE B 177 14.42 -13.06 -8.48
N ARG B 178 13.64 -12.03 -8.21
CA ARG B 178 12.91 -11.32 -9.24
C ARG B 178 13.29 -9.84 -9.12
N GLY B 179 13.62 -9.23 -10.24
CA GLY B 179 14.04 -7.84 -10.25
C GLY B 179 13.44 -7.12 -11.42
N THR B 180 12.95 -5.90 -11.20
CA THR B 180 12.38 -5.08 -12.27
C THR B 180 13.02 -3.69 -12.30
N TYR B 181 12.95 -3.08 -13.46
CA TYR B 181 13.13 -1.66 -13.59
C TYR B 181 12.16 -1.18 -14.67
N LEU B 182 11.01 -0.67 -14.21
CA LEU B 182 9.94 -0.25 -15.14
C LEU B 182 9.80 1.28 -15.13
N GLN B 183 9.82 1.85 -16.33
CA GLN B 183 9.75 3.29 -16.55
C GLN B 183 8.76 3.59 -17.68
N ASP B 184 8.43 4.87 -17.84
CA ASP B 184 7.48 5.25 -18.88
C ASP B 184 7.76 6.63 -19.47
N TRP B 185 8.93 7.21 -19.18
CA TRP B 185 9.24 8.57 -19.65
C TRP B 185 9.27 8.62 -21.18
N SER B 186 9.52 7.50 -21.87
CA SER B 186 9.44 7.50 -23.36
C SER B 186 8.30 6.63 -23.90
N ALA B 187 7.27 6.37 -23.08
CA ALA B 187 6.15 5.47 -23.48
C ALA B 187 5.33 6.09 -24.62
N ASP B 188 5.43 7.43 -24.77
CA ASP B 188 4.80 8.16 -25.86
C ASP B 188 5.69 8.13 -27.11
N PRO B 189 5.16 7.65 -28.26
CA PRO B 189 5.92 7.67 -29.51
C PRO B 189 6.40 9.06 -29.95
N ASN B 190 5.72 10.12 -29.47
CA ASN B 190 6.05 11.51 -29.87
C ASN B 190 7.26 12.03 -29.09
N SER B 191 7.66 11.30 -28.05
CA SER B 191 8.86 11.61 -27.28
C SER B 191 10.09 11.51 -28.18
N PRO B 192 10.95 12.55 -28.19
CA PRO B 192 11.95 12.67 -29.26
C PRO B 192 13.12 11.69 -29.14
N LEU B 193 13.79 11.46 -30.28
CA LEU B 193 15.01 10.65 -30.31
C LEU B 193 16.05 11.38 -29.48
N SER B 194 16.85 10.64 -28.70
CA SER B 194 18.00 11.16 -27.99
C SER B 194 19.07 10.08 -28.03
N TRP B 195 20.23 10.35 -27.46
CA TRP B 195 21.34 9.42 -27.53
C TRP B 195 20.95 8.07 -26.88
N ARG B 196 20.01 8.08 -25.92
CA ARG B 196 19.59 6.85 -25.26
C ARG B 196 18.89 5.87 -26.20
N PHE B 197 18.50 6.33 -27.40
CA PHE B 197 17.79 5.48 -28.41
C PHE B 197 18.70 5.12 -29.59
N GLN B 198 20.00 5.41 -29.47
CA GLN B 198 20.96 5.28 -30.57
C GLN B 198 22.06 4.29 -30.18
N LYS B 199 22.13 3.16 -30.88
CA LYS B 199 23.07 2.09 -30.53
C LYS B 199 24.53 2.59 -30.59
N SER B 200 24.83 3.46 -31.57
CA SER B 200 26.21 3.96 -31.79
C SER B 200 26.70 4.72 -30.55
N ILE B 201 25.77 5.37 -29.85
CA ILE B 201 26.07 6.17 -28.63
C ILE B 201 25.91 5.31 -27.37
N ALA B 202 24.72 4.74 -27.18
CA ALA B 202 24.32 4.11 -25.89
C ALA B 202 24.82 2.67 -25.80
N GLY B 203 24.88 1.96 -26.94
CA GLY B 203 25.26 0.56 -26.91
C GLY B 203 24.05 -0.35 -26.77
N SER B 204 23.13 -0.02 -25.89
CA SER B 204 21.84 -0.69 -25.84
C SER B 204 20.82 0.27 -25.23
N GLY B 205 19.58 -0.20 -25.11
CA GLY B 205 18.46 0.66 -24.69
C GLY B 205 18.19 0.46 -23.22
N ALA B 206 17.02 -0.10 -22.91
CA ALA B 206 16.66 -0.39 -21.52
C ALA B 206 17.73 -1.29 -20.88
N LEU B 207 18.24 -2.25 -21.64
CA LEU B 207 19.20 -3.20 -21.09
C LEU B 207 20.36 -2.43 -20.43
N GLY B 208 21.06 -1.59 -21.20
CA GLY B 208 22.25 -0.87 -20.71
C GLY B 208 21.90 0.24 -19.73
N ASP B 209 20.79 0.93 -20.02
CA ASP B 209 20.45 2.11 -19.32
C ASP B 209 19.87 1.79 -17.94
N ILE B 210 18.97 0.80 -17.83
CA ILE B 210 18.30 0.56 -16.56
C ILE B 210 18.41 -0.91 -16.09
N ALA B 211 18.38 -1.91 -16.97
CA ALA B 211 18.50 -3.32 -16.48
C ALA B 211 19.84 -3.51 -15.75
N THR B 212 20.86 -2.76 -16.14
CA THR B 212 22.20 -2.90 -15.48
C THR B 212 22.12 -2.59 -13.98
N HIS B 213 21.29 -1.62 -13.59
CA HIS B 213 21.09 -1.32 -12.16
C HIS B 213 20.54 -2.56 -11.43
N VAL B 214 19.57 -3.26 -12.04
CA VAL B 214 18.96 -4.43 -11.41
C VAL B 214 19.98 -5.58 -11.36
N ILE B 215 20.75 -5.71 -12.44
CA ILE B 215 21.73 -6.76 -12.55
C ILE B 215 22.79 -6.56 -11.47
N ASP B 216 23.31 -5.34 -11.34
CA ASP B 216 24.23 -5.07 -10.22
C ASP B 216 23.58 -5.48 -8.89
N MET B 217 22.30 -5.13 -8.73
CA MET B 217 21.62 -5.43 -7.48
C MET B 217 21.57 -6.95 -7.24
N ALA B 218 21.24 -7.73 -8.28
CA ALA B 218 21.23 -9.20 -8.17
C ALA B 218 22.64 -9.73 -7.83
N ARG B 219 23.68 -9.20 -8.48
CA ARG B 219 25.04 -9.64 -8.16
C ARG B 219 25.38 -9.34 -6.69
N TYR B 220 24.92 -8.19 -6.20
CA TYR B 220 25.25 -7.73 -4.86
C TYR B 220 24.57 -8.61 -3.81
N LEU B 221 23.28 -8.95 -4.04
CA LEU B 221 22.49 -9.56 -3.00
C LEU B 221 22.49 -11.08 -3.12
N VAL B 222 22.59 -11.57 -4.36
CA VAL B 222 22.45 -13.01 -4.64
C VAL B 222 23.81 -13.60 -5.02
N GLY B 223 24.43 -13.07 -6.06
CA GLY B 223 25.73 -13.54 -6.49
C GLY B 223 25.86 -13.56 -8.01
N GLU B 224 26.90 -14.26 -8.47
CA GLU B 224 27.29 -14.22 -9.89
C GLU B 224 26.25 -14.97 -10.73
N PHE B 225 26.06 -14.52 -11.97
CA PHE B 225 25.17 -15.14 -12.95
C PHE B 225 25.91 -16.27 -13.70
N SER B 226 25.30 -17.44 -13.78
CA SER B 226 25.86 -18.57 -14.57
C SER B 226 25.40 -18.50 -16.03
N ALA B 227 24.11 -18.23 -16.21
CA ALA B 227 23.54 -18.22 -17.56
C ALA B 227 22.25 -17.38 -17.59
N VAL B 228 21.91 -16.93 -18.81
CA VAL B 228 20.75 -16.08 -19.06
C VAL B 228 19.99 -16.63 -20.27
N ASN B 229 18.70 -16.32 -20.33
CA ASN B 229 17.85 -16.61 -21.51
C ASN B 229 16.86 -15.48 -21.64
N ALA B 230 16.89 -14.76 -22.77
CA ALA B 230 16.34 -13.42 -22.83
C ALA B 230 15.52 -13.18 -24.09
N VAL B 231 14.67 -12.15 -23.97
CA VAL B 231 13.92 -11.60 -25.11
C VAL B 231 14.08 -10.07 -25.06
N LEU B 232 14.53 -9.49 -26.18
CA LEU B 232 14.59 -8.07 -26.33
C LEU B 232 13.42 -7.62 -27.20
N SER B 233 12.79 -6.52 -26.80
CA SER B 233 11.69 -6.00 -27.60
C SER B 233 11.93 -4.50 -27.86
N THR B 234 11.61 -4.08 -29.08
CA THR B 234 11.46 -2.68 -29.40
C THR B 234 9.98 -2.39 -29.74
N TRP B 235 9.36 -1.45 -29.04
CA TRP B 235 7.97 -1.11 -29.25
C TRP B 235 7.79 0.11 -30.14
N ILE B 236 8.71 1.08 -30.06
CA ILE B 236 8.62 2.35 -30.80
C ILE B 236 9.88 2.49 -31.63
N PRO B 237 9.84 2.01 -32.89
CA PRO B 237 11.03 1.85 -33.73
C PRO B 237 11.54 3.13 -34.43
N GLU B 238 10.82 4.24 -34.35
CA GLU B 238 11.33 5.52 -34.82
C GLU B 238 10.72 6.62 -33.94
N ARG B 239 11.47 7.71 -33.78
CA ARG B 239 11.03 8.87 -33.01
C ARG B 239 11.35 10.18 -33.76
N PRO B 240 10.56 11.23 -33.51
CA PRO B 240 10.86 12.55 -34.08
C PRO B 240 12.21 13.05 -33.57
N LEU B 241 12.99 13.62 -34.49
CA LEU B 241 14.31 14.18 -34.15
C LEU B 241 14.14 15.39 -33.22
N GLN B 242 13.02 16.12 -33.41
CA GLN B 242 12.59 17.36 -32.71
C GLN B 242 13.80 18.20 -32.31
N PRO B 258 9.73 14.44 -39.42
CA PRO B 258 11.18 14.21 -39.54
C PRO B 258 11.67 13.34 -38.37
N LYS B 259 12.00 12.08 -38.65
CA LYS B 259 12.10 11.01 -37.65
C LYS B 259 13.41 10.21 -37.83
N GLY B 260 13.93 9.62 -36.75
CA GLY B 260 15.07 8.76 -36.89
C GLY B 260 14.80 7.39 -36.28
N PRO B 261 15.64 6.38 -36.61
CA PRO B 261 15.42 5.02 -36.15
C PRO B 261 15.85 4.88 -34.68
N VAL B 262 15.06 4.13 -33.90
CA VAL B 262 15.45 3.53 -32.65
C VAL B 262 15.99 2.14 -32.94
N ASP B 263 17.29 1.95 -32.74
CA ASP B 263 17.96 0.70 -33.07
C ASP B 263 18.50 0.00 -31.80
N VAL B 264 17.77 0.21 -30.70
CA VAL B 264 18.05 -0.43 -29.45
C VAL B 264 16.74 -0.98 -28.90
N ASP B 265 16.87 -1.76 -27.84
CA ASP B 265 15.74 -2.36 -27.14
C ASP B 265 14.99 -1.33 -26.27
N ASP B 266 13.66 -1.39 -26.32
CA ASP B 266 12.81 -0.70 -25.36
C ASP B 266 12.61 -1.51 -24.08
N GLU B 267 12.76 -2.82 -24.17
CA GLU B 267 12.35 -3.72 -23.10
C GLU B 267 13.21 -5.00 -23.17
N VAL B 268 13.54 -5.53 -22.00
CA VAL B 268 14.28 -6.76 -21.91
C VAL B 268 13.63 -7.59 -20.81
N MET B 269 13.49 -8.89 -21.06
CA MET B 269 13.19 -9.83 -19.96
C MET B 269 14.18 -11.00 -20.07
N THR B 270 14.74 -11.43 -18.94
CA THR B 270 15.69 -12.50 -18.95
C THR B 270 15.46 -13.39 -17.73
N MET B 271 15.46 -14.70 -17.96
CA MET B 271 15.63 -15.68 -16.92
C MET B 271 17.14 -15.80 -16.63
N ILE B 272 17.44 -16.22 -15.40
CA ILE B 272 18.79 -16.25 -14.88
C ILE B 272 18.97 -17.57 -14.12
N ARG B 273 20.12 -18.20 -14.34
CA ARG B 273 20.62 -19.20 -13.41
C ARG B 273 21.81 -18.60 -12.67
N PHE B 274 21.72 -18.57 -11.34
CA PHE B 274 22.82 -18.03 -10.49
C PHE B 274 23.80 -19.14 -10.18
N ALA B 275 25.07 -18.75 -10.05
CA ALA B 275 26.17 -19.69 -9.88
C ALA B 275 25.99 -20.49 -8.58
N ASN B 276 25.33 -19.93 -7.56
CA ASN B 276 25.04 -20.64 -6.33
C ASN B 276 23.81 -21.56 -6.42
N GLY B 277 23.21 -21.75 -7.59
CA GLY B 277 22.05 -22.65 -7.71
C GLY B 277 20.72 -21.92 -7.67
N ALA B 278 20.70 -20.64 -7.26
CA ALA B 278 19.43 -19.92 -7.25
C ALA B 278 18.98 -19.68 -8.70
N VAL B 279 17.69 -19.37 -8.87
CA VAL B 279 17.16 -19.02 -10.14
C VAL B 279 16.55 -17.63 -10.04
N GLY B 280 16.33 -16.98 -11.18
CA GLY B 280 15.68 -15.68 -11.13
C GLY B 280 15.34 -15.14 -12.51
N SER B 281 14.88 -13.89 -12.49
CA SER B 281 14.55 -13.16 -13.71
C SER B 281 14.67 -11.66 -13.45
N VAL B 282 14.92 -10.93 -14.54
CA VAL B 282 15.00 -9.50 -14.55
C VAL B 282 14.18 -9.02 -15.75
N GLU B 283 13.39 -7.98 -15.52
CA GLU B 283 12.62 -7.34 -16.57
C GLU B 283 12.79 -5.82 -16.46
N ALA B 284 13.11 -5.16 -17.58
CA ALA B 284 13.25 -3.71 -17.62
C ALA B 284 12.52 -3.16 -18.83
N THR B 285 11.83 -2.01 -18.70
CA THR B 285 11.13 -1.43 -19.85
C THR B 285 11.05 0.10 -19.71
N ARG B 286 10.93 0.76 -20.86
CA ARG B 286 10.68 2.19 -20.94
C ARG B 286 9.22 2.45 -21.30
N ASN B 287 8.41 1.39 -21.33
CA ASN B 287 7.07 1.42 -21.93
C ASN B 287 6.05 0.78 -20.98
N ALA B 288 6.10 1.16 -19.71
CA ALA B 288 5.10 0.72 -18.72
C ALA B 288 4.35 1.94 -18.15
N HIS B 289 3.23 2.32 -18.78
CA HIS B 289 2.45 3.44 -18.25
C HIS B 289 2.23 3.22 -16.74
N GLY B 290 2.38 4.30 -15.95
CA GLY B 290 2.14 4.32 -14.53
C GLY B 290 3.38 3.99 -13.73
N ARG B 291 4.42 3.46 -14.38
CA ARG B 291 5.68 3.17 -13.70
C ARG B 291 6.69 4.28 -14.05
N ASN B 292 7.29 4.86 -13.02
CA ASN B 292 8.16 6.05 -13.12
C ASN B 292 9.62 5.65 -12.94
N ASN B 293 9.94 5.08 -11.79
CA ASN B 293 11.33 4.66 -11.48
C ASN B 293 11.23 3.41 -10.60
N TYR B 294 10.51 2.43 -11.15
CA TYR B 294 10.07 1.25 -10.45
C TYR B 294 11.18 0.18 -10.57
N ILE B 295 12.26 0.39 -9.83
CA ILE B 295 13.31 -0.61 -9.60
C ILE B 295 12.86 -1.39 -8.39
N THR B 296 12.65 -2.69 -8.55
CA THR B 296 12.15 -3.49 -7.45
C THR B 296 12.95 -4.77 -7.41
N PHE B 297 12.91 -5.45 -6.26
CA PHE B 297 13.24 -6.84 -6.29
C PHE B 297 12.41 -7.59 -5.25
N GLU B 298 12.29 -8.89 -5.49
CA GLU B 298 11.70 -9.84 -4.53
C GLU B 298 12.63 -11.04 -4.43
N ILE B 299 13.09 -11.35 -3.21
CA ILE B 299 13.99 -12.44 -3.00
C ILE B 299 13.30 -13.44 -2.07
N HIS B 300 13.36 -14.71 -2.48
CA HIS B 300 12.80 -15.81 -1.67
C HIS B 300 13.95 -16.65 -1.13
N GLY B 301 14.06 -16.68 0.20
CA GLY B 301 14.97 -17.58 0.86
C GLY B 301 14.26 -18.74 1.54
N THR B 302 15.07 -19.73 1.98
CA THR B 302 14.52 -20.88 2.70
C THR B 302 13.88 -20.47 4.03
N GLU B 303 14.29 -19.35 4.63
CA GLU B 303 13.77 -18.92 5.95
C GLU B 303 13.14 -17.53 5.93
N GLY B 304 13.01 -16.89 4.78
CA GLY B 304 12.33 -15.59 4.74
C GLY B 304 12.33 -15.03 3.33
N SER B 305 11.69 -13.86 3.19
CA SER B 305 11.62 -13.17 1.91
C SER B 305 11.95 -11.68 2.10
N ILE B 306 12.49 -11.04 1.05
CA ILE B 306 12.73 -9.59 1.07
C ILE B 306 12.15 -8.96 -0.20
N VAL B 307 11.39 -7.87 -0.04
CA VAL B 307 10.82 -7.11 -1.16
C VAL B 307 11.23 -5.64 -1.04
N PHE B 308 11.63 -5.04 -2.16
CA PHE B 308 12.04 -3.65 -2.19
C PHE B 308 11.38 -2.97 -3.39
N ASN B 309 10.96 -1.73 -3.16
CA ASN B 309 10.40 -0.88 -4.24
C ASN B 309 10.99 0.53 -4.10
N TYR B 310 11.84 0.93 -5.05
CA TYR B 310 12.54 2.22 -4.98
C TYR B 310 11.56 3.40 -5.03
N GLU B 311 10.42 3.24 -5.65
CA GLU B 311 9.43 4.35 -5.65
C GLU B 311 9.01 4.67 -4.21
N ARG B 312 9.18 3.68 -3.31
CA ARG B 312 9.05 3.86 -1.85
C ARG B 312 10.36 3.43 -1.16
N ARG B 313 11.46 4.07 -1.53
CA ARG B 313 12.81 3.60 -1.20
C ARG B 313 13.12 3.62 0.30
N ASP B 314 12.37 4.39 1.12
CA ASP B 314 12.63 4.42 2.58
C ASP B 314 12.30 3.07 3.24
N GLU B 315 11.50 2.24 2.55
CA GLU B 315 10.95 1.01 3.07
C GLU B 315 11.74 -0.20 2.55
N LEU B 316 11.93 -1.19 3.42
CA LEU B 316 12.25 -2.56 3.02
C LEU B 316 11.21 -3.49 3.64
N GLN B 317 10.68 -4.42 2.84
CA GLN B 317 9.73 -5.37 3.33
C GLN B 317 10.47 -6.68 3.61
N VAL B 318 10.26 -7.27 4.79
CA VAL B 318 10.97 -8.53 5.09
C VAL B 318 10.00 -9.44 5.87
N ALA B 319 9.86 -10.68 5.38
CA ALA B 319 9.03 -11.71 6.01
C ALA B 319 9.96 -12.79 6.56
N PHE B 320 9.89 -13.00 7.87
CA PHE B 320 10.69 -14.04 8.50
C PHE B 320 9.80 -15.24 8.84
N ALA B 321 10.24 -16.42 8.42
CA ALA B 321 9.54 -17.70 8.75
C ALA B 321 9.50 -17.97 10.27
N SER B 322 10.43 -17.40 11.03
CA SER B 322 10.53 -17.67 12.46
C SER B 322 9.49 -16.88 13.25
N ASP B 323 8.79 -15.90 12.66
CA ASP B 323 7.71 -15.25 13.36
C ASP B 323 6.73 -16.31 13.90
N GLN B 324 6.17 -16.06 15.09
CA GLN B 324 5.15 -16.90 15.66
C GLN B 324 3.99 -16.97 14.64
N ALA B 325 3.34 -18.15 14.57
CA ALA B 325 2.52 -18.47 13.43
C ALA B 325 1.31 -17.52 13.28
N ASP B 326 0.84 -16.93 14.37
CA ASP B 326 -0.33 -16.06 14.31
C ASP B 326 0.04 -14.58 14.10
N ARG B 327 1.32 -14.30 13.88
CA ARG B 327 1.79 -12.92 13.68
C ARG B 327 2.95 -12.92 12.67
N ARG B 328 2.75 -13.65 11.57
CA ARG B 328 3.81 -13.89 10.59
C ARG B 328 3.41 -13.17 9.30
N GLY B 329 4.33 -12.35 8.77
CA GLY B 329 4.16 -11.69 7.46
C GLY B 329 5.28 -10.71 7.18
N PHE B 330 5.14 -9.94 6.10
CA PHE B 330 6.10 -8.95 5.76
C PHE B 330 5.98 -7.77 6.74
N ARG B 331 7.13 -7.40 7.31
CA ARG B 331 7.31 -6.20 8.10
C ARG B 331 7.77 -5.09 7.15
N THR B 332 7.14 -3.92 7.24
CA THR B 332 7.63 -2.73 6.55
C THR B 332 8.60 -1.98 7.48
N VAL B 333 9.88 -2.03 7.13
CA VAL B 333 10.96 -1.45 7.88
C VAL B 333 11.38 -0.13 7.23
N TYR B 334 11.29 0.97 7.97
CA TYR B 334 11.78 2.26 7.49
C TYR B 334 13.25 2.45 7.94
N THR B 335 14.10 2.82 7.00
CA THR B 335 15.53 2.96 7.26
C THR B 335 15.81 4.29 7.98
N GLY B 336 16.73 4.18 8.93
CA GLY B 336 17.15 5.26 9.76
C GLY B 336 18.47 4.91 10.45
N PRO B 337 18.68 5.49 11.65
CA PRO B 337 19.94 5.35 12.35
C PRO B 337 20.36 3.89 12.62
N ALA B 338 19.41 2.96 12.78
CA ALA B 338 19.76 1.60 13.19
C ALA B 338 20.21 0.76 12.00
N HIS B 339 20.07 1.26 10.77
CA HIS B 339 20.28 0.45 9.58
C HIS B 339 21.56 0.90 8.89
N PRO B 340 22.08 0.10 7.94
CA PRO B 340 23.35 0.45 7.31
C PRO B 340 23.35 1.90 6.76
N TYR B 341 24.47 2.57 7.01
CA TYR B 341 24.75 3.96 6.60
C TYR B 341 23.96 4.98 7.45
N GLY B 342 23.20 4.48 8.44
CA GLY B 342 22.27 5.31 9.17
C GLY B 342 22.98 6.40 9.96
N GLU B 343 24.21 6.14 10.36
CA GLU B 343 24.98 7.14 11.12
C GLU B 343 25.25 8.39 10.29
N GLY B 344 25.26 8.28 8.97
CA GLY B 344 25.58 9.39 8.09
C GLY B 344 24.33 10.07 7.54
N LEU B 345 23.13 9.65 7.92
CA LEU B 345 21.94 10.14 7.24
C LEU B 345 21.05 10.90 8.24
N TRP B 346 19.75 10.67 8.25
CA TRP B 346 18.88 11.54 9.00
C TRP B 346 18.63 10.94 10.38
N PRO B 347 18.25 11.79 11.36
CA PRO B 347 18.18 11.31 12.74
C PRO B 347 16.99 10.42 13.10
N ILE B 348 16.02 10.28 12.21
CA ILE B 348 14.94 9.34 12.45
C ILE B 348 14.61 8.67 11.13
N PRO B 349 14.02 7.46 11.18
CA PRO B 349 13.51 6.84 9.97
C PRO B 349 12.37 7.69 9.39
N ALA B 350 12.29 7.66 8.06
CA ALA B 350 11.29 8.27 7.24
C ALA B 350 11.37 9.80 7.24
N LEU B 351 12.48 10.41 7.71
CA LEU B 351 12.65 11.83 7.47
C LEU B 351 12.76 12.02 5.96
N GLY B 352 13.32 11.00 5.28
CA GLY B 352 13.16 10.82 3.85
C GLY B 352 14.48 10.77 3.10
N ILE B 353 14.71 9.64 2.43
CA ILE B 353 15.82 9.41 1.53
C ILE B 353 15.31 9.73 0.12
N GLY B 354 16.07 10.58 -0.60
CA GLY B 354 15.86 10.89 -2.00
C GLY B 354 16.98 10.33 -2.85
N TYR B 355 16.99 10.65 -4.15
CA TYR B 355 18.04 10.19 -5.06
C TYR B 355 19.42 10.63 -4.57
N GLY B 356 19.49 11.87 -4.08
CA GLY B 356 20.74 12.49 -3.73
C GLY B 356 21.50 11.70 -2.68
N GLU B 357 20.79 11.22 -1.66
CA GLU B 357 21.41 10.51 -0.56
C GLU B 357 22.18 9.30 -1.08
N THR B 358 21.68 8.66 -2.13
CA THR B 358 22.34 7.48 -2.68
C THR B 358 23.68 7.89 -3.32
N LYS B 359 23.70 9.06 -3.98
CA LYS B 359 24.95 9.55 -4.59
C LYS B 359 25.91 10.04 -3.50
N ILE B 360 25.35 10.59 -2.43
CA ILE B 360 26.15 11.00 -1.28
C ILE B 360 26.86 9.79 -0.67
N ILE B 361 26.13 8.67 -0.50
CA ILE B 361 26.71 7.48 0.14
C ILE B 361 27.82 6.94 -0.79
N GLU B 362 27.50 6.89 -2.10
CA GLU B 362 28.43 6.49 -3.16
C GLU B 362 29.74 7.31 -3.08
N ALA B 363 29.63 8.63 -3.00
CA ALA B 363 30.79 9.51 -2.96
C ALA B 363 31.57 9.26 -1.68
N HIS B 364 30.85 9.02 -0.59
CA HIS B 364 31.49 8.72 0.69
C HIS B 364 32.36 7.46 0.54
N ASP B 365 31.80 6.39 -0.03
CA ASP B 365 32.54 5.12 -0.03
C ASP B 365 33.72 5.21 -1.01
N PHE B 366 33.51 5.89 -2.14
CA PHE B 366 34.58 6.15 -3.10
C PHE B 366 35.75 6.88 -2.41
N PHE B 367 35.43 7.95 -1.68
CA PHE B 367 36.48 8.75 -1.03
C PHE B 367 37.15 7.96 0.11
N LYS B 368 36.39 7.09 0.75
CA LYS B 368 36.87 6.27 1.88
C LYS B 368 37.91 5.30 1.32
N ALA B 369 37.59 4.64 0.20
CA ALA B 369 38.49 3.77 -0.49
C ALA B 369 39.79 4.52 -0.83
N ILE B 370 39.65 5.73 -1.39
CA ILE B 370 40.85 6.49 -1.76
C ILE B 370 41.68 6.78 -0.51
N ALA B 371 41.03 7.28 0.55
CA ALA B 371 41.74 7.67 1.75
C ALA B 371 42.37 6.45 2.43
N GLU B 372 41.75 5.27 2.33
CA GLU B 372 42.23 4.10 3.04
C GLU B 372 43.20 3.27 2.20
N GLY B 373 43.43 3.65 0.93
CA GLY B 373 44.28 2.87 0.03
C GLY B 373 43.69 1.51 -0.29
N GLY B 374 42.36 1.44 -0.34
CA GLY B 374 41.67 0.20 -0.67
C GLY B 374 40.94 0.29 -1.98
N SER B 375 40.04 -0.67 -2.19
CA SER B 375 39.20 -0.72 -3.35
C SER B 375 37.76 -0.46 -2.93
N VAL B 376 36.88 -0.25 -3.90
CA VAL B 376 35.47 -0.02 -3.62
C VAL B 376 34.66 -0.94 -4.54
N SER B 377 33.46 -1.31 -4.08
CA SER B 377 32.56 -2.12 -4.86
C SER B 377 31.28 -1.31 -5.15
N PRO B 378 30.76 -1.29 -6.39
CA PRO B 378 31.27 -1.99 -7.55
C PRO B 378 32.41 -1.21 -8.23
N SER B 379 33.43 -1.96 -8.65
CA SER B 379 34.61 -1.42 -9.37
C SER B 379 34.42 -1.64 -10.87
N PHE B 380 35.43 -1.26 -11.66
CA PHE B 380 35.45 -1.57 -13.09
C PHE B 380 35.36 -3.08 -13.34
N ALA B 381 35.86 -3.90 -12.40
CA ALA B 381 35.65 -5.36 -12.45
C ALA B 381 34.15 -5.69 -12.49
N ASP B 382 33.39 -5.14 -11.54
CA ASP B 382 31.91 -5.22 -11.53
C ASP B 382 31.29 -4.62 -12.79
N GLY B 383 31.81 -3.47 -13.25
CA GLY B 383 31.36 -2.82 -14.47
C GLY B 383 31.46 -3.73 -15.69
N TYR B 384 32.66 -4.32 -15.84
CA TYR B 384 32.93 -5.22 -16.94
C TYR B 384 32.09 -6.50 -16.84
N GLN B 385 31.92 -7.08 -15.65
CA GLN B 385 31.16 -8.28 -15.49
C GLN B 385 29.72 -8.03 -15.96
N VAL B 386 29.15 -6.88 -15.60
CA VAL B 386 27.82 -6.53 -16.04
C VAL B 386 27.76 -6.42 -17.58
N ALA B 387 28.76 -5.78 -18.18
CA ALA B 387 28.81 -5.61 -19.63
C ALA B 387 28.83 -6.99 -20.30
N LEU B 388 29.54 -7.96 -19.70
CA LEU B 388 29.53 -9.36 -20.21
C LEU B 388 28.15 -10.00 -20.02
N ILE B 389 27.46 -9.73 -18.91
CA ILE B 389 26.11 -10.21 -18.75
C ILE B 389 25.21 -9.58 -19.82
N ASP B 390 25.42 -8.29 -20.12
CA ASP B 390 24.67 -7.64 -21.19
C ASP B 390 24.92 -8.33 -22.56
N ASP B 391 26.18 -8.57 -22.90
CA ASP B 391 26.51 -9.23 -24.17
C ASP B 391 25.80 -10.58 -24.26
N ALA B 392 25.81 -11.33 -23.15
CA ALA B 392 25.22 -12.67 -23.10
C ALA B 392 23.71 -12.59 -23.31
N ILE B 393 23.08 -11.60 -22.67
CA ILE B 393 21.64 -11.33 -22.85
C ILE B 393 21.34 -11.02 -24.33
N VAL B 394 22.13 -10.17 -24.97
CA VAL B 394 21.90 -9.81 -26.40
C VAL B 394 22.03 -11.06 -27.29
N GLU B 395 23.08 -11.84 -27.05
CA GLU B 395 23.38 -13.03 -27.81
C GLU B 395 22.26 -14.04 -27.58
N SER B 396 21.84 -14.22 -26.32
CA SER B 396 20.75 -15.11 -25.96
C SER B 396 19.47 -14.75 -26.72
N ALA B 397 19.12 -13.46 -26.75
CA ALA B 397 17.92 -13.00 -27.41
C ALA B 397 18.03 -13.27 -28.93
N ALA B 398 19.22 -13.07 -29.50
CA ALA B 398 19.45 -13.25 -30.95
C ALA B 398 19.30 -14.73 -31.33
N LYS B 399 19.85 -15.62 -30.50
CA LYS B 399 19.91 -17.04 -30.78
C LYS B 399 18.70 -17.76 -30.18
N GLU B 400 17.90 -17.03 -29.38
CA GLU B 400 16.76 -17.59 -28.67
C GLU B 400 17.18 -18.84 -27.89
N SER B 401 18.28 -18.75 -27.13
CA SER B 401 18.75 -19.88 -26.36
C SER B 401 19.56 -19.39 -25.15
N TRP B 402 19.74 -20.28 -24.19
CA TRP B 402 20.55 -20.05 -23.00
C TRP B 402 21.98 -19.75 -23.42
N VAL B 403 22.60 -18.79 -22.74
CA VAL B 403 23.98 -18.42 -22.99
C VAL B 403 24.67 -18.36 -21.62
N ASP B 404 25.81 -19.02 -21.50
CA ASP B 404 26.65 -19.00 -20.33
C ASP B 404 27.33 -17.63 -20.21
N VAL B 405 27.34 -17.08 -18.99
CA VAL B 405 27.92 -15.77 -18.76
C VAL B 405 29.38 -15.98 -18.44
N PRO B 406 30.34 -15.47 -19.25
CA PRO B 406 31.73 -15.66 -18.88
C PRO B 406 32.04 -14.88 -17.59
N GLN B 407 32.92 -15.47 -16.78
CA GLN B 407 33.31 -14.91 -15.51
C GLN B 407 34.56 -14.05 -15.71
N ILE B 408 34.97 -13.41 -14.61
CA ILE B 408 36.19 -12.61 -14.48
C ILE B 408 37.00 -13.20 -13.32
N GLN C 22 -30.15 -31.02 16.19
CA GLN C 22 -31.12 -29.95 16.57
C GLN C 22 -31.24 -28.96 15.41
N ASN C 23 -32.50 -28.61 15.07
CA ASN C 23 -32.80 -27.62 14.04
C ASN C 23 -33.40 -26.38 14.72
N LEU C 24 -32.92 -25.19 14.35
CA LEU C 24 -33.56 -23.99 14.84
C LEU C 24 -34.26 -23.27 13.68
N ASN C 25 -35.58 -23.13 13.82
CA ASN C 25 -36.41 -22.40 12.88
C ASN C 25 -36.22 -20.89 13.03
N VAL C 26 -35.85 -20.24 11.92
CA VAL C 26 -35.63 -18.81 11.89
C VAL C 26 -36.81 -18.14 11.20
N GLY C 27 -37.34 -17.09 11.83
CA GLY C 27 -38.22 -16.15 11.20
C GLY C 27 -37.53 -14.81 10.96
N LEU C 28 -37.25 -14.52 9.69
CA LEU C 28 -36.51 -13.32 9.25
C LEU C 28 -37.54 -12.26 8.91
N ILE C 29 -37.38 -11.07 9.50
CA ILE C 29 -38.25 -10.00 9.18
C ILE C 29 -37.47 -8.95 8.40
N GLY C 30 -37.77 -8.90 7.10
CA GLY C 30 -37.18 -7.95 6.18
C GLY C 30 -36.26 -8.70 5.24
N GLY C 31 -36.43 -8.46 3.94
CA GLY C 31 -35.66 -9.13 2.91
C GLY C 31 -35.02 -8.13 1.97
N GLY C 32 -34.53 -7.01 2.51
CA GLY C 32 -33.72 -6.04 1.77
C GLY C 32 -32.26 -6.49 1.71
N PHE C 33 -31.32 -5.55 1.89
CA PHE C 33 -29.87 -5.88 1.80
C PHE C 33 -29.47 -6.83 2.93
N MET C 34 -29.88 -6.55 4.16
CA MET C 34 -29.49 -7.43 5.28
C MET C 34 -30.24 -8.79 5.22
N GLY C 35 -31.50 -8.77 4.76
CA GLY C 35 -32.19 -10.02 4.39
C GLY C 35 -31.29 -10.98 3.61
N LYS C 36 -30.63 -10.48 2.56
CA LYS C 36 -29.75 -11.28 1.72
C LYS C 36 -28.54 -11.78 2.52
N ALA C 37 -27.80 -10.87 3.17
CA ALA C 37 -26.59 -11.27 3.92
C ALA C 37 -26.98 -12.25 5.05
N HIS C 38 -28.08 -11.96 5.73
CA HIS C 38 -28.59 -12.89 6.78
C HIS C 38 -28.94 -14.27 6.20
N SER C 39 -29.68 -14.34 5.09
CA SER C 39 -30.06 -15.61 4.47
C SER C 39 -28.83 -16.42 4.07
N LEU C 40 -27.81 -15.74 3.52
CA LEU C 40 -26.53 -16.38 3.19
C LEU C 40 -25.93 -17.05 4.45
N ALA C 41 -25.89 -16.31 5.56
CA ALA C 41 -25.29 -16.79 6.79
C ALA C 41 -25.97 -18.10 7.23
N TYR C 42 -27.30 -18.12 7.12
CA TYR C 42 -28.05 -19.29 7.59
C TYR C 42 -27.80 -20.47 6.66
N ALA C 43 -27.78 -20.21 5.35
CA ALA C 43 -27.55 -21.27 4.37
C ALA C 43 -26.15 -21.85 4.47
N ALA C 44 -25.14 -21.04 4.85
CA ALA C 44 -23.72 -21.40 4.69
C ALA C 44 -23.06 -21.86 6.01
N MET C 45 -23.55 -21.37 7.15
CA MET C 45 -22.78 -21.44 8.40
C MET C 45 -22.39 -22.87 8.73
N PRO C 46 -23.29 -23.87 8.61
CA PRO C 46 -22.91 -25.26 8.87
C PRO C 46 -21.79 -25.80 7.96
N MET C 47 -21.69 -25.28 6.72
CA MET C 47 -20.65 -25.73 5.78
C MET C 47 -19.25 -25.35 6.29
N PHE C 48 -19.18 -24.18 6.97
CA PHE C 48 -17.93 -23.63 7.45
C PHE C 48 -17.57 -24.16 8.85
N PHE C 49 -18.54 -24.08 9.78
CA PHE C 49 -18.32 -24.53 11.18
C PHE C 49 -19.09 -25.84 11.41
N TRP C 50 -18.36 -26.95 11.25
CA TRP C 50 -18.89 -28.29 11.33
C TRP C 50 -18.03 -29.12 12.28
N PRO C 51 -18.65 -29.88 13.20
CA PRO C 51 -20.09 -30.00 13.38
C PRO C 51 -20.73 -28.69 13.84
N ALA C 52 -21.97 -28.44 13.45
CA ALA C 52 -22.54 -27.13 13.70
C ALA C 52 -23.16 -27.10 15.09
N PRO C 53 -23.17 -25.95 15.80
CA PRO C 53 -23.87 -25.91 17.08
C PRO C 53 -25.33 -26.36 16.86
N ALA C 54 -26.01 -25.76 15.88
CA ALA C 54 -27.37 -26.18 15.47
C ALA C 54 -27.54 -25.92 13.97
N LEU C 55 -28.59 -26.49 13.38
CA LEU C 55 -28.84 -26.27 11.95
C LEU C 55 -29.88 -25.19 11.79
N PRO C 56 -29.53 -24.04 11.16
CA PRO C 56 -30.52 -22.99 10.97
C PRO C 56 -31.51 -23.48 9.92
N VAL C 57 -32.80 -23.17 10.13
CA VAL C 57 -33.78 -23.46 9.12
C VAL C 57 -34.43 -22.13 8.76
N ARG C 58 -34.40 -21.83 7.47
CA ARG C 58 -35.06 -20.67 6.93
C ARG C 58 -36.55 -20.99 6.82
N LYS C 59 -37.32 -20.68 7.87
CA LYS C 59 -38.66 -21.22 8.00
C LYS C 59 -39.67 -20.25 7.38
N VAL C 60 -39.62 -18.99 7.84
CA VAL C 60 -40.54 -17.99 7.34
C VAL C 60 -39.80 -16.65 7.28
N ILE C 61 -40.12 -15.89 6.23
CA ILE C 61 -39.64 -14.55 6.04
C ILE C 61 -40.86 -13.65 5.94
N ALA C 62 -40.80 -12.53 6.68
CA ALA C 62 -41.77 -11.51 6.57
C ALA C 62 -41.25 -10.38 5.67
N GLU C 63 -42.16 -9.83 4.86
CA GLU C 63 -41.90 -8.59 4.15
C GLU C 63 -43.15 -7.71 4.23
N ALA C 64 -43.11 -6.56 3.57
CA ALA C 64 -44.05 -5.46 3.81
C ALA C 64 -45.36 -5.63 3.02
N ASN C 65 -45.41 -6.63 2.14
CA ASN C 65 -46.65 -6.97 1.42
C ASN C 65 -46.49 -8.39 0.91
N PRO C 66 -47.59 -9.11 0.55
CA PRO C 66 -47.48 -10.54 0.37
C PRO C 66 -46.67 -10.91 -0.89
N GLU C 67 -46.65 -10.03 -1.90
CA GLU C 67 -45.97 -10.36 -3.17
C GLU C 67 -44.45 -10.32 -2.97
N LEU C 68 -43.96 -9.24 -2.35
CA LEU C 68 -42.56 -9.08 -1.85
C LEU C 68 -42.12 -10.29 -1.01
N ALA C 69 -42.95 -10.65 -0.02
CA ALA C 69 -42.62 -11.72 0.90
C ALA C 69 -42.43 -13.03 0.14
N ALA C 70 -43.36 -13.36 -0.77
CA ALA C 70 -43.30 -14.60 -1.53
C ALA C 70 -42.06 -14.64 -2.45
N GLU C 71 -41.80 -13.51 -3.13
CA GLU C 71 -40.59 -13.34 -3.98
C GLU C 71 -39.33 -13.47 -3.11
N ALA C 72 -39.29 -12.80 -1.95
CA ALA C 72 -38.13 -12.92 -1.04
C ALA C 72 -37.94 -14.38 -0.59
N ALA C 73 -39.06 -15.06 -0.29
CA ALA C 73 -38.97 -16.44 0.16
C ALA C 73 -38.33 -17.30 -0.92
N ARG C 74 -38.68 -17.05 -2.18
CA ARG C 74 -38.12 -17.85 -3.29
C ARG C 74 -36.64 -17.46 -3.48
N ARG C 75 -36.34 -16.17 -3.43
CA ARG C 75 -34.95 -15.73 -3.64
C ARG C 75 -34.05 -16.31 -2.55
N PHE C 76 -34.48 -16.25 -1.29
CA PHE C 76 -33.58 -16.56 -0.15
C PHE C 76 -33.79 -17.98 0.39
N GLY C 77 -34.68 -18.78 -0.21
CA GLY C 77 -34.79 -20.21 0.18
C GLY C 77 -35.53 -20.41 1.48
N PHE C 78 -36.56 -19.58 1.74
CA PHE C 78 -37.40 -19.75 2.93
C PHE C 78 -38.61 -20.66 2.61
N GLU C 79 -39.00 -21.50 3.57
CA GLU C 79 -40.13 -22.41 3.40
C GLU C 79 -41.43 -21.63 3.25
N ASN C 80 -41.59 -20.56 4.01
CA ASN C 80 -42.88 -19.88 4.09
C ASN C 80 -42.65 -18.38 4.06
N SER C 81 -43.72 -17.65 3.73
CA SER C 81 -43.69 -16.21 3.69
C SER C 81 -44.93 -15.64 4.37
N THR C 82 -44.83 -14.41 4.85
CA THR C 82 -45.94 -13.66 5.40
C THR C 82 -45.73 -12.17 5.16
N SER C 83 -46.82 -11.41 5.12
CA SER C 83 -46.77 -9.95 5.15
C SER C 83 -47.07 -9.42 6.55
N ASP C 84 -47.18 -10.29 7.55
CA ASP C 84 -47.49 -9.80 8.88
C ASP C 84 -46.50 -10.46 9.82
N TRP C 85 -45.48 -9.70 10.23
CA TRP C 85 -44.43 -10.28 11.07
C TRP C 85 -44.99 -10.79 12.40
N ARG C 86 -46.14 -10.25 12.83
CA ARG C 86 -46.82 -10.74 14.04
C ARG C 86 -47.07 -12.25 13.98
N SER C 87 -47.29 -12.81 12.77
CA SER C 87 -47.58 -14.24 12.63
C SER C 87 -46.32 -15.09 12.91
N ILE C 88 -45.13 -14.49 12.77
CA ILE C 88 -43.89 -15.15 13.17
C ILE C 88 -43.81 -15.16 14.70
N ILE C 89 -44.13 -14.02 15.33
CA ILE C 89 -44.01 -13.93 16.78
C ILE C 89 -44.94 -14.97 17.42
N ASP C 90 -46.13 -15.12 16.82
CA ASP C 90 -47.22 -15.95 17.37
C ASP C 90 -47.11 -17.40 16.92
N ASP C 91 -46.10 -17.73 16.12
CA ASP C 91 -45.92 -19.07 15.67
C ASP C 91 -45.09 -19.80 16.72
N PRO C 92 -45.68 -20.77 17.46
CA PRO C 92 -44.93 -21.45 18.51
C PRO C 92 -43.73 -22.28 18.02
N ASP C 93 -43.58 -22.50 16.71
CA ASP C 93 -42.47 -23.31 16.17
C ASP C 93 -41.27 -22.45 15.75
N ILE C 94 -41.35 -21.14 15.94
CA ILE C 94 -40.24 -20.27 15.60
C ILE C 94 -39.38 -20.14 16.85
N HIS C 95 -38.09 -20.48 16.70
CA HIS C 95 -37.13 -20.41 17.77
C HIS C 95 -36.38 -19.07 17.75
N VAL C 96 -36.10 -18.56 16.55
CA VAL C 96 -35.25 -17.37 16.37
C VAL C 96 -35.99 -16.32 15.55
N VAL C 97 -35.99 -15.08 16.05
CA VAL C 97 -36.50 -13.96 15.30
C VAL C 97 -35.28 -13.11 14.91
N ASP C 98 -35.15 -12.85 13.61
CA ASP C 98 -34.05 -12.11 13.05
C ASP C 98 -34.63 -10.83 12.44
N ILE C 99 -34.33 -9.68 13.07
CA ILE C 99 -34.92 -8.39 12.74
C ILE C 99 -34.00 -7.63 11.78
N ALA C 100 -34.47 -7.51 10.55
CA ALA C 100 -33.72 -6.87 9.47
C ALA C 100 -34.57 -5.79 8.79
N THR C 101 -35.37 -5.07 9.58
CA THR C 101 -36.15 -3.94 9.09
C THR C 101 -35.37 -2.64 9.31
N PRO C 102 -35.89 -1.50 8.81
CA PRO C 102 -35.33 -0.22 9.23
C PRO C 102 -35.52 -0.02 10.73
N ASN C 103 -34.89 1.04 11.23
CA ASN C 103 -34.63 1.23 12.65
C ASN C 103 -35.94 1.41 13.44
N HIS C 104 -36.98 1.96 12.80
CA HIS C 104 -38.21 2.37 13.48
C HIS C 104 -39.05 1.18 13.99
N LEU C 105 -38.79 -0.05 13.49
CA LEU C 105 -39.57 -1.24 13.89
C LEU C 105 -38.77 -2.20 14.78
N HIS C 106 -37.46 -1.97 14.95
CA HIS C 106 -36.65 -2.88 15.79
C HIS C 106 -37.32 -3.13 17.14
N ALA C 107 -37.82 -2.06 17.79
CA ALA C 107 -38.24 -2.11 19.22
C ALA C 107 -39.52 -2.94 19.38
N GLU C 108 -40.56 -2.54 18.65
CA GLU C 108 -41.86 -3.20 18.67
C GLU C 108 -41.71 -4.69 18.39
N ILE C 109 -40.93 -5.02 17.36
CA ILE C 109 -40.70 -6.44 17.04
C ILE C 109 -39.91 -7.16 18.14
N ALA C 110 -38.78 -6.59 18.57
CA ALA C 110 -37.95 -7.29 19.56
C ALA C 110 -38.76 -7.50 20.85
N ILE C 111 -39.51 -6.49 21.26
CA ILE C 111 -40.25 -6.60 22.53
C ILE C 111 -41.32 -7.70 22.42
N ALA C 112 -41.95 -7.83 21.25
CA ALA C 112 -42.96 -8.85 21.09
C ALA C 112 -42.31 -10.24 21.06
N ALA C 113 -41.16 -10.36 20.39
CA ALA C 113 -40.45 -11.63 20.34
C ALA C 113 -39.97 -12.07 21.74
N ALA C 114 -39.54 -11.11 22.56
CA ALA C 114 -39.01 -11.41 23.90
C ALA C 114 -40.15 -11.90 24.81
N GLU C 115 -41.32 -11.24 24.70
CA GLU C 115 -42.49 -11.65 25.46
C GLU C 115 -42.95 -13.03 25.03
N ALA C 116 -42.68 -13.41 23.77
CA ALA C 116 -43.02 -14.72 23.24
C ALA C 116 -41.88 -15.72 23.50
N GLY C 117 -40.81 -15.31 24.17
CA GLY C 117 -39.79 -16.26 24.56
C GLY C 117 -38.90 -16.72 23.42
N LYS C 118 -38.76 -15.92 22.36
CA LYS C 118 -37.89 -16.25 21.21
C LYS C 118 -36.44 -15.76 21.42
N HIS C 119 -35.48 -16.48 20.82
CA HIS C 119 -34.14 -15.93 20.66
C HIS C 119 -34.23 -14.81 19.60
N ILE C 120 -33.38 -13.78 19.72
CA ILE C 120 -33.45 -12.60 18.88
C ILE C 120 -32.04 -12.17 18.48
N ILE C 121 -31.87 -11.97 17.16
CA ILE C 121 -30.80 -11.13 16.62
C ILE C 121 -31.46 -9.94 15.92
N CYS C 122 -31.00 -8.74 16.28
CA CYS C 122 -31.51 -7.50 15.76
C CYS C 122 -30.37 -6.75 15.07
N GLU C 123 -30.67 -6.14 13.92
CA GLU C 123 -29.71 -5.33 13.21
C GLU C 123 -29.41 -4.06 14.01
N LYS C 124 -28.22 -3.49 13.77
CA LYS C 124 -27.87 -2.18 14.36
C LYS C 124 -28.52 -1.06 13.56
N PRO C 125 -28.59 0.15 14.13
CA PRO C 125 -28.46 0.40 15.56
C PRO C 125 -29.65 -0.26 16.28
N LEU C 126 -29.53 -0.50 17.61
CA LEU C 126 -30.58 -1.28 18.28
C LEU C 126 -31.96 -0.63 18.02
N ALA C 127 -32.09 0.66 18.31
CA ALA C 127 -33.27 1.40 17.97
C ALA C 127 -32.87 2.85 17.67
N ARG C 128 -33.85 3.76 17.56
CA ARG C 128 -33.60 5.10 17.09
C ARG C 128 -32.91 5.94 18.16
N THR C 129 -33.20 5.68 19.45
CA THR C 129 -32.69 6.46 20.56
C THR C 129 -32.30 5.55 21.72
N GLY C 130 -31.63 6.14 22.71
CA GLY C 130 -31.28 5.48 23.96
C GLY C 130 -32.51 4.98 24.69
N GLU C 131 -33.56 5.81 24.73
CA GLU C 131 -34.78 5.49 25.44
C GLU C 131 -35.45 4.27 24.79
N GLU C 132 -35.54 4.28 23.46
CA GLU C 132 -36.19 3.21 22.74
C GLU C 132 -35.35 1.93 22.85
N SER C 133 -34.02 2.10 22.89
CA SER C 133 -33.11 0.97 23.03
C SER C 133 -33.23 0.37 24.44
N LYS C 134 -33.46 1.24 25.44
CA LYS C 134 -33.63 0.82 26.84
C LYS C 134 -34.81 -0.15 26.95
N ALA C 135 -35.93 0.20 26.30
CA ALA C 135 -37.12 -0.66 26.30
C ALA C 135 -36.78 -2.08 25.81
N MET C 136 -35.93 -2.17 24.77
CA MET C 136 -35.55 -3.46 24.19
C MET C 136 -34.69 -4.29 25.16
N TYR C 137 -33.69 -3.65 25.76
CA TYR C 137 -32.84 -4.28 26.74
C TYR C 137 -33.67 -4.76 27.95
N ASP C 138 -34.57 -3.90 28.43
CA ASP C 138 -35.40 -4.19 29.60
C ASP C 138 -36.30 -5.39 29.31
N ALA C 139 -36.73 -5.57 28.05
CA ALA C 139 -37.59 -6.68 27.66
C ALA C 139 -36.83 -8.01 27.61
N VAL C 140 -35.51 -8.00 27.48
CA VAL C 140 -34.78 -9.26 27.34
C VAL C 140 -33.96 -9.60 28.58
N LYS C 141 -33.61 -8.62 29.42
CA LYS C 141 -32.49 -8.84 30.35
C LYS C 141 -32.83 -9.90 31.42
N ASP C 142 -34.13 -10.14 31.67
CA ASP C 142 -34.59 -11.08 32.69
C ASP C 142 -35.15 -12.36 32.06
N LYS C 143 -35.06 -12.48 30.73
CA LYS C 143 -35.60 -13.62 30.02
C LYS C 143 -34.46 -14.61 29.78
N ASN C 144 -34.80 -15.86 29.51
CA ASN C 144 -33.79 -16.90 29.37
C ASN C 144 -33.55 -17.15 27.87
N ILE C 145 -33.27 -16.06 27.14
CA ILE C 145 -33.12 -16.10 25.72
C ILE C 145 -31.75 -15.51 25.36
N VAL C 146 -31.27 -15.88 24.17
CA VAL C 146 -30.08 -15.34 23.58
C VAL C 146 -30.52 -14.12 22.75
N HIS C 147 -29.87 -12.98 22.99
CA HIS C 147 -30.15 -11.75 22.29
C HIS C 147 -28.82 -11.17 21.77
N MET C 148 -28.84 -10.72 20.52
CA MET C 148 -27.63 -10.26 19.84
C MET C 148 -27.95 -9.05 18.96
N VAL C 149 -27.02 -8.07 18.93
CA VAL C 149 -27.08 -6.95 18.00
C VAL C 149 -26.00 -7.15 16.93
N ALA C 150 -26.33 -6.87 15.66
CA ALA C 150 -25.57 -7.42 14.56
C ALA C 150 -24.41 -6.50 14.16
N PHE C 151 -23.52 -6.17 15.13
CA PHE C 151 -22.23 -5.51 14.88
C PHE C 151 -21.21 -6.55 14.34
N ASN C 152 -21.46 -6.99 13.10
CA ASN C 152 -20.72 -8.09 12.49
C ASN C 152 -19.25 -7.74 12.18
N TYR C 153 -18.93 -6.45 12.08
CA TYR C 153 -17.57 -6.10 11.68
C TYR C 153 -16.56 -6.49 12.76
N ARG C 154 -16.98 -6.57 14.03
CA ARG C 154 -16.06 -7.01 15.10
C ARG C 154 -15.64 -8.48 14.93
N ARG C 155 -16.43 -9.25 14.16
CA ARG C 155 -16.12 -10.64 13.84
C ARG C 155 -15.33 -10.76 12.53
N THR C 156 -14.91 -9.65 11.91
CA THR C 156 -13.89 -9.79 10.89
C THR C 156 -12.71 -10.50 11.56
N PRO C 157 -12.09 -11.56 10.97
CA PRO C 157 -11.04 -12.24 11.70
C PRO C 157 -9.84 -11.34 12.09
N ALA C 158 -9.50 -10.35 11.27
CA ALA C 158 -8.47 -9.37 11.59
C ALA C 158 -8.80 -8.65 12.90
N VAL C 159 -10.08 -8.34 13.14
CA VAL C 159 -10.44 -7.58 14.34
C VAL C 159 -10.37 -8.50 15.57
N ALA C 160 -10.85 -9.73 15.43
CA ALA C 160 -10.69 -10.80 16.49
C ALA C 160 -9.21 -11.02 16.83
N LEU C 161 -8.35 -11.01 15.80
CA LEU C 161 -6.91 -11.12 15.97
C LEU C 161 -6.35 -9.96 16.79
N ALA C 162 -6.77 -8.74 16.45
CA ALA C 162 -6.38 -7.56 17.22
C ALA C 162 -6.81 -7.74 18.68
N LYS C 163 -8.04 -8.20 18.91
CA LYS C 163 -8.47 -8.50 20.30
C LYS C 163 -7.49 -9.49 20.96
N LYS C 164 -7.12 -10.57 20.27
CA LYS C 164 -6.19 -11.55 20.83
C LYS C 164 -4.87 -10.89 21.27
N TYR C 165 -4.27 -10.09 20.38
CA TYR C 165 -2.98 -9.42 20.68
C TYR C 165 -3.14 -8.54 21.94
N ILE C 166 -4.20 -7.78 22.01
CA ILE C 166 -4.36 -6.84 23.09
C ILE C 166 -4.52 -7.59 24.42
N GLU C 167 -5.44 -8.55 24.44
CA GLU C 167 -5.71 -9.39 25.65
C GLU C 167 -4.46 -10.14 26.10
N GLU C 168 -3.58 -10.50 25.17
CA GLU C 168 -2.35 -11.18 25.53
C GLU C 168 -1.37 -10.23 26.23
N GLY C 169 -1.58 -8.91 26.10
CA GLY C 169 -0.55 -7.95 26.54
C GLY C 169 0.50 -7.62 25.49
N ALA C 170 0.32 -8.08 24.24
CA ALA C 170 1.39 -7.99 23.25
C ALA C 170 1.64 -6.56 22.74
N ILE C 171 0.69 -5.62 22.94
CA ILE C 171 1.03 -4.22 22.67
C ILE C 171 0.99 -3.36 23.94
N GLY C 172 0.98 -4.02 25.09
CA GLY C 172 0.97 -3.35 26.36
C GLY C 172 -0.34 -2.64 26.63
N ARG C 173 -0.25 -1.57 27.38
CA ARG C 173 -1.41 -0.87 27.82
C ARG C 173 -1.79 0.10 26.71
N ILE C 174 -3.08 0.28 26.50
CA ILE C 174 -3.57 1.11 25.39
C ILE C 174 -3.59 2.57 25.83
N LEU C 175 -2.93 3.42 25.05
CA LEU C 175 -2.93 4.83 25.27
C LEU C 175 -4.01 5.52 24.42
N SER C 176 -4.12 5.12 23.15
CA SER C 176 -4.79 5.94 22.18
C SER C 176 -5.51 5.08 21.16
N PHE C 177 -6.71 5.51 20.77
CA PHE C 177 -7.56 4.87 19.79
C PHE C 177 -8.09 5.89 18.77
N ARG C 178 -7.95 5.54 17.48
CA ARG C 178 -8.54 6.29 16.37
C ARG C 178 -9.36 5.31 15.54
N GLY C 179 -10.61 5.65 15.28
CA GLY C 179 -11.44 4.83 14.38
C GLY C 179 -12.15 5.69 13.37
N THR C 180 -12.34 5.15 12.16
CA THR C 180 -13.11 5.84 11.13
C THR C 180 -14.10 4.87 10.52
N TYR C 181 -15.18 5.44 10.01
CA TYR C 181 -16.03 4.78 9.03
C TYR C 181 -16.39 5.81 7.97
N LEU C 182 -15.66 5.78 6.85
CA LEU C 182 -15.77 6.77 5.79
C LEU C 182 -16.37 6.10 4.53
N GLN C 183 -17.40 6.74 4.01
CA GLN C 183 -18.17 6.25 2.87
C GLN C 183 -18.52 7.43 1.95
N ASP C 184 -19.01 7.10 0.75
CA ASP C 184 -19.34 8.11 -0.23
C ASP C 184 -20.57 7.74 -1.07
N TRP C 185 -21.30 6.69 -0.74
CA TRP C 185 -22.44 6.27 -1.57
C TRP C 185 -23.49 7.39 -1.70
N SER C 186 -23.59 8.30 -0.73
CA SER C 186 -24.55 9.43 -0.83
C SER C 186 -23.82 10.79 -1.03
N ALA C 187 -22.57 10.79 -1.51
CA ALA C 187 -21.83 12.05 -1.61
C ALA C 187 -22.38 12.91 -2.74
N ASP C 188 -23.17 12.34 -3.66
CA ASP C 188 -23.91 13.08 -4.68
C ASP C 188 -25.25 13.52 -4.08
N PRO C 189 -25.56 14.84 -4.08
CA PRO C 189 -26.78 15.34 -3.46
C PRO C 189 -28.05 14.87 -4.20
N ASN C 190 -27.89 14.36 -5.43
CA ASN C 190 -29.01 13.77 -6.15
C ASN C 190 -29.32 12.35 -5.69
N SER C 191 -28.46 11.74 -4.86
CA SER C 191 -28.82 10.46 -4.30
C SER C 191 -30.10 10.65 -3.47
N PRO C 192 -31.13 9.80 -3.64
CA PRO C 192 -32.47 10.09 -3.12
C PRO C 192 -32.63 10.00 -1.59
N LEU C 193 -33.70 10.63 -1.10
CA LEU C 193 -34.04 10.67 0.33
C LEU C 193 -34.67 9.35 0.80
N SER C 194 -33.84 8.34 0.98
CA SER C 194 -34.28 7.06 1.51
C SER C 194 -34.50 7.22 3.02
N TRP C 195 -34.90 6.14 3.68
CA TRP C 195 -35.21 6.16 5.12
C TRP C 195 -33.97 6.51 5.95
N ARG C 196 -32.78 6.14 5.46
CA ARG C 196 -31.53 6.47 6.15
C ARG C 196 -31.33 7.98 6.34
N PHE C 197 -32.07 8.81 5.59
CA PHE C 197 -31.94 10.28 5.72
C PHE C 197 -33.13 10.88 6.47
N GLN C 198 -33.94 10.05 7.13
CA GLN C 198 -35.13 10.56 7.77
C GLN C 198 -35.07 10.24 9.27
N LYS C 199 -34.96 11.26 10.10
CA LYS C 199 -34.75 11.11 11.55
C LYS C 199 -35.86 10.22 12.16
N SER C 200 -37.08 10.41 11.68
CA SER C 200 -38.25 9.74 12.23
C SER C 200 -38.16 8.21 12.03
N ILE C 201 -37.48 7.76 10.97
CA ILE C 201 -37.28 6.35 10.73
C ILE C 201 -35.92 5.89 11.31
N ALA C 202 -34.85 6.58 10.93
CA ALA C 202 -33.47 6.13 11.18
C ALA C 202 -33.01 6.47 12.60
N GLY C 203 -33.49 7.61 13.13
CA GLY C 203 -33.07 8.09 14.43
C GLY C 203 -31.89 9.04 14.36
N SER C 204 -30.88 8.70 13.56
CA SER C 204 -29.70 9.54 13.27
C SER C 204 -29.13 9.12 11.89
N GLY C 205 -28.14 9.84 11.39
CA GLY C 205 -27.59 9.58 10.04
C GLY C 205 -26.36 8.72 10.11
N ALA C 206 -25.21 9.30 9.81
CA ALA C 206 -23.95 8.60 9.90
C ALA C 206 -23.76 8.07 11.32
N LEU C 207 -24.15 8.85 12.32
CA LEU C 207 -23.88 8.40 13.68
C LEU C 207 -24.46 6.99 13.91
N GLY C 208 -25.78 6.88 13.81
CA GLY C 208 -26.47 5.59 14.02
C GLY C 208 -26.13 4.52 12.99
N ASP C 209 -26.00 4.91 11.71
CA ASP C 209 -25.86 3.93 10.63
C ASP C 209 -24.45 3.32 10.56
N ILE C 210 -23.39 4.12 10.73
CA ILE C 210 -22.01 3.60 10.52
C ILE C 210 -21.08 3.90 11.71
N ALA C 211 -21.21 5.03 12.40
CA ALA C 211 -20.32 5.29 13.57
C ALA C 211 -20.50 4.21 14.64
N THR C 212 -21.73 3.69 14.75
CA THR C 212 -22.04 2.68 15.76
C THR C 212 -21.15 1.44 15.58
N HIS C 213 -20.83 1.06 14.31
CA HIS C 213 -19.91 -0.06 14.10
C HIS C 213 -18.53 0.21 14.73
N VAL C 214 -18.06 1.45 14.62
CA VAL C 214 -16.73 1.84 15.09
C VAL C 214 -16.74 1.89 16.61
N ILE C 215 -17.83 2.44 17.15
CA ILE C 215 -18.04 2.52 18.59
C ILE C 215 -18.04 1.12 19.22
N ASP C 216 -18.68 0.16 18.56
CA ASP C 216 -18.64 -1.21 19.03
C ASP C 216 -17.19 -1.74 19.07
N MET C 217 -16.42 -1.51 17.99
CA MET C 217 -15.01 -1.95 17.93
C MET C 217 -14.21 -1.33 19.07
N ALA C 218 -14.47 -0.05 19.34
CA ALA C 218 -13.78 0.70 20.40
C ALA C 218 -14.07 0.06 21.79
N ARG C 219 -15.35 -0.25 22.05
CA ARG C 219 -15.77 -0.94 23.27
C ARG C 219 -15.12 -2.33 23.37
N TYR C 220 -15.10 -3.07 22.26
CA TYR C 220 -14.57 -4.39 22.19
C TYR C 220 -13.05 -4.43 22.40
N LEU C 221 -12.32 -3.51 21.77
CA LEU C 221 -10.89 -3.55 21.77
C LEU C 221 -10.30 -2.71 22.91
N VAL C 222 -10.93 -1.60 23.26
CA VAL C 222 -10.33 -0.70 24.24
C VAL C 222 -11.08 -0.76 25.57
N GLY C 223 -12.38 -0.56 25.54
CA GLY C 223 -13.15 -0.56 26.75
C GLY C 223 -14.29 0.43 26.69
N GLU C 224 -14.91 0.62 27.85
CA GLU C 224 -16.07 1.48 27.97
C GLU C 224 -15.67 2.96 27.83
N PHE C 225 -16.63 3.75 27.36
CA PHE C 225 -16.48 5.20 27.18
C PHE C 225 -16.83 5.92 28.48
N SER C 226 -15.97 6.84 28.88
CA SER C 226 -16.25 7.65 30.03
C SER C 226 -16.97 8.96 29.62
N ALA C 227 -16.49 9.61 28.56
CA ALA C 227 -17.10 10.86 28.11
C ALA C 227 -16.78 11.09 26.62
N VAL C 228 -17.58 11.95 25.99
CA VAL C 228 -17.46 12.26 24.58
C VAL C 228 -17.55 13.78 24.38
N ASN C 229 -16.94 14.26 23.29
CA ASN C 229 -17.03 15.68 22.86
C ASN C 229 -17.11 15.72 21.33
N ALA C 230 -18.24 16.16 20.76
CA ALA C 230 -18.50 15.82 19.33
C ALA C 230 -18.94 17.03 18.51
N VAL C 231 -18.84 16.87 17.19
CA VAL C 231 -19.45 17.75 16.23
C VAL C 231 -20.22 16.90 15.23
N LEU C 232 -21.47 17.30 14.95
CA LEU C 232 -22.29 16.70 13.91
C LEU C 232 -22.45 17.71 12.76
N SER C 233 -22.30 17.23 11.52
CA SER C 233 -22.46 18.09 10.32
C SER C 233 -23.41 17.43 9.34
N THR C 234 -24.23 18.28 8.73
CA THR C 234 -25.01 17.92 7.59
C THR C 234 -24.52 18.76 6.41
N TRP C 235 -23.99 18.10 5.37
CA TRP C 235 -23.45 18.79 4.19
C TRP C 235 -24.51 19.00 3.10
N ILE C 236 -25.46 18.08 3.01
CA ILE C 236 -26.47 18.06 1.94
C ILE C 236 -27.82 18.03 2.62
N PRO C 237 -28.49 19.20 2.75
CA PRO C 237 -29.68 19.37 3.58
C PRO C 237 -31.01 18.99 2.89
N GLU C 238 -30.98 18.68 1.59
CA GLU C 238 -32.17 18.11 1.02
C GLU C 238 -31.81 17.29 -0.21
N ARG C 239 -32.71 16.36 -0.55
CA ARG C 239 -32.48 15.42 -1.60
C ARG C 239 -33.77 15.14 -2.34
N PRO C 240 -33.68 14.61 -3.58
CA PRO C 240 -34.87 14.16 -4.30
C PRO C 240 -35.59 13.03 -3.55
N LEU C 241 -36.92 13.11 -3.44
CA LEU C 241 -37.72 12.02 -2.81
C LEU C 241 -37.65 10.79 -3.71
N GLN C 242 -37.81 9.58 -3.14
CA GLN C 242 -37.86 8.39 -3.99
C GLN C 242 -39.28 8.30 -4.59
N PRO C 258 -39.22 16.83 -7.11
CA PRO C 258 -39.58 17.28 -5.75
C PRO C 258 -38.62 16.69 -4.71
N LYS C 259 -38.29 17.51 -3.70
CA LYS C 259 -37.26 17.24 -2.71
C LYS C 259 -37.84 17.24 -1.30
N GLY C 260 -37.14 16.55 -0.40
CA GLY C 260 -37.43 16.66 1.02
C GLY C 260 -36.19 17.00 1.82
N PRO C 261 -36.40 17.35 3.11
CA PRO C 261 -35.34 17.75 4.03
C PRO C 261 -34.59 16.50 4.50
N VAL C 262 -33.26 16.63 4.63
CA VAL C 262 -32.44 15.70 5.38
C VAL C 262 -32.31 16.26 6.79
N ASP C 263 -32.80 15.53 7.79
CA ASP C 263 -32.82 16.03 9.14
C ASP C 263 -31.96 15.16 10.07
N VAL C 264 -30.89 14.58 9.49
CA VAL C 264 -29.93 13.77 10.23
C VAL C 264 -28.52 14.26 9.87
N ASP C 265 -27.52 13.84 10.65
CA ASP C 265 -26.11 14.11 10.39
C ASP C 265 -25.62 13.31 9.16
N ASP C 266 -24.78 13.95 8.34
CA ASP C 266 -24.01 13.28 7.29
C ASP C 266 -22.69 12.77 7.84
N GLU C 267 -22.22 13.42 8.92
CA GLU C 267 -20.88 13.27 9.39
C GLU C 267 -20.85 13.49 10.89
N VAL C 268 -19.99 12.72 11.55
CA VAL C 268 -19.77 12.90 12.98
C VAL C 268 -18.29 12.79 13.25
N MET C 269 -17.79 13.67 14.11
CA MET C 269 -16.51 13.40 14.73
C MET C 269 -16.67 13.62 16.24
N THR C 270 -16.02 12.76 17.03
CA THR C 270 -16.05 12.85 18.48
C THR C 270 -14.70 12.48 19.06
N MET C 271 -14.30 13.26 20.07
CA MET C 271 -13.22 12.86 20.95
C MET C 271 -13.83 12.01 22.07
N ILE C 272 -12.99 11.17 22.67
CA ILE C 272 -13.41 10.18 23.64
C ILE C 272 -12.39 10.16 24.77
N ARG C 273 -12.89 10.10 26.01
CA ARG C 273 -12.10 9.69 27.15
C ARG C 273 -12.59 8.30 27.52
N PHE C 274 -11.69 7.31 27.57
CA PHE C 274 -12.13 5.98 27.94
C PHE C 274 -12.03 5.80 29.47
N ALA C 275 -12.88 4.92 30.03
CA ALA C 275 -12.92 4.68 31.49
C ALA C 275 -11.54 4.24 32.00
N ASN C 276 -10.77 3.53 31.17
CA ASN C 276 -9.49 3.06 31.62
C ASN C 276 -8.40 4.15 31.48
N GLY C 277 -8.76 5.37 31.09
CA GLY C 277 -7.77 6.44 30.95
C GLY C 277 -7.19 6.60 29.55
N ALA C 278 -7.49 5.70 28.61
CA ALA C 278 -7.09 5.93 27.21
C ALA C 278 -7.89 7.10 26.63
N VAL C 279 -7.34 7.72 25.56
CA VAL C 279 -8.01 8.76 24.80
C VAL C 279 -8.21 8.25 23.38
N GLY C 280 -9.13 8.90 22.67
CA GLY C 280 -9.34 8.59 21.29
C GLY C 280 -10.37 9.47 20.64
N SER C 281 -10.66 9.09 19.40
CA SER C 281 -11.60 9.77 18.56
C SER C 281 -12.18 8.80 17.53
N VAL C 282 -13.39 9.12 17.09
CA VAL C 282 -14.09 8.44 16.03
C VAL C 282 -14.62 9.48 15.05
N GLU C 283 -14.51 9.15 13.75
CA GLU C 283 -15.00 10.01 12.68
C GLU C 283 -15.74 9.11 11.70
N ALA C 284 -16.94 9.51 11.29
CA ALA C 284 -17.70 8.78 10.29
C ALA C 284 -18.36 9.77 9.36
N THR C 285 -18.46 9.40 8.08
CA THR C 285 -19.05 10.30 7.10
C THR C 285 -19.62 9.51 5.93
N ARG C 286 -20.64 10.13 5.31
CA ARG C 286 -21.23 9.67 4.06
C ARG C 286 -20.66 10.46 2.87
N ASN C 287 -19.69 11.37 3.13
CA ASN C 287 -19.36 12.44 2.17
C ASN C 287 -17.84 12.47 1.92
N ALA C 288 -17.22 11.30 1.73
CA ALA C 288 -15.78 11.22 1.49
C ALA C 288 -15.50 10.49 0.18
N HIS C 289 -15.43 11.26 -0.91
CA HIS C 289 -15.15 10.73 -2.25
C HIS C 289 -13.90 9.83 -2.20
N GLY C 290 -13.99 8.65 -2.80
CA GLY C 290 -12.90 7.68 -2.82
C GLY C 290 -12.93 6.69 -1.66
N ARG C 291 -13.70 6.96 -0.61
CA ARG C 291 -13.88 6.04 0.54
C ARG C 291 -15.21 5.30 0.36
N ASN C 292 -15.14 3.95 0.35
CA ASN C 292 -16.29 3.11 0.01
C ASN C 292 -16.87 2.49 1.28
N ASN C 293 -16.03 1.71 1.96
CA ASN C 293 -16.43 1.03 3.19
C ASN C 293 -15.21 1.01 4.11
N TYR C 294 -14.70 2.22 4.34
CA TYR C 294 -13.42 2.49 5.01
C TYR C 294 -13.66 2.55 6.53
N ILE C 295 -13.84 1.37 7.12
CA ILE C 295 -13.85 1.17 8.56
C ILE C 295 -12.43 0.82 8.94
N THR C 296 -11.84 1.68 9.76
CA THR C 296 -10.44 1.54 10.13
C THR C 296 -10.32 1.84 11.61
N PHE C 297 -9.22 1.34 12.18
CA PHE C 297 -8.79 1.82 13.48
C PHE C 297 -7.27 1.80 13.53
N GLU C 298 -6.76 2.65 14.41
CA GLU C 298 -5.33 2.69 14.77
C GLU C 298 -5.29 2.77 16.30
N ILE C 299 -4.61 1.81 16.93
CA ILE C 299 -4.44 1.69 18.35
C ILE C 299 -2.96 1.81 18.70
N HIS C 300 -2.66 2.73 19.62
CA HIS C 300 -1.29 2.90 20.14
C HIS C 300 -1.25 2.37 21.57
N GLY C 301 -0.47 1.32 21.77
CA GLY C 301 -0.17 0.79 23.10
C GLY C 301 1.23 1.17 23.54
N THR C 302 1.54 0.86 24.80
CA THR C 302 2.86 1.15 25.35
C THR C 302 3.94 0.28 24.70
N GLU C 303 3.58 -0.87 24.15
CA GLU C 303 4.57 -1.82 23.61
C GLU C 303 4.31 -2.19 22.15
N GLY C 304 3.34 -1.54 21.52
CA GLY C 304 3.11 -1.75 20.11
C GLY C 304 1.91 -1.00 19.62
N SER C 305 1.62 -1.17 18.32
CA SER C 305 0.44 -0.55 17.68
C SER C 305 -0.27 -1.54 16.77
N ILE C 306 -1.55 -1.29 16.52
CA ILE C 306 -2.36 -2.10 15.61
C ILE C 306 -3.16 -1.18 14.70
N VAL C 307 -3.16 -1.53 13.42
CA VAL C 307 -3.91 -0.77 12.38
C VAL C 307 -4.72 -1.77 11.53
N PHE C 308 -5.96 -1.42 11.26
CA PHE C 308 -6.89 -2.24 10.52
C PHE C 308 -7.65 -1.37 9.53
N ASN C 309 -7.87 -1.91 8.33
CA ASN C 309 -8.61 -1.27 7.26
C ASN C 309 -9.51 -2.32 6.61
N TYR C 310 -10.83 -2.18 6.77
CA TYR C 310 -11.79 -3.15 6.28
C TYR C 310 -11.77 -3.23 4.75
N GLU C 311 -11.38 -2.16 4.05
CA GLU C 311 -11.34 -2.26 2.57
C GLU C 311 -10.27 -3.28 2.14
N ARG C 312 -9.35 -3.57 3.07
CA ARG C 312 -8.38 -4.67 2.94
C ARG C 312 -8.48 -5.60 4.14
N ARG C 313 -9.68 -6.17 4.35
CA ARG C 313 -10.04 -6.80 5.64
C ARG C 313 -9.26 -8.07 5.93
N ASP C 314 -8.64 -8.67 4.91
CA ASP C 314 -7.82 -9.86 5.13
C ASP C 314 -6.57 -9.57 6.00
N GLU C 315 -6.19 -8.29 6.10
CA GLU C 315 -4.93 -7.87 6.71
C GLU C 315 -5.18 -7.29 8.11
N LEU C 316 -4.27 -7.57 9.04
CA LEU C 316 -4.08 -6.74 10.19
C LEU C 316 -2.63 -6.28 10.22
N GLN C 317 -2.41 -4.99 10.54
CA GLN C 317 -1.06 -4.48 10.67
C GLN C 317 -0.71 -4.39 12.16
N VAL C 318 0.43 -4.96 12.56
CA VAL C 318 0.81 -4.84 13.94
C VAL C 318 2.31 -4.53 14.03
N ALA C 319 2.62 -3.55 14.89
CA ALA C 319 4.03 -3.16 15.15
C ALA C 319 4.38 -3.46 16.59
N PHE C 320 5.39 -4.30 16.78
CA PHE C 320 5.83 -4.64 18.12
C PHE C 320 7.11 -3.89 18.47
N ALA C 321 7.07 -3.18 19.60
CA ALA C 321 8.25 -2.49 20.12
C ALA C 321 9.44 -3.45 20.38
N SER C 322 9.16 -4.72 20.65
CA SER C 322 10.17 -5.76 21.00
C SER C 322 10.94 -6.23 19.77
N ASP C 323 10.49 -5.90 18.56
CA ASP C 323 11.27 -6.29 17.38
C ASP C 323 12.70 -5.80 17.55
N GLN C 324 13.68 -6.54 17.03
CA GLN C 324 15.04 -6.06 17.04
C GLN C 324 15.08 -4.73 16.27
N ALA C 325 15.92 -3.79 16.75
CA ALA C 325 15.92 -2.36 16.34
C ALA C 325 16.07 -2.16 14.83
N ASP C 326 16.80 -3.04 14.16
CA ASP C 326 17.09 -2.92 12.73
C ASP C 326 16.05 -3.66 11.90
N ARG C 327 14.98 -4.17 12.52
CA ARG C 327 13.93 -4.90 11.79
C ARG C 327 12.58 -4.71 12.50
N ARG C 328 12.28 -3.44 12.80
CA ARG C 328 11.14 -3.09 13.58
C ARG C 328 10.19 -2.29 12.68
N GLY C 329 8.90 -2.66 12.72
CA GLY C 329 7.87 -1.93 11.99
C GLY C 329 6.56 -2.68 11.98
N PHE C 330 5.57 -2.15 11.23
CA PHE C 330 4.32 -2.84 11.11
C PHE C 330 4.49 -4.10 10.25
N ARG C 331 4.01 -5.23 10.78
CA ARG C 331 3.86 -6.47 10.04
C ARG C 331 2.45 -6.50 9.43
N THR C 332 2.37 -6.91 8.16
CA THR C 332 1.06 -7.16 7.53
C THR C 332 0.77 -8.65 7.67
N VAL C 333 -0.19 -8.94 8.54
CA VAL C 333 -0.58 -10.31 8.83
C VAL C 333 -1.87 -10.63 8.08
N TYR C 334 -1.84 -11.66 7.23
CA TYR C 334 -3.06 -12.19 6.54
C TYR C 334 -3.74 -13.27 7.39
N THR C 335 -5.05 -13.10 7.61
CA THR C 335 -5.77 -14.06 8.49
C THR C 335 -6.10 -15.36 7.76
N GLY C 336 -6.02 -16.44 8.55
CA GLY C 336 -6.20 -17.79 8.06
C GLY C 336 -6.31 -18.76 9.22
N PRO C 337 -5.93 -20.03 9.00
CA PRO C 337 -6.10 -21.08 10.03
C PRO C 337 -5.48 -20.78 11.40
N ALA C 338 -4.37 -20.01 11.44
CA ALA C 338 -3.63 -19.77 12.67
C ALA C 338 -4.32 -18.71 13.55
N HIS C 339 -5.29 -17.99 13.00
CA HIS C 339 -5.87 -16.80 13.63
C HIS C 339 -7.29 -17.10 14.10
N PRO C 340 -7.87 -16.27 15.00
CA PRO C 340 -9.21 -16.55 15.50
C PRO C 340 -10.22 -16.82 14.39
N TYR C 341 -11.12 -17.76 14.67
CA TYR C 341 -12.16 -18.28 13.78
C TYR C 341 -11.60 -19.06 12.59
N GLY C 342 -10.27 -19.22 12.51
CA GLY C 342 -9.61 -19.78 11.35
C GLY C 342 -9.98 -21.23 11.04
N GLU C 343 -10.29 -22.02 12.08
CA GLU C 343 -10.71 -23.44 11.94
C GLU C 343 -12.00 -23.58 11.11
N GLY C 344 -12.85 -22.55 11.10
CA GLY C 344 -14.06 -22.59 10.31
C GLY C 344 -13.98 -21.91 8.95
N LEU C 345 -12.84 -21.30 8.57
CA LEU C 345 -12.88 -20.46 7.36
C LEU C 345 -12.09 -21.14 6.25
N TRP C 346 -11.19 -20.44 5.57
CA TRP C 346 -10.52 -21.02 4.41
C TRP C 346 -9.15 -21.58 4.79
N PRO C 347 -8.68 -22.57 4.02
CA PRO C 347 -7.50 -23.33 4.37
C PRO C 347 -6.17 -22.59 4.30
N ILE C 348 -6.11 -21.43 3.64
CA ILE C 348 -4.92 -20.63 3.68
C ILE C 348 -5.30 -19.17 3.84
N PRO C 349 -4.37 -18.38 4.43
CA PRO C 349 -4.54 -16.93 4.50
C PRO C 349 -4.69 -16.37 3.09
N ALA C 350 -5.51 -15.31 2.99
CA ALA C 350 -5.74 -14.55 1.76
C ALA C 350 -6.48 -15.37 0.68
N LEU C 351 -7.07 -16.54 1.00
CA LEU C 351 -8.03 -17.12 0.02
C LEU C 351 -9.18 -16.13 -0.15
N GLY C 352 -9.54 -15.45 0.95
CA GLY C 352 -10.28 -14.21 0.87
C GLY C 352 -11.50 -14.23 1.77
N ILE C 353 -11.50 -13.34 2.76
CA ILE C 353 -12.66 -12.99 3.57
C ILE C 353 -13.43 -11.86 2.87
N GLY C 354 -14.74 -12.03 2.70
CA GLY C 354 -15.69 -11.05 2.21
C GLY C 354 -16.73 -10.71 3.27
N TYR C 355 -17.74 -9.93 2.90
CA TYR C 355 -18.71 -9.52 3.89
C TYR C 355 -19.43 -10.75 4.48
N GLY C 356 -19.69 -11.73 3.62
CA GLY C 356 -20.49 -12.88 4.02
C GLY C 356 -19.85 -13.65 5.17
N GLU C 357 -18.53 -13.77 5.17
CA GLU C 357 -17.88 -14.55 6.24
C GLU C 357 -18.15 -13.91 7.60
N THR C 358 -18.26 -12.58 7.64
CA THR C 358 -18.48 -11.94 8.94
C THR C 358 -19.86 -12.33 9.46
N LYS C 359 -20.83 -12.46 8.54
CA LYS C 359 -22.20 -12.82 8.93
C LYS C 359 -22.25 -14.30 9.31
N ILE C 360 -21.44 -15.14 8.65
CA ILE C 360 -21.38 -16.57 8.95
C ILE C 360 -20.84 -16.73 10.38
N ILE C 361 -19.78 -15.99 10.71
CA ILE C 361 -19.13 -16.15 12.00
C ILE C 361 -20.10 -15.71 13.10
N GLU C 362 -20.80 -14.61 12.81
CA GLU C 362 -21.83 -14.06 13.67
C GLU C 362 -22.92 -15.10 13.94
N ALA C 363 -23.47 -15.70 12.87
CA ALA C 363 -24.50 -16.74 13.01
C ALA C 363 -23.96 -17.97 13.78
N HIS C 364 -22.68 -18.32 13.55
CA HIS C 364 -22.06 -19.43 14.27
C HIS C 364 -22.11 -19.16 15.77
N ASP C 365 -21.70 -17.98 16.19
CA ASP C 365 -21.61 -17.70 17.59
C ASP C 365 -22.99 -17.59 18.24
N PHE C 366 -23.94 -16.94 17.55
CA PHE C 366 -25.33 -16.84 17.96
C PHE C 366 -25.90 -18.25 18.20
N PHE C 367 -25.79 -19.13 17.20
CA PHE C 367 -26.37 -20.48 17.32
C PHE C 367 -25.64 -21.29 18.40
N LYS C 368 -24.35 -21.02 18.57
CA LYS C 368 -23.55 -21.73 19.56
C LYS C 368 -24.10 -21.42 20.95
N ALA C 369 -24.42 -20.15 21.20
CA ALA C 369 -24.95 -19.70 22.49
C ALA C 369 -26.33 -20.30 22.74
N ILE C 370 -27.20 -20.32 21.70
CA ILE C 370 -28.49 -20.96 21.81
C ILE C 370 -28.28 -22.45 22.13
N ALA C 371 -27.44 -23.14 21.36
CA ALA C 371 -27.24 -24.57 21.54
C ALA C 371 -26.64 -24.90 22.92
N GLU C 372 -25.93 -23.96 23.54
CA GLU C 372 -25.21 -24.24 24.78
C GLU C 372 -25.92 -23.63 25.99
N GLY C 373 -27.07 -23.02 25.77
CA GLY C 373 -27.77 -22.29 26.82
C GLY C 373 -26.92 -21.15 27.38
N GLY C 374 -26.10 -20.53 26.53
CA GLY C 374 -25.19 -19.47 26.96
C GLY C 374 -25.69 -18.11 26.50
N SER C 375 -24.79 -17.15 26.41
CA SER C 375 -25.14 -15.87 25.80
C SER C 375 -24.05 -15.46 24.81
N VAL C 376 -24.26 -14.34 24.11
CA VAL C 376 -23.31 -13.93 23.09
C VAL C 376 -23.03 -12.43 23.25
N SER C 377 -21.86 -12.00 22.79
CA SER C 377 -21.53 -10.59 22.71
C SER C 377 -21.33 -10.20 21.26
N PRO C 378 -21.85 -9.04 20.79
CA PRO C 378 -22.62 -8.05 21.51
C PRO C 378 -24.12 -8.37 21.58
N SER C 379 -24.67 -8.21 22.78
CA SER C 379 -26.03 -8.51 23.12
C SER C 379 -26.82 -7.21 23.03
N PHE C 380 -28.11 -7.24 23.39
CA PHE C 380 -28.88 -5.99 23.58
C PHE C 380 -28.26 -5.10 24.68
N ALA C 381 -27.47 -5.68 25.58
CA ALA C 381 -26.81 -4.83 26.61
C ALA C 381 -25.83 -3.89 25.88
N ASP C 382 -25.06 -4.47 24.97
CA ASP C 382 -24.09 -3.74 24.21
C ASP C 382 -24.79 -2.76 23.26
N GLY C 383 -25.92 -3.21 22.69
CA GLY C 383 -26.68 -2.38 21.77
C GLY C 383 -27.16 -1.12 22.44
N TYR C 384 -27.68 -1.32 23.65
CA TYR C 384 -28.18 -0.24 24.48
C TYR C 384 -27.02 0.66 24.92
N GLN C 385 -25.87 0.10 25.32
CA GLN C 385 -24.71 0.96 25.70
C GLN C 385 -24.30 1.84 24.51
N VAL C 386 -24.30 1.29 23.29
CA VAL C 386 -23.94 2.06 22.11
C VAL C 386 -24.98 3.18 21.88
N ALA C 387 -26.27 2.88 22.07
CA ALA C 387 -27.33 3.87 21.90
C ALA C 387 -27.18 5.00 22.92
N LEU C 388 -26.65 4.69 24.11
CA LEU C 388 -26.38 5.71 25.11
C LEU C 388 -25.18 6.57 24.71
N ILE C 389 -24.16 5.96 24.10
CA ILE C 389 -23.01 6.73 23.61
C ILE C 389 -23.51 7.71 22.55
N ASP C 390 -24.34 7.22 21.62
CA ASP C 390 -24.91 8.02 20.55
C ASP C 390 -25.67 9.21 21.12
N ASP C 391 -26.52 8.94 22.12
CA ASP C 391 -27.28 10.03 22.80
C ASP C 391 -26.31 11.07 23.38
N ALA C 392 -25.21 10.60 23.98
CA ALA C 392 -24.28 11.53 24.63
C ALA C 392 -23.57 12.38 23.56
N ILE C 393 -23.16 11.74 22.45
CA ILE C 393 -22.56 12.43 21.30
C ILE C 393 -23.49 13.54 20.76
N VAL C 394 -24.79 13.21 20.60
CA VAL C 394 -25.76 14.13 20.11
C VAL C 394 -25.85 15.32 21.06
N GLU C 395 -25.96 15.03 22.36
CA GLU C 395 -26.05 16.01 23.39
C GLU C 395 -24.76 16.83 23.40
N SER C 396 -23.61 16.16 23.30
CA SER C 396 -22.33 16.88 23.32
C SER C 396 -22.28 17.89 22.17
N ALA C 397 -22.70 17.43 20.99
CA ALA C 397 -22.63 18.29 19.81
C ALA C 397 -23.49 19.53 20.01
N ALA C 398 -24.67 19.34 20.60
CA ALA C 398 -25.64 20.44 20.76
C ALA C 398 -25.14 21.44 21.81
N LYS C 399 -24.52 20.96 22.90
CA LYS C 399 -24.03 21.84 23.96
C LYS C 399 -22.57 22.26 23.74
N GLU C 400 -21.91 21.72 22.71
CA GLU C 400 -20.47 21.93 22.49
C GLU C 400 -19.69 21.64 23.78
N SER C 401 -20.08 20.59 24.52
CA SER C 401 -19.44 20.30 25.80
C SER C 401 -19.10 18.82 25.89
N TRP C 402 -18.16 18.48 26.78
CA TRP C 402 -17.98 17.10 27.19
C TRP C 402 -19.26 16.60 27.83
N VAL C 403 -19.68 15.38 27.50
CA VAL C 403 -20.82 14.77 28.12
C VAL C 403 -20.37 13.40 28.61
N ASP C 404 -20.69 13.10 29.86
CA ASP C 404 -20.36 11.82 30.42
C ASP C 404 -21.31 10.80 29.81
N VAL C 405 -20.83 9.57 29.62
CA VAL C 405 -21.64 8.54 29.04
C VAL C 405 -22.17 7.69 30.18
N PRO C 406 -23.51 7.59 30.35
CA PRO C 406 -24.04 6.69 31.36
C PRO C 406 -23.72 5.23 31.02
N GLN C 407 -23.44 4.42 32.05
CA GLN C 407 -23.39 2.97 31.91
C GLN C 407 -24.84 2.46 31.83
N ILE C 408 -25.04 1.27 31.22
CA ILE C 408 -26.38 0.66 31.07
C ILE C 408 -26.98 0.29 32.44
N SER C 409 -26.15 0.24 33.48
CA SER C 409 -26.63 -0.15 34.83
C SER C 409 -27.22 1.05 35.61
N ALA C 410 -27.07 2.28 35.08
CA ALA C 410 -27.51 3.49 35.80
C ALA C 410 -29.04 3.49 35.93
N GLN D 22 -36.55 -23.35 -13.21
CA GLN D 22 -36.30 -24.80 -13.36
C GLN D 22 -35.19 -25.20 -12.39
N ASN D 23 -35.29 -26.43 -11.88
CA ASN D 23 -34.26 -27.04 -11.06
C ASN D 23 -33.17 -27.67 -11.95
N LEU D 24 -31.91 -27.56 -11.51
CA LEU D 24 -30.86 -28.37 -12.05
C LEU D 24 -30.27 -29.19 -10.90
N ASN D 25 -30.37 -30.51 -11.03
CA ASN D 25 -29.91 -31.46 -10.04
C ASN D 25 -28.40 -31.67 -10.20
N VAL D 26 -27.67 -31.34 -9.13
CA VAL D 26 -26.22 -31.44 -9.12
C VAL D 26 -25.81 -32.72 -8.41
N GLY D 27 -24.90 -33.45 -9.06
CA GLY D 27 -24.11 -34.50 -8.44
C GLY D 27 -22.68 -34.03 -8.26
N LEU D 28 -22.29 -33.78 -7.00
CA LEU D 28 -20.93 -33.32 -6.61
C LEU D 28 -20.09 -34.52 -6.18
N ILE D 29 -18.94 -34.70 -6.83
CA ILE D 29 -17.97 -35.75 -6.48
C ILE D 29 -16.75 -35.12 -5.80
N GLY D 30 -16.65 -35.35 -4.48
CA GLY D 30 -15.58 -34.81 -3.66
C GLY D 30 -16.16 -33.84 -2.64
N GLY D 31 -15.83 -34.06 -1.37
CA GLY D 31 -16.40 -33.33 -0.25
C GLY D 31 -15.30 -32.68 0.58
N GLY D 32 -14.17 -32.40 -0.07
CA GLY D 32 -13.07 -31.74 0.61
C GLY D 32 -13.17 -30.23 0.51
N PHE D 33 -12.03 -29.58 0.29
CA PHE D 33 -11.97 -28.10 0.16
C PHE D 33 -12.88 -27.62 -0.98
N MET D 34 -12.70 -28.13 -2.19
CA MET D 34 -13.52 -27.63 -3.32
C MET D 34 -14.98 -28.10 -3.20
N GLY D 35 -15.23 -29.29 -2.61
CA GLY D 35 -16.58 -29.69 -2.23
C GLY D 35 -17.30 -28.63 -1.41
N LYS D 36 -16.62 -28.08 -0.41
CA LYS D 36 -17.19 -27.05 0.44
C LYS D 36 -17.46 -25.76 -0.35
N ALA D 37 -16.45 -25.27 -1.08
CA ALA D 37 -16.61 -24.02 -1.88
C ALA D 37 -17.74 -24.12 -2.93
N HIS D 38 -17.83 -25.28 -3.59
CA HIS D 38 -18.83 -25.56 -4.63
C HIS D 38 -20.23 -25.66 -4.00
N SER D 39 -20.30 -26.32 -2.83
CA SER D 39 -21.56 -26.46 -2.12
C SER D 39 -22.08 -25.10 -1.72
N LEU D 40 -21.19 -24.24 -1.18
CA LEU D 40 -21.52 -22.85 -0.87
C LEU D 40 -22.08 -22.13 -2.10
N ALA D 41 -21.43 -22.31 -3.25
CA ALA D 41 -21.83 -21.62 -4.49
C ALA D 41 -23.26 -22.02 -4.89
N TYR D 42 -23.54 -23.32 -4.81
CA TYR D 42 -24.86 -23.85 -5.17
C TYR D 42 -25.92 -23.31 -4.20
N ALA D 43 -25.59 -23.22 -2.90
CA ALA D 43 -26.52 -22.77 -1.87
C ALA D 43 -26.82 -21.26 -2.00
N ALA D 44 -25.85 -20.47 -2.48
CA ALA D 44 -25.90 -19.01 -2.41
C ALA D 44 -26.24 -18.35 -3.75
N MET D 45 -25.96 -19.03 -4.86
CA MET D 45 -25.98 -18.37 -6.16
C MET D 45 -27.30 -17.65 -6.44
N PRO D 46 -28.49 -18.25 -6.20
CA PRO D 46 -29.71 -17.51 -6.50
C PRO D 46 -30.03 -16.33 -5.55
N MET D 47 -29.56 -16.37 -4.31
CA MET D 47 -29.70 -15.23 -3.39
C MET D 47 -29.02 -13.99 -4.00
N PHE D 48 -27.88 -14.27 -4.65
CA PHE D 48 -27.03 -13.24 -5.23
C PHE D 48 -27.55 -12.77 -6.58
N PHE D 49 -27.77 -13.71 -7.52
CA PHE D 49 -28.18 -13.40 -8.88
C PHE D 49 -29.64 -13.84 -9.04
N TRP D 50 -30.56 -12.86 -8.91
CA TRP D 50 -31.99 -13.08 -8.88
C TRP D 50 -32.67 -12.14 -9.88
N PRO D 51 -33.55 -12.68 -10.75
CA PRO D 51 -33.93 -14.08 -10.78
C PRO D 51 -32.76 -14.89 -11.33
N ALA D 52 -32.62 -16.12 -10.81
CA ALA D 52 -31.54 -16.98 -11.14
C ALA D 52 -31.79 -17.67 -12.47
N PRO D 53 -30.69 -18.04 -13.19
CA PRO D 53 -30.78 -18.74 -14.48
C PRO D 53 -31.47 -20.10 -14.32
N ALA D 54 -31.18 -20.78 -13.21
CA ALA D 54 -31.85 -21.98 -12.78
C ALA D 54 -31.60 -22.13 -11.28
N LEU D 55 -32.30 -23.04 -10.63
CA LEU D 55 -32.13 -23.24 -9.19
C LEU D 55 -31.30 -24.50 -8.97
N PRO D 56 -30.08 -24.38 -8.39
CA PRO D 56 -29.27 -25.57 -8.13
C PRO D 56 -29.99 -26.38 -7.04
N VAL D 57 -30.09 -27.68 -7.28
CA VAL D 57 -30.47 -28.70 -6.29
C VAL D 57 -29.24 -29.56 -6.01
N ARG D 58 -28.78 -29.49 -4.77
CA ARG D 58 -27.71 -30.33 -4.22
C ARG D 58 -28.28 -31.72 -3.98
N LYS D 59 -28.18 -32.58 -5.00
CA LYS D 59 -29.01 -33.77 -5.10
C LYS D 59 -28.25 -34.98 -4.59
N VAL D 60 -27.03 -35.17 -5.09
CA VAL D 60 -26.18 -36.25 -4.62
C VAL D 60 -24.77 -35.71 -4.42
N ILE D 61 -24.13 -36.07 -3.30
CA ILE D 61 -22.67 -35.90 -3.14
C ILE D 61 -22.02 -37.28 -2.97
N ALA D 62 -20.99 -37.52 -3.79
CA ALA D 62 -20.15 -38.70 -3.65
C ALA D 62 -18.93 -38.38 -2.81
N GLU D 63 -18.48 -39.39 -2.05
CA GLU D 63 -17.20 -39.37 -1.33
C GLU D 63 -16.61 -40.78 -1.34
N ALA D 64 -15.47 -40.95 -0.67
CA ALA D 64 -14.59 -42.10 -0.85
C ALA D 64 -15.10 -43.30 -0.03
N ASN D 65 -15.96 -43.06 0.94
CA ASN D 65 -16.58 -44.17 1.64
C ASN D 65 -17.92 -43.69 2.18
N PRO D 66 -18.76 -44.62 2.66
CA PRO D 66 -20.12 -44.27 3.01
C PRO D 66 -20.19 -43.26 4.17
N GLU D 67 -19.28 -43.36 5.13
CA GLU D 67 -19.41 -42.51 6.32
C GLU D 67 -18.99 -41.07 5.97
N LEU D 68 -17.89 -40.91 5.22
CA LEU D 68 -17.51 -39.59 4.73
C LEU D 68 -18.66 -38.99 3.91
N ALA D 69 -19.28 -39.81 3.03
CA ALA D 69 -20.28 -39.30 2.10
C ALA D 69 -21.48 -38.80 2.90
N ALA D 70 -21.93 -39.59 3.88
CA ALA D 70 -23.11 -39.29 4.68
C ALA D 70 -22.90 -38.00 5.46
N GLU D 71 -21.73 -37.89 6.08
CA GLU D 71 -21.33 -36.71 6.86
C GLU D 71 -21.28 -35.48 5.94
N ALA D 72 -20.72 -35.64 4.74
CA ALA D 72 -20.62 -34.55 3.75
C ALA D 72 -22.00 -34.09 3.30
N ALA D 73 -22.93 -35.05 3.05
CA ALA D 73 -24.30 -34.68 2.67
C ALA D 73 -24.97 -33.84 3.77
N ARG D 74 -24.75 -34.19 5.04
CA ARG D 74 -25.37 -33.40 6.15
C ARG D 74 -24.68 -32.04 6.31
N ARG D 75 -23.37 -32.02 6.14
CA ARG D 75 -22.59 -30.76 6.27
C ARG D 75 -22.95 -29.79 5.14
N PHE D 76 -23.10 -30.31 3.92
CA PHE D 76 -23.20 -29.46 2.73
C PHE D 76 -24.65 -29.34 2.25
N GLY D 77 -25.56 -30.07 2.88
CA GLY D 77 -26.97 -29.95 2.58
C GLY D 77 -27.35 -30.62 1.26
N PHE D 78 -26.79 -31.81 0.99
CA PHE D 78 -27.19 -32.57 -0.17
C PHE D 78 -28.37 -33.49 0.19
N GLU D 79 -29.22 -33.80 -0.80
CA GLU D 79 -30.39 -34.66 -0.57
C GLU D 79 -29.96 -36.11 -0.29
N ASN D 80 -28.85 -36.52 -0.91
CA ASN D 80 -28.34 -37.89 -0.86
C ASN D 80 -26.81 -37.92 -0.86
N SER D 81 -26.25 -39.02 -0.35
CA SER D 81 -24.86 -39.30 -0.47
C SER D 81 -24.68 -40.62 -1.20
N THR D 82 -23.44 -40.88 -1.64
CA THR D 82 -23.02 -42.15 -2.21
C THR D 82 -21.50 -42.28 -2.05
N SER D 83 -21.03 -43.52 -1.99
CA SER D 83 -19.63 -43.78 -1.98
C SER D 83 -19.15 -44.31 -3.35
N ASP D 84 -20.03 -44.28 -4.35
CA ASP D 84 -19.71 -44.69 -5.73
C ASP D 84 -20.14 -43.59 -6.71
N TRP D 85 -19.17 -42.89 -7.29
CA TRP D 85 -19.47 -41.75 -8.17
C TRP D 85 -20.29 -42.20 -9.41
N ARG D 86 -20.19 -43.48 -9.78
CA ARG D 86 -20.92 -44.00 -10.94
C ARG D 86 -22.44 -43.97 -10.71
N SER D 87 -22.85 -43.98 -9.44
CA SER D 87 -24.27 -43.86 -9.07
C SER D 87 -24.84 -42.51 -9.50
N ILE D 88 -23.98 -41.48 -9.50
CA ILE D 88 -24.37 -40.14 -9.99
C ILE D 88 -24.49 -40.20 -11.52
N ILE D 89 -23.50 -40.80 -12.19
CA ILE D 89 -23.48 -40.82 -13.66
C ILE D 89 -24.77 -41.52 -14.15
N ASP D 90 -25.15 -42.57 -13.43
CA ASP D 90 -26.24 -43.46 -13.89
C ASP D 90 -27.60 -42.99 -13.42
N ASP D 91 -27.66 -41.90 -12.66
CA ASP D 91 -28.89 -41.41 -12.12
C ASP D 91 -29.52 -40.49 -13.15
N PRO D 92 -30.63 -40.89 -13.78
CA PRO D 92 -31.21 -40.09 -14.86
C PRO D 92 -31.71 -38.75 -14.35
N ASP D 93 -31.84 -38.55 -13.03
CA ASP D 93 -32.34 -37.26 -12.50
C ASP D 93 -31.27 -36.17 -12.51
N ILE D 94 -30.01 -36.56 -12.68
CA ILE D 94 -28.88 -35.65 -12.48
C ILE D 94 -28.63 -34.89 -13.79
N HIS D 95 -28.57 -33.57 -13.69
CA HIS D 95 -28.32 -32.69 -14.85
C HIS D 95 -26.85 -32.31 -14.96
N VAL D 96 -26.19 -32.21 -13.79
CA VAL D 96 -24.88 -31.60 -13.66
C VAL D 96 -23.98 -32.54 -12.87
N VAL D 97 -22.82 -32.85 -13.44
CA VAL D 97 -21.77 -33.54 -12.70
C VAL D 97 -20.68 -32.51 -12.40
N ASP D 98 -20.35 -32.38 -11.12
CA ASP D 98 -19.35 -31.45 -10.63
C ASP D 98 -18.20 -32.25 -10.00
N ILE D 99 -17.02 -32.15 -10.62
CA ILE D 99 -15.88 -33.01 -10.31
C ILE D 99 -14.90 -32.22 -9.42
N ALA D 100 -14.91 -32.56 -8.13
CA ALA D 100 -14.07 -31.91 -7.13
C ALA D 100 -13.19 -32.94 -6.43
N THR D 101 -12.66 -33.89 -7.20
CA THR D 101 -11.68 -34.88 -6.73
C THR D 101 -10.26 -34.47 -7.07
N PRO D 102 -9.25 -35.15 -6.50
CA PRO D 102 -7.87 -34.96 -6.97
C PRO D 102 -7.79 -35.29 -8.46
N ASN D 103 -6.65 -34.94 -9.06
CA ASN D 103 -6.53 -34.78 -10.50
C ASN D 103 -6.57 -36.12 -11.24
N HIS D 104 -6.32 -37.23 -10.53
CA HIS D 104 -6.21 -38.54 -11.17
C HIS D 104 -7.56 -39.11 -11.60
N LEU D 105 -8.67 -38.57 -11.08
CA LEU D 105 -9.99 -39.11 -11.35
C LEU D 105 -10.78 -38.19 -12.29
N HIS D 106 -10.20 -37.05 -12.68
CA HIS D 106 -10.95 -36.08 -13.48
C HIS D 106 -11.44 -36.70 -14.78
N ALA D 107 -10.51 -37.40 -15.46
CA ALA D 107 -10.71 -37.86 -16.83
C ALA D 107 -11.76 -38.97 -16.87
N GLU D 108 -11.61 -39.99 -16.03
CA GLU D 108 -12.53 -41.13 -16.11
C GLU D 108 -13.94 -40.67 -15.73
N ILE D 109 -14.05 -39.75 -14.76
CA ILE D 109 -15.36 -39.30 -14.35
C ILE D 109 -15.99 -38.45 -15.46
N ALA D 110 -15.24 -37.47 -15.98
CA ALA D 110 -15.76 -36.55 -16.99
C ALA D 110 -16.23 -37.30 -18.25
N ILE D 111 -15.42 -38.26 -18.67
CA ILE D 111 -15.73 -39.03 -19.90
C ILE D 111 -17.02 -39.81 -19.70
N ALA D 112 -17.20 -40.43 -18.52
CA ALA D 112 -18.43 -41.19 -18.25
C ALA D 112 -19.63 -40.25 -18.23
N ALA D 113 -19.45 -39.04 -17.66
CA ALA D 113 -20.55 -38.09 -17.56
C ALA D 113 -20.92 -37.55 -18.94
N ALA D 114 -19.92 -37.31 -19.78
CA ALA D 114 -20.20 -36.86 -21.14
C ALA D 114 -20.96 -37.96 -21.91
N GLU D 115 -20.57 -39.22 -21.73
CA GLU D 115 -21.25 -40.30 -22.45
C GLU D 115 -22.69 -40.44 -21.93
N ALA D 116 -22.95 -40.05 -20.68
CA ALA D 116 -24.31 -40.04 -20.15
C ALA D 116 -25.09 -38.77 -20.49
N GLY D 117 -24.52 -37.85 -21.29
CA GLY D 117 -25.23 -36.62 -21.72
C GLY D 117 -25.38 -35.60 -20.60
N LYS D 118 -24.49 -35.63 -19.59
CA LYS D 118 -24.59 -34.69 -18.48
C LYS D 118 -23.69 -33.47 -18.75
N HIS D 119 -24.18 -32.30 -18.32
CA HIS D 119 -23.38 -31.06 -18.19
C HIS D 119 -22.32 -31.28 -17.11
N ILE D 120 -21.13 -30.72 -17.32
CA ILE D 120 -19.97 -31.03 -16.51
C ILE D 120 -19.23 -29.75 -16.14
N ILE D 121 -18.96 -29.58 -14.84
CA ILE D 121 -17.88 -28.67 -14.39
C ILE D 121 -16.79 -29.52 -13.74
N CYS D 122 -15.54 -29.26 -14.12
CA CYS D 122 -14.44 -30.01 -13.61
C CYS D 122 -13.41 -29.05 -13.00
N GLU D 123 -12.87 -29.44 -11.85
CA GLU D 123 -11.82 -28.62 -11.24
C GLU D 123 -10.56 -28.65 -12.10
N LYS D 124 -9.75 -27.60 -11.92
CA LYS D 124 -8.43 -27.54 -12.55
C LYS D 124 -7.46 -28.40 -11.76
N PRO D 125 -6.31 -28.73 -12.38
CA PRO D 125 -6.10 -28.72 -13.82
C PRO D 125 -7.06 -29.75 -14.44
N LEU D 126 -7.34 -29.65 -15.75
CA LEU D 126 -8.37 -30.49 -16.34
C LEU D 126 -8.03 -31.96 -16.06
N ALA D 127 -6.78 -32.35 -16.36
CA ALA D 127 -6.30 -33.69 -15.96
C ALA D 127 -4.80 -33.62 -15.68
N ARG D 128 -4.15 -34.77 -15.56
CA ARG D 128 -2.75 -34.81 -15.15
C ARG D 128 -1.82 -34.45 -16.29
N THR D 129 -2.20 -34.78 -17.54
CA THR D 129 -1.34 -34.54 -18.71
C THR D 129 -2.16 -34.03 -19.88
N GLY D 130 -1.45 -33.63 -20.94
CA GLY D 130 -2.07 -33.21 -22.20
C GLY D 130 -2.91 -34.32 -22.82
N GLU D 131 -2.40 -35.54 -22.75
CA GLU D 131 -3.02 -36.68 -23.41
C GLU D 131 -4.31 -37.04 -22.67
N GLU D 132 -4.27 -37.02 -21.34
CA GLU D 132 -5.45 -37.37 -20.56
C GLU D 132 -6.52 -36.28 -20.76
N SER D 133 -6.04 -35.04 -20.87
CA SER D 133 -6.91 -33.90 -21.10
C SER D 133 -7.57 -34.00 -22.48
N LYS D 134 -6.80 -34.44 -23.47
CA LYS D 134 -7.31 -34.62 -24.82
C LYS D 134 -8.54 -35.57 -24.81
N ALA D 135 -8.47 -36.67 -24.06
CA ALA D 135 -9.56 -37.67 -24.02
C ALA D 135 -10.86 -37.01 -23.52
N MET D 136 -10.70 -36.10 -22.56
CA MET D 136 -11.82 -35.40 -21.96
C MET D 136 -12.42 -34.42 -22.97
N TYR D 137 -11.55 -33.65 -23.60
CA TYR D 137 -11.98 -32.75 -24.66
C TYR D 137 -12.67 -33.51 -25.80
N ASP D 138 -12.07 -34.61 -26.25
CA ASP D 138 -12.66 -35.38 -27.37
C ASP D 138 -14.04 -35.92 -26.97
N ALA D 139 -14.26 -36.18 -25.67
CA ALA D 139 -15.54 -36.74 -25.23
C ALA D 139 -16.65 -35.69 -25.26
N VAL D 140 -16.33 -34.39 -25.37
CA VAL D 140 -17.36 -33.36 -25.29
C VAL D 140 -17.39 -32.50 -26.55
N LYS D 141 -16.32 -32.54 -27.36
CA LYS D 141 -16.18 -31.53 -28.39
C LYS D 141 -17.28 -31.68 -29.45
N ASP D 142 -17.88 -32.86 -29.61
CA ASP D 142 -18.88 -33.03 -30.66
C ASP D 142 -20.28 -33.04 -30.06
N LYS D 143 -20.38 -32.74 -28.76
CA LYS D 143 -21.64 -32.64 -28.06
C LYS D 143 -21.94 -31.16 -27.82
N ASN D 144 -23.13 -30.89 -27.29
CA ASN D 144 -23.54 -29.53 -27.03
C ASN D 144 -23.90 -29.36 -25.56
N ILE D 145 -23.50 -30.33 -24.72
CA ILE D 145 -23.52 -30.16 -23.26
C ILE D 145 -22.65 -28.94 -22.91
N VAL D 146 -22.96 -28.30 -21.78
CA VAL D 146 -22.10 -27.29 -21.21
C VAL D 146 -20.97 -27.99 -20.46
N HIS D 147 -19.74 -27.62 -20.80
CA HIS D 147 -18.58 -28.15 -20.13
C HIS D 147 -17.70 -26.97 -19.72
N MET D 148 -17.24 -26.98 -18.47
CA MET D 148 -16.54 -25.88 -17.88
C MET D 148 -15.35 -26.40 -17.07
N VAL D 149 -14.23 -25.68 -17.15
CA VAL D 149 -13.10 -25.95 -16.23
C VAL D 149 -13.06 -24.81 -15.21
N ALA D 150 -12.81 -25.16 -13.95
CA ALA D 150 -13.20 -24.24 -12.86
C ALA D 150 -12.04 -23.29 -12.51
N PHE D 151 -11.66 -22.45 -13.50
CA PHE D 151 -10.66 -21.37 -13.28
C PHE D 151 -11.39 -20.15 -12.74
N ASN D 152 -11.74 -20.20 -11.45
CA ASN D 152 -12.69 -19.24 -10.87
C ASN D 152 -12.03 -17.88 -10.64
N TYR D 153 -10.70 -17.81 -10.58
CA TYR D 153 -10.05 -16.54 -10.30
C TYR D 153 -10.25 -15.52 -11.43
N ARG D 154 -10.49 -15.96 -12.66
CA ARG D 154 -10.78 -15.02 -13.76
C ARG D 154 -12.14 -14.34 -13.53
N ARG D 155 -12.98 -14.91 -12.66
CA ARG D 155 -14.30 -14.31 -12.33
C ARG D 155 -14.27 -13.48 -11.03
N THR D 156 -13.09 -13.25 -10.43
CA THR D 156 -12.96 -12.14 -9.50
C THR D 156 -13.46 -10.88 -10.20
N PRO D 157 -14.37 -10.09 -9.60
CA PRO D 157 -14.85 -8.91 -10.31
C PRO D 157 -13.77 -7.96 -10.85
N ALA D 158 -12.69 -7.75 -10.09
CA ALA D 158 -11.61 -6.93 -10.56
C ALA D 158 -10.99 -7.48 -11.85
N VAL D 159 -10.92 -8.81 -12.01
CA VAL D 159 -10.30 -9.39 -13.23
C VAL D 159 -11.25 -9.22 -14.42
N ALA D 160 -12.54 -9.40 -14.19
CA ALA D 160 -13.52 -9.14 -15.23
C ALA D 160 -13.49 -7.65 -15.62
N LEU D 161 -13.35 -6.77 -14.62
CA LEU D 161 -13.13 -5.28 -14.88
C LEU D 161 -11.92 -5.05 -15.81
N ALA D 162 -10.81 -5.72 -15.53
CA ALA D 162 -9.60 -5.65 -16.36
C ALA D 162 -9.94 -6.04 -17.80
N LYS D 163 -10.67 -7.13 -17.94
CA LYS D 163 -11.10 -7.60 -19.27
C LYS D 163 -11.91 -6.51 -20.00
N LYS D 164 -12.82 -5.83 -19.26
CA LYS D 164 -13.65 -4.80 -19.82
C LYS D 164 -12.78 -3.65 -20.34
N TYR D 165 -11.83 -3.16 -19.51
CA TYR D 165 -11.04 -2.07 -19.91
C TYR D 165 -10.29 -2.48 -21.17
N ILE D 166 -9.75 -3.70 -21.18
CA ILE D 166 -8.94 -4.15 -22.32
C ILE D 166 -9.82 -4.18 -23.56
N GLU D 167 -11.01 -4.80 -23.46
CA GLU D 167 -11.86 -5.00 -24.65
C GLU D 167 -12.32 -3.65 -25.20
N GLU D 168 -12.52 -2.65 -24.33
CA GLU D 168 -12.90 -1.30 -24.73
C GLU D 168 -11.79 -0.58 -25.51
N GLY D 169 -10.56 -1.07 -25.47
CA GLY D 169 -9.43 -0.33 -25.98
C GLY D 169 -8.90 0.70 -24.99
N ALA D 170 -9.31 0.63 -23.72
CA ALA D 170 -8.95 1.70 -22.77
C ALA D 170 -7.44 1.69 -22.41
N ILE D 171 -6.72 0.58 -22.63
CA ILE D 171 -5.28 0.63 -22.41
C ILE D 171 -4.54 0.36 -23.72
N GLY D 172 -5.25 0.49 -24.85
CA GLY D 172 -4.68 0.26 -26.17
C GLY D 172 -4.31 -1.19 -26.37
N ARG D 173 -3.27 -1.41 -27.17
CA ARG D 173 -2.79 -2.71 -27.53
C ARG D 173 -1.85 -3.22 -26.41
N ILE D 174 -1.95 -4.50 -26.11
CA ILE D 174 -1.15 -5.09 -25.06
C ILE D 174 0.24 -5.43 -25.60
N LEU D 175 1.28 -4.95 -24.90
CA LEU D 175 2.65 -5.26 -25.24
C LEU D 175 3.20 -6.43 -24.39
N SER D 176 2.87 -6.41 -23.09
CA SER D 176 3.61 -7.19 -22.11
C SER D 176 2.70 -7.67 -20.97
N PHE D 177 2.91 -8.90 -20.51
CA PHE D 177 2.13 -9.51 -19.42
C PHE D 177 3.09 -10.13 -18.41
N ARG D 178 2.88 -9.83 -17.13
CA ARG D 178 3.56 -10.47 -16.06
C ARG D 178 2.51 -11.11 -15.12
N GLY D 179 2.66 -12.39 -14.79
CA GLY D 179 1.70 -13.03 -13.89
C GLY D 179 2.40 -13.86 -12.83
N THR D 180 1.88 -13.86 -11.61
CA THR D 180 2.48 -14.69 -10.52
C THR D 180 1.41 -15.49 -9.83
N TYR D 181 1.81 -16.62 -9.22
CA TYR D 181 1.05 -17.24 -8.15
C TYR D 181 2.06 -17.72 -7.11
N LEU D 182 2.22 -16.92 -6.05
CA LEU D 182 3.20 -17.19 -5.01
C LEU D 182 2.48 -17.64 -3.74
N GLN D 183 2.90 -18.77 -3.19
CA GLN D 183 2.35 -19.33 -1.96
C GLN D 183 3.52 -19.81 -1.08
N ASP D 184 3.19 -20.22 0.15
CA ASP D 184 4.18 -20.69 1.11
C ASP D 184 3.63 -21.75 2.06
N TRP D 185 2.45 -22.31 1.78
CA TRP D 185 1.79 -23.23 2.71
C TRP D 185 2.67 -24.49 2.89
N SER D 186 3.49 -24.85 1.90
CA SER D 186 4.38 -25.99 2.02
C SER D 186 5.86 -25.56 2.10
N ALA D 187 6.14 -24.29 2.47
CA ALA D 187 7.55 -23.82 2.48
C ALA D 187 8.36 -24.49 3.59
N ASP D 188 7.69 -25.10 4.57
CA ASP D 188 8.37 -25.86 5.61
C ASP D 188 8.56 -27.31 5.15
N PRO D 189 9.81 -27.84 5.18
CA PRO D 189 10.08 -29.23 4.80
C PRO D 189 9.33 -30.28 5.64
N ASN D 190 8.77 -29.91 6.78
CA ASN D 190 8.07 -30.86 7.65
C ASN D 190 6.61 -30.95 7.24
N SER D 191 6.18 -30.08 6.33
CA SER D 191 4.86 -30.15 5.77
C SER D 191 4.75 -31.44 4.94
N PRO D 192 3.68 -32.25 5.14
CA PRO D 192 3.68 -33.64 4.70
C PRO D 192 3.37 -33.86 3.21
N LEU D 193 3.59 -35.11 2.76
CA LEU D 193 3.48 -35.54 1.37
C LEU D 193 2.04 -35.85 0.97
N SER D 194 1.18 -34.83 0.87
CA SER D 194 -0.15 -34.96 0.39
C SER D 194 -0.11 -35.32 -1.09
N TRP D 195 -1.29 -35.53 -1.66
CA TRP D 195 -1.40 -35.95 -3.05
C TRP D 195 -0.83 -34.88 -4.00
N ARG D 196 -0.83 -33.61 -3.57
CA ARG D 196 -0.33 -32.51 -4.43
C ARG D 196 1.17 -32.64 -4.72
N PHE D 197 1.92 -33.49 -3.98
CA PHE D 197 3.38 -33.62 -4.19
C PHE D 197 3.76 -34.95 -4.89
N GLN D 198 2.76 -35.71 -5.34
CA GLN D 198 2.95 -37.02 -5.98
C GLN D 198 2.52 -36.94 -7.44
N LYS D 199 3.47 -37.14 -8.35
CA LYS D 199 3.25 -37.00 -9.76
C LYS D 199 2.11 -37.91 -10.22
N SER D 200 2.07 -39.14 -9.70
CA SER D 200 1.10 -40.17 -10.14
C SER D 200 -0.36 -39.69 -9.96
N ILE D 201 -0.59 -38.90 -8.90
CA ILE D 201 -1.92 -38.39 -8.60
C ILE D 201 -2.08 -37.01 -9.24
N ALA D 202 -1.13 -36.09 -9.00
CA ALA D 202 -1.30 -34.66 -9.34
C ALA D 202 -1.00 -34.38 -10.81
N GLY D 203 -0.04 -35.11 -11.40
CA GLY D 203 0.51 -34.81 -12.74
C GLY D 203 1.72 -33.87 -12.68
N SER D 204 1.63 -32.84 -11.84
CA SER D 204 2.70 -31.87 -11.68
C SER D 204 2.41 -31.08 -10.39
N GLY D 205 3.31 -30.14 -10.06
CA GLY D 205 3.27 -29.51 -8.75
C GLY D 205 2.69 -28.12 -8.81
N ALA D 206 3.53 -27.11 -8.58
CA ALA D 206 3.08 -25.73 -8.69
C ALA D 206 2.48 -25.49 -10.09
N LEU D 207 3.09 -26.09 -11.12
CA LEU D 207 2.70 -25.78 -12.48
C LEU D 207 1.22 -26.12 -12.68
N GLY D 208 0.86 -27.38 -12.41
CA GLY D 208 -0.54 -27.84 -12.60
C GLY D 208 -1.49 -27.24 -11.59
N ASP D 209 -1.02 -27.08 -10.35
CA ASP D 209 -1.90 -26.72 -9.25
C ASP D 209 -2.21 -25.22 -9.20
N ILE D 210 -1.24 -24.37 -9.51
CA ILE D 210 -1.48 -22.95 -9.35
C ILE D 210 -1.08 -22.14 -10.60
N ALA D 211 -0.03 -22.53 -11.32
CA ALA D 211 0.37 -21.72 -12.48
C ALA D 211 -0.77 -21.72 -13.51
N THR D 212 -1.56 -22.80 -13.55
CA THR D 212 -2.66 -22.91 -14.51
C THR D 212 -3.67 -21.77 -14.33
N HIS D 213 -3.92 -21.36 -13.09
CA HIS D 213 -4.81 -20.20 -12.87
C HIS D 213 -4.27 -18.97 -13.61
N VAL D 214 -2.94 -18.77 -13.54
CA VAL D 214 -2.30 -17.59 -14.13
C VAL D 214 -2.30 -17.73 -15.66
N ILE D 215 -2.03 -18.94 -16.15
CA ILE D 215 -2.10 -19.20 -17.59
C ILE D 215 -3.51 -18.88 -18.09
N ASP D 216 -4.54 -19.34 -17.39
CA ASP D 216 -5.92 -19.04 -17.78
C ASP D 216 -6.13 -17.53 -17.86
N MET D 217 -5.68 -16.78 -16.83
CA MET D 217 -5.84 -15.34 -16.79
C MET D 217 -5.15 -14.68 -17.99
N ALA D 218 -3.94 -15.14 -18.33
CA ALA D 218 -3.20 -14.66 -19.50
C ALA D 218 -3.98 -14.90 -20.79
N ARG D 219 -4.53 -16.11 -20.93
CA ARG D 219 -5.32 -16.46 -22.11
C ARG D 219 -6.56 -15.58 -22.16
N TYR D 220 -7.14 -15.29 -20.99
CA TYR D 220 -8.39 -14.54 -20.94
C TYR D 220 -8.15 -13.07 -21.29
N LEU D 221 -7.05 -12.50 -20.76
CA LEU D 221 -6.82 -11.07 -20.84
C LEU D 221 -5.97 -10.70 -22.05
N VAL D 222 -5.06 -11.58 -22.48
CA VAL D 222 -4.10 -11.22 -23.52
C VAL D 222 -4.38 -12.00 -24.82
N GLY D 223 -4.40 -13.32 -24.72
CA GLY D 223 -4.71 -14.18 -25.84
C GLY D 223 -3.88 -15.45 -25.80
N GLU D 224 -3.85 -16.14 -26.95
CA GLU D 224 -3.30 -17.47 -27.01
C GLU D 224 -1.77 -17.42 -26.90
N PHE D 225 -1.19 -18.46 -26.31
CA PHE D 225 0.26 -18.65 -26.24
C PHE D 225 0.77 -19.28 -27.53
N SER D 226 1.83 -18.72 -28.10
CA SER D 226 2.50 -19.30 -29.23
C SER D 226 3.67 -20.21 -28.81
N ALA D 227 4.48 -19.74 -27.85
CA ALA D 227 5.70 -20.47 -27.44
C ALA D 227 6.04 -20.15 -25.98
N VAL D 228 6.77 -21.06 -25.33
CA VAL D 228 7.16 -20.93 -23.93
C VAL D 228 8.61 -21.38 -23.80
N ASN D 229 9.28 -20.87 -22.78
CA ASN D 229 10.64 -21.23 -22.40
C ASN D 229 10.72 -21.18 -20.87
N ALA D 230 10.96 -22.34 -20.26
CA ALA D 230 10.64 -22.51 -18.85
C ALA D 230 11.82 -23.09 -18.05
N VAL D 231 11.76 -22.86 -16.75
CA VAL D 231 12.58 -23.54 -15.76
C VAL D 231 11.69 -24.05 -14.62
N LEU D 232 11.85 -25.32 -14.24
CA LEU D 232 11.11 -25.96 -13.17
C LEU D 232 12.10 -26.23 -12.05
N SER D 233 11.66 -26.05 -10.80
CA SER D 233 12.53 -26.26 -9.65
C SER D 233 11.82 -27.07 -8.58
N THR D 234 12.57 -27.99 -7.96
CA THR D 234 12.12 -28.67 -6.74
C THR D 234 13.11 -28.30 -5.64
N TRP D 235 12.63 -27.65 -4.59
CA TRP D 235 13.46 -27.18 -3.50
C TRP D 235 13.45 -28.16 -2.33
N ILE D 236 12.34 -28.86 -2.13
CA ILE D 236 12.16 -29.72 -1.00
C ILE D 236 11.83 -31.12 -1.52
N PRO D 237 12.87 -31.97 -1.65
CA PRO D 237 12.82 -33.24 -2.39
C PRO D 237 12.20 -34.42 -1.62
N GLU D 238 11.98 -34.27 -0.32
CA GLU D 238 11.31 -35.29 0.45
C GLU D 238 10.58 -34.66 1.62
N ARG D 239 9.59 -35.41 2.13
CA ARG D 239 8.66 -34.91 3.12
C ARG D 239 8.15 -36.07 3.99
N PRO D 240 7.75 -35.79 5.26
CA PRO D 240 7.02 -36.76 6.09
C PRO D 240 5.73 -37.30 5.45
N LEU D 241 5.48 -38.62 5.53
CA LEU D 241 4.33 -39.25 4.87
C LEU D 241 3.02 -38.75 5.49
N PRO D 258 8.91 -41.36 9.21
CA PRO D 258 9.30 -41.79 7.88
C PRO D 258 8.82 -40.82 6.78
N LYS D 259 9.65 -40.65 5.75
CA LYS D 259 9.46 -39.67 4.69
C LYS D 259 9.34 -40.37 3.34
N GLY D 260 8.92 -39.60 2.31
CA GLY D 260 8.85 -40.06 0.94
C GLY D 260 9.23 -38.96 -0.04
N PRO D 261 9.55 -39.32 -1.28
CA PRO D 261 10.11 -38.37 -2.23
C PRO D 261 9.02 -37.48 -2.84
N VAL D 262 9.32 -36.19 -3.02
CA VAL D 262 8.54 -35.27 -3.91
C VAL D 262 9.07 -35.41 -5.34
N ASP D 263 8.20 -35.81 -6.28
CA ASP D 263 8.59 -36.01 -7.68
C ASP D 263 7.85 -35.01 -8.60
N VAL D 264 7.46 -33.86 -8.04
CA VAL D 264 6.89 -32.74 -8.81
C VAL D 264 7.68 -31.43 -8.53
N ASP D 265 7.39 -30.43 -9.36
CA ASP D 265 7.97 -29.12 -9.24
C ASP D 265 7.36 -28.37 -8.02
N ASP D 266 8.23 -27.64 -7.29
CA ASP D 266 7.77 -26.68 -6.29
C ASP D 266 7.57 -25.28 -6.90
N GLU D 267 8.25 -25.01 -8.02
CA GLU D 267 8.31 -23.69 -8.58
C GLU D 267 8.42 -23.80 -10.10
N VAL D 268 7.83 -22.85 -10.82
CA VAL D 268 7.97 -22.79 -12.24
C VAL D 268 8.11 -21.33 -12.64
N MET D 269 9.01 -21.06 -13.59
CA MET D 269 8.97 -19.78 -14.26
C MET D 269 9.11 -20.00 -15.77
N THR D 270 8.35 -19.22 -16.53
CA THR D 270 8.33 -19.37 -18.00
C THR D 270 8.20 -17.99 -18.67
N MET D 271 8.96 -17.79 -19.73
CA MET D 271 8.73 -16.73 -20.65
C MET D 271 7.72 -17.24 -21.69
N ILE D 272 7.03 -16.28 -22.31
CA ILE D 272 5.90 -16.50 -23.19
C ILE D 272 5.99 -15.54 -24.40
N ARG D 273 5.79 -16.11 -25.60
CA ARG D 273 5.42 -15.37 -26.79
C ARG D 273 3.95 -15.64 -27.04
N PHE D 274 3.16 -14.56 -27.05
CA PHE D 274 1.75 -14.64 -27.35
C PHE D 274 1.55 -14.66 -28.88
N ALA D 275 0.48 -15.35 -29.32
CA ALA D 275 0.18 -15.42 -30.77
C ALA D 275 0.05 -13.99 -31.35
N ASN D 276 -0.44 -13.04 -30.55
CA ASN D 276 -0.71 -11.73 -31.10
C ASN D 276 0.54 -10.85 -31.11
N GLY D 277 1.70 -11.36 -30.65
CA GLY D 277 2.94 -10.63 -30.67
C GLY D 277 3.33 -10.06 -29.31
N ALA D 278 2.42 -9.97 -28.33
CA ALA D 278 2.85 -9.59 -26.97
C ALA D 278 3.88 -10.60 -26.42
N VAL D 279 4.59 -10.16 -25.38
CA VAL D 279 5.49 -11.02 -24.64
C VAL D 279 5.06 -11.07 -23.17
N GLY D 280 5.53 -12.07 -22.44
CA GLY D 280 5.23 -12.10 -21.02
C GLY D 280 5.96 -13.19 -20.29
N SER D 281 5.59 -13.37 -19.03
CA SER D 281 6.14 -14.40 -18.21
C SER D 281 5.18 -14.72 -17.07
N VAL D 282 5.30 -15.94 -16.55
CA VAL D 282 4.50 -16.44 -15.44
C VAL D 282 5.43 -17.13 -14.46
N GLU D 283 5.19 -16.88 -13.18
CA GLU D 283 6.01 -17.46 -12.12
C GLU D 283 5.08 -17.95 -11.02
N ALA D 284 5.24 -19.21 -10.62
CA ALA D 284 4.48 -19.75 -9.50
C ALA D 284 5.40 -20.55 -8.60
N THR D 285 5.12 -20.52 -7.30
CA THR D 285 5.92 -21.23 -6.32
C THR D 285 5.09 -21.56 -5.09
N ARG D 286 5.50 -22.64 -4.40
CA ARG D 286 4.99 -22.99 -3.11
C ARG D 286 5.97 -22.55 -2.01
N ASN D 287 7.05 -21.84 -2.37
CA ASN D 287 8.23 -21.66 -1.49
C ASN D 287 8.56 -20.17 -1.35
N ALA D 288 7.54 -19.32 -1.14
CA ALA D 288 7.75 -17.89 -1.01
C ALA D 288 7.23 -17.39 0.35
N HIS D 289 8.10 -17.44 1.39
CA HIS D 289 7.68 -16.98 2.69
C HIS D 289 7.07 -15.58 2.57
N GLY D 290 5.96 -15.37 3.27
CA GLY D 290 5.23 -14.05 3.28
C GLY D 290 4.13 -13.94 2.23
N ARG D 291 4.18 -14.82 1.22
CA ARG D 291 3.18 -14.90 0.14
C ARG D 291 2.20 -16.05 0.43
N ASN D 292 0.89 -15.72 0.50
CA ASN D 292 -0.14 -16.66 0.95
C ASN D 292 -1.01 -17.15 -0.23
N ASN D 293 -1.62 -16.21 -0.95
CA ASN D 293 -2.43 -16.53 -2.12
C ASN D 293 -2.22 -15.40 -3.14
N TYR D 294 -0.95 -15.17 -3.45
CA TYR D 294 -0.50 -14.02 -4.18
C TYR D 294 -0.56 -14.28 -5.68
N ILE D 295 -1.78 -14.34 -6.21
CA ILE D 295 -1.96 -14.45 -7.65
C ILE D 295 -2.20 -13.04 -8.16
N THR D 296 -1.31 -12.62 -9.06
CA THR D 296 -1.19 -11.24 -9.50
C THR D 296 -0.94 -11.19 -11.01
N PHE D 297 -1.23 -10.04 -11.59
CA PHE D 297 -0.74 -9.78 -12.93
C PHE D 297 -0.45 -8.28 -13.05
N GLU D 298 0.42 -7.98 -14.01
CA GLU D 298 0.66 -6.61 -14.47
C GLU D 298 0.65 -6.64 -15.99
N ILE D 299 -0.19 -5.78 -16.59
CA ILE D 299 -0.28 -5.70 -18.02
C ILE D 299 0.13 -4.29 -18.47
N HIS D 300 0.99 -4.23 -19.49
CA HIS D 300 1.43 -2.99 -20.13
C HIS D 300 0.82 -2.95 -21.53
N GLY D 301 -0.11 -1.99 -21.71
CA GLY D 301 -0.65 -1.64 -23.00
C GLY D 301 -0.05 -0.36 -23.54
N THR D 302 -0.33 -0.07 -24.81
CA THR D 302 0.21 1.14 -25.45
C THR D 302 -0.41 2.41 -24.82
N GLU D 303 -1.59 2.31 -24.22
CA GLU D 303 -2.27 3.52 -23.66
C GLU D 303 -2.61 3.39 -22.17
N GLY D 304 -2.04 2.41 -21.47
CA GLY D 304 -2.29 2.25 -20.07
C GLY D 304 -1.73 0.93 -19.53
N SER D 305 -1.86 0.77 -18.22
CA SER D 305 -1.37 -0.43 -17.51
C SER D 305 -2.46 -0.89 -16.54
N ILE D 306 -2.48 -2.19 -16.21
CA ILE D 306 -3.37 -2.76 -15.22
C ILE D 306 -2.59 -3.69 -14.29
N VAL D 307 -2.83 -3.57 -12.98
CA VAL D 307 -2.24 -4.44 -11.96
C VAL D 307 -3.36 -4.95 -11.05
N PHE D 308 -3.27 -6.25 -10.75
CA PHE D 308 -4.19 -6.93 -9.91
C PHE D 308 -3.41 -7.77 -8.88
N ASN D 309 -3.92 -7.78 -7.64
CA ASN D 309 -3.38 -8.59 -6.54
C ASN D 309 -4.54 -9.25 -5.79
N TYR D 310 -4.67 -10.58 -5.92
CA TYR D 310 -5.77 -11.33 -5.36
C TYR D 310 -5.74 -11.21 -3.82
N GLU D 311 -4.57 -11.07 -3.19
CA GLU D 311 -4.56 -10.90 -1.73
C GLU D 311 -5.33 -9.64 -1.33
N ARG D 312 -5.50 -8.67 -2.25
CA ARG D 312 -6.40 -7.51 -2.07
C ARG D 312 -7.43 -7.47 -3.22
N ARG D 313 -8.20 -8.55 -3.35
CA ARG D 313 -8.96 -8.82 -4.61
C ARG D 313 -10.06 -7.80 -4.91
N ASP D 314 -10.49 -7.00 -3.93
CA ASP D 314 -11.52 -5.98 -4.13
C ASP D 314 -11.02 -4.85 -5.06
N GLU D 315 -9.70 -4.72 -5.21
CA GLU D 315 -9.03 -3.66 -5.94
C GLU D 315 -8.57 -4.08 -7.33
N LEU D 316 -8.71 -3.14 -8.27
CA LEU D 316 -7.99 -3.16 -9.51
C LEU D 316 -7.23 -1.84 -9.67
N GLN D 317 -5.96 -1.97 -10.02
CA GLN D 317 -5.12 -0.80 -10.26
C GLN D 317 -5.02 -0.55 -11.75
N VAL D 318 -5.39 0.65 -12.20
CA VAL D 318 -5.37 0.95 -13.61
C VAL D 318 -4.73 2.34 -13.80
N ALA D 319 -3.76 2.43 -14.71
CA ALA D 319 -3.12 3.70 -15.06
C ALA D 319 -3.48 4.03 -16.52
N PHE D 320 -4.11 5.18 -16.75
CA PHE D 320 -4.45 5.58 -18.12
C PHE D 320 -3.51 6.69 -18.59
N ALA D 321 -2.90 6.51 -19.78
CA ALA D 321 -1.99 7.46 -20.39
C ALA D 321 -2.70 8.78 -20.66
N SER D 322 -4.01 8.71 -20.89
CA SER D 322 -4.82 9.84 -21.24
C SER D 322 -5.08 10.77 -20.04
N ASP D 323 -4.76 10.34 -18.81
CA ASP D 323 -4.89 11.29 -17.64
C ASP D 323 -4.12 12.60 -17.90
N GLN D 324 -4.70 13.75 -17.53
CA GLN D 324 -3.96 15.00 -17.59
C GLN D 324 -2.61 14.79 -16.88
N ALA D 325 -1.56 15.43 -17.41
CA ALA D 325 -0.15 15.10 -17.14
C ALA D 325 0.23 15.39 -15.68
N ASP D 326 -0.52 16.27 -15.00
CA ASP D 326 -0.27 16.59 -13.57
C ASP D 326 -1.12 15.75 -12.58
N ARG D 327 -1.87 14.76 -13.06
CA ARG D 327 -2.71 13.91 -12.21
C ARG D 327 -2.81 12.51 -12.82
N ARG D 328 -1.65 11.96 -13.19
CA ARG D 328 -1.58 10.73 -13.99
C ARG D 328 -0.92 9.65 -13.13
N GLY D 329 -1.53 8.47 -13.07
CA GLY D 329 -0.92 7.33 -12.36
C GLY D 329 -1.95 6.24 -12.09
N PHE D 330 -1.56 5.22 -11.31
CA PHE D 330 -2.47 4.11 -11.05
C PHE D 330 -3.59 4.61 -10.13
N ARG D 331 -4.83 4.39 -10.56
CA ARG D 331 -5.93 4.58 -9.67
C ARG D 331 -6.39 3.22 -9.13
N THR D 332 -6.70 3.19 -7.84
CA THR D 332 -7.15 1.98 -7.15
C THR D 332 -8.67 1.97 -7.14
N VAL D 333 -9.25 1.10 -7.98
CA VAL D 333 -10.68 0.98 -8.21
C VAL D 333 -11.20 -0.21 -7.38
N TYR D 334 -12.11 0.07 -6.45
CA TYR D 334 -12.82 -0.95 -5.66
C TYR D 334 -14.08 -1.38 -6.42
N THR D 335 -14.23 -2.69 -6.57
CA THR D 335 -15.32 -3.26 -7.35
C THR D 335 -16.63 -3.25 -6.55
N GLY D 336 -17.71 -3.02 -7.31
CA GLY D 336 -19.00 -2.80 -6.80
C GLY D 336 -20.06 -2.94 -7.87
N PRO D 337 -21.22 -2.33 -7.60
CA PRO D 337 -22.35 -2.31 -8.55
C PRO D 337 -22.01 -1.80 -9.95
N ALA D 338 -21.09 -0.84 -10.09
CA ALA D 338 -20.76 -0.26 -11.39
C ALA D 338 -19.91 -1.21 -12.26
N HIS D 339 -19.38 -2.29 -11.69
CA HIS D 339 -18.41 -3.09 -12.36
C HIS D 339 -19.03 -4.42 -12.77
N PRO D 340 -18.37 -5.20 -13.65
CA PRO D 340 -18.94 -6.47 -14.10
C PRO D 340 -19.35 -7.36 -12.91
N TYR D 341 -20.47 -8.05 -13.08
CA TYR D 341 -21.08 -8.94 -12.10
C TYR D 341 -21.65 -8.15 -10.92
N GLY D 342 -21.53 -6.82 -10.92
CA GLY D 342 -21.82 -6.01 -9.74
C GLY D 342 -23.28 -6.07 -9.30
N GLU D 343 -24.18 -6.27 -10.27
CA GLU D 343 -25.65 -6.36 -10.03
C GLU D 343 -25.99 -7.56 -9.12
N GLY D 344 -25.15 -8.58 -9.06
CA GLY D 344 -25.45 -9.73 -8.23
C GLY D 344 -24.61 -9.79 -6.96
N LEU D 345 -23.84 -8.73 -6.67
CA LEU D 345 -22.96 -8.86 -5.51
C LEU D 345 -23.40 -7.87 -4.44
N TRP D 346 -22.47 -7.15 -3.82
CA TRP D 346 -22.80 -6.36 -2.69
C TRP D 346 -23.19 -4.95 -3.12
N PRO D 347 -24.00 -4.25 -2.31
CA PRO D 347 -24.50 -2.95 -2.74
C PRO D 347 -23.49 -1.80 -2.76
N ILE D 348 -22.32 -1.94 -2.16
CA ILE D 348 -21.34 -0.88 -2.31
C ILE D 348 -20.00 -1.53 -2.55
N PRO D 349 -19.06 -0.78 -3.16
CA PRO D 349 -17.73 -1.29 -3.33
C PRO D 349 -17.11 -1.46 -1.93
N ALA D 350 -16.18 -2.40 -1.85
CA ALA D 350 -15.44 -2.70 -0.63
C ALA D 350 -16.31 -3.25 0.51
N LEU D 351 -17.56 -3.64 0.28
CA LEU D 351 -18.26 -4.40 1.33
C LEU D 351 -17.55 -5.74 1.54
N GLY D 352 -16.98 -6.27 0.45
CA GLY D 352 -15.94 -7.24 0.56
C GLY D 352 -16.21 -8.49 -0.26
N ILE D 353 -15.33 -8.75 -1.23
CA ILE D 353 -15.37 -9.99 -2.00
C ILE D 353 -14.39 -10.97 -1.33
N GLY D 354 -14.86 -12.19 -1.04
CA GLY D 354 -14.01 -13.30 -0.64
C GLY D 354 -13.94 -14.37 -1.73
N TYR D 355 -13.38 -15.51 -1.37
CA TYR D 355 -13.23 -16.61 -2.30
C TYR D 355 -14.60 -17.09 -2.81
N GLY D 356 -15.59 -17.11 -1.92
CA GLY D 356 -16.91 -17.71 -2.23
C GLY D 356 -17.60 -17.00 -3.38
N GLU D 357 -17.45 -15.68 -3.45
CA GLU D 357 -18.11 -14.90 -4.47
C GLU D 357 -17.58 -15.31 -5.85
N THR D 358 -16.30 -15.66 -5.95
CA THR D 358 -15.76 -16.08 -7.25
C THR D 358 -16.50 -17.36 -7.70
N LYS D 359 -16.75 -18.27 -6.73
CA LYS D 359 -17.37 -19.56 -7.02
C LYS D 359 -18.87 -19.39 -7.33
N ILE D 360 -19.48 -18.41 -6.67
CA ILE D 360 -20.86 -18.10 -6.92
C ILE D 360 -21.03 -17.59 -8.36
N ILE D 361 -20.10 -16.73 -8.77
CA ILE D 361 -20.16 -16.14 -10.13
C ILE D 361 -19.98 -17.27 -11.15
N GLU D 362 -19.02 -18.16 -10.86
CA GLU D 362 -18.74 -19.32 -11.71
C GLU D 362 -20.02 -20.15 -11.91
N ALA D 363 -20.68 -20.48 -10.80
CA ALA D 363 -21.90 -21.26 -10.81
C ALA D 363 -22.98 -20.53 -11.60
N HIS D 364 -23.10 -19.22 -11.36
CA HIS D 364 -24.06 -18.39 -12.07
C HIS D 364 -23.88 -18.58 -13.58
N ASP D 365 -22.66 -18.41 -14.07
CA ASP D 365 -22.42 -18.41 -15.54
C ASP D 365 -22.56 -19.81 -16.12
N PHE D 366 -22.13 -20.82 -15.36
CA PHE D 366 -22.30 -22.22 -15.71
C PHE D 366 -23.80 -22.52 -15.93
N PHE D 367 -24.63 -22.10 -14.96
CA PHE D 367 -26.08 -22.39 -14.98
C PHE D 367 -26.80 -21.58 -16.07
N LYS D 368 -26.34 -20.36 -16.31
CA LYS D 368 -26.88 -19.52 -17.35
C LYS D 368 -26.63 -20.19 -18.72
N ALA D 369 -25.42 -20.72 -18.91
CA ALA D 369 -25.10 -21.44 -20.13
C ALA D 369 -26.05 -22.63 -20.30
N ILE D 370 -26.22 -23.40 -19.21
CA ILE D 370 -27.05 -24.57 -19.30
C ILE D 370 -28.49 -24.15 -19.63
N ALA D 371 -29.00 -23.16 -18.93
CA ALA D 371 -30.41 -22.79 -19.07
C ALA D 371 -30.69 -22.19 -20.45
N GLU D 372 -29.72 -21.54 -21.07
CA GLU D 372 -29.92 -20.92 -22.38
C GLU D 372 -29.49 -21.85 -23.53
N GLY D 373 -28.84 -22.98 -23.23
CA GLY D 373 -28.30 -23.86 -24.28
C GLY D 373 -27.10 -23.25 -24.98
N GLY D 374 -26.32 -22.47 -24.23
CA GLY D 374 -25.15 -21.84 -24.71
C GLY D 374 -23.92 -22.57 -24.23
N SER D 375 -22.77 -21.93 -24.38
CA SER D 375 -21.56 -22.46 -23.89
C SER D 375 -20.99 -21.49 -22.86
N VAL D 376 -19.98 -21.93 -22.13
CA VAL D 376 -19.34 -21.14 -21.10
C VAL D 376 -17.83 -21.17 -21.33
N SER D 377 -17.16 -20.11 -20.89
CA SER D 377 -15.71 -19.99 -20.92
C SER D 377 -15.21 -19.86 -19.48
N PRO D 378 -14.13 -20.54 -19.09
CA PRO D 378 -13.38 -21.50 -19.89
C PRO D 378 -14.05 -22.88 -19.94
N SER D 379 -13.98 -23.51 -21.11
CA SER D 379 -14.59 -24.81 -21.36
C SER D 379 -13.50 -25.90 -21.24
N PHE D 380 -13.84 -27.16 -21.55
CA PHE D 380 -12.79 -28.20 -21.68
C PHE D 380 -11.83 -27.90 -22.83
N ALA D 381 -12.26 -27.12 -23.83
CA ALA D 381 -11.33 -26.69 -24.88
C ALA D 381 -10.22 -25.86 -24.23
N ASP D 382 -10.62 -24.97 -23.32
CA ASP D 382 -9.68 -24.07 -22.66
C ASP D 382 -8.82 -24.90 -21.71
N GLY D 383 -9.45 -25.86 -21.03
CA GLY D 383 -8.73 -26.70 -20.09
C GLY D 383 -7.66 -27.54 -20.75
N TYR D 384 -8.00 -28.06 -21.93
CA TYR D 384 -7.08 -28.85 -22.73
C TYR D 384 -5.96 -27.96 -23.28
N GLN D 385 -6.30 -26.76 -23.72
CA GLN D 385 -5.28 -25.83 -24.24
C GLN D 385 -4.25 -25.54 -23.13
N VAL D 386 -4.74 -25.34 -21.91
CA VAL D 386 -3.87 -25.07 -20.76
C VAL D 386 -2.97 -26.30 -20.52
N ALA D 387 -3.57 -27.49 -20.64
CA ALA D 387 -2.84 -28.75 -20.42
C ALA D 387 -1.73 -28.91 -21.47
N LEU D 388 -1.97 -28.42 -22.71
CA LEU D 388 -0.93 -28.42 -23.79
C LEU D 388 0.19 -27.43 -23.46
N ILE D 389 -0.20 -26.27 -22.90
CA ILE D 389 0.75 -25.28 -22.48
C ILE D 389 1.64 -25.88 -21.38
N ASP D 390 1.03 -26.54 -20.38
CA ASP D 390 1.82 -27.19 -19.32
C ASP D 390 2.80 -28.21 -19.92
N ASP D 391 2.34 -29.06 -20.85
CA ASP D 391 3.24 -30.04 -21.46
C ASP D 391 4.38 -29.34 -22.17
N ALA D 392 4.09 -28.22 -22.86
CA ALA D 392 5.14 -27.50 -23.56
C ALA D 392 6.13 -26.89 -22.55
N ILE D 393 5.62 -26.40 -21.41
CA ILE D 393 6.46 -25.88 -20.32
C ILE D 393 7.40 -26.98 -19.80
N VAL D 394 6.85 -28.15 -19.47
CA VAL D 394 7.68 -29.24 -18.96
C VAL D 394 8.76 -29.59 -20.01
N GLU D 395 8.33 -29.76 -21.26
CA GLU D 395 9.20 -30.13 -22.37
C GLU D 395 10.32 -29.07 -22.53
N SER D 396 9.90 -27.79 -22.51
CA SER D 396 10.81 -26.65 -22.63
C SER D 396 11.90 -26.71 -21.55
N ALA D 397 11.46 -26.93 -20.32
CA ALA D 397 12.39 -27.00 -19.18
C ALA D 397 13.38 -28.17 -19.34
N ALA D 398 12.89 -29.31 -19.84
CA ALA D 398 13.72 -30.53 -19.96
C ALA D 398 14.78 -30.29 -21.04
N LYS D 399 14.38 -29.64 -22.15
CA LYS D 399 15.22 -29.43 -23.29
C LYS D 399 16.00 -28.10 -23.21
N GLU D 400 15.67 -27.26 -22.23
CA GLU D 400 16.19 -25.88 -22.09
C GLU D 400 16.10 -25.14 -23.42
N SER D 401 14.92 -25.15 -24.03
CA SER D 401 14.71 -24.45 -25.26
C SER D 401 13.27 -23.96 -25.35
N TRP D 402 13.05 -23.05 -26.29
CA TRP D 402 11.73 -22.62 -26.62
C TRP D 402 10.93 -23.79 -27.19
N VAL D 403 9.66 -23.92 -26.79
CA VAL D 403 8.78 -24.94 -27.41
C VAL D 403 7.52 -24.23 -27.90
N ASP D 404 7.14 -24.50 -29.14
CA ASP D 404 5.85 -24.02 -29.67
C ASP D 404 4.72 -24.75 -28.97
N VAL D 405 3.65 -24.01 -28.66
CA VAL D 405 2.55 -24.61 -27.99
C VAL D 405 1.59 -25.14 -29.05
N PRO D 406 1.38 -26.46 -29.13
CA PRO D 406 0.38 -27.03 -30.04
C PRO D 406 -0.99 -26.36 -29.81
N GLN D 407 -1.75 -26.15 -30.88
CA GLN D 407 -3.10 -25.63 -30.74
C GLN D 407 -4.08 -26.79 -30.93
N ILE D 408 -5.24 -26.72 -30.27
CA ILE D 408 -6.18 -27.86 -30.22
C ILE D 408 -6.84 -28.03 -31.60
PA NAI E . 19.69 20.44 18.00
O1A NAI E . 19.96 19.25 17.09
O2A NAI E . 19.68 20.26 19.47
O5B NAI E . 20.70 21.59 17.58
C5B NAI E . 20.64 22.90 18.11
C4B NAI E . 22.03 23.51 18.17
O4B NAI E . 21.86 24.85 18.67
C3B NAI E . 23.01 22.76 19.07
O3B NAI E . 24.07 22.22 18.28
C2B NAI E . 23.47 23.83 20.04
O2B NAI E . 24.87 23.78 20.39
C1B NAI E . 23.12 25.11 19.30
N9A NAI E . 23.06 26.23 20.22
C8A NAI E . 22.56 26.24 21.48
N7A NAI E . 22.76 27.46 22.04
C5A NAI E . 23.37 28.23 21.13
C6A NAI E . 23.90 29.61 21.04
N6A NAI E . 23.76 30.46 22.07
N1A NAI E . 24.51 30.02 19.91
C2A NAI E . 24.64 29.20 18.86
N3A NAI E . 24.19 27.93 18.85
C4A NAI E . 23.58 27.40 19.94
O3 NAI E . 18.25 21.09 17.62
PN NAI E . 17.60 20.91 16.15
O1N NAI E . 18.59 21.25 15.08
O2N NAI E . 16.84 19.59 16.10
O5D NAI E . 16.44 22.02 16.32
C5D NAI E . 16.76 23.41 16.17
C4D NAI E . 15.45 24.16 15.83
O4D NAI E . 14.87 23.56 14.67
C3D NAI E . 14.38 24.02 16.90
O3D NAI E . 13.72 25.26 17.05
C2D NAI E . 13.44 22.89 16.40
O2D NAI E . 12.10 23.06 16.82
C1D NAI E . 13.55 23.05 14.89
N1N NAI E . 13.43 21.86 14.09
C2N NAI E . 12.78 21.95 12.91
C3N NAI E . 12.61 20.84 12.02
C7N NAI E . 11.83 20.96 10.71
O7N NAI E . 11.43 19.96 10.08
N7N NAI E . 11.59 22.20 10.23
C4N NAI E . 13.20 19.62 12.44
C5N NAI E . 13.92 19.57 13.67
C6N NAI E . 14.02 20.71 14.46
PA NAI F . 22.91 13.99 -20.36
O1A NAI F . 22.68 13.85 -21.83
O2A NAI F . 21.97 14.63 -19.34
O5B NAI F . 24.29 14.71 -20.15
C5B NAI F . 25.49 14.26 -20.72
C4B NAI F . 26.37 15.49 -20.84
O4B NAI F . 27.57 15.07 -21.49
C3B NAI F . 25.77 16.59 -21.72
O3B NAI F . 25.54 17.82 -21.00
C2B NAI F . 26.82 16.77 -22.81
O2B NAI F . 27.00 18.10 -23.33
C1B NAI F . 28.05 16.23 -22.12
N9A NAI F . 29.10 15.93 -23.08
C8A NAI F . 28.97 15.29 -24.26
N7A NAI F . 30.15 15.21 -24.89
C5A NAI F . 31.06 15.81 -24.10
C6A NAI F . 32.49 16.09 -24.18
N6A NAI F . 33.17 15.67 -25.27
N1A NAI F . 33.11 16.73 -23.14
C2A NAI F . 32.41 17.12 -22.06
N3A NAI F . 31.08 16.90 -21.95
C4A NAI F . 30.36 16.26 -22.91
O3 NAI F . 23.21 12.47 -19.84
PN NAI F . 23.02 11.99 -18.32
O1N NAI F . 23.74 12.94 -17.40
O2N NAI F . 21.58 11.60 -18.00
O5D NAI F . 23.87 10.62 -18.41
C5D NAI F . 25.30 10.66 -18.29
C4D NAI F . 25.81 9.27 -17.89
O4D NAI F . 25.20 8.90 -16.66
C3D NAI F . 25.39 8.21 -18.92
O3D NAI F . 26.40 7.21 -19.04
C2D NAI F . 24.17 7.50 -18.35
O2D NAI F . 24.20 6.13 -18.73
C1D NAI F . 24.42 7.68 -16.85
N1N NAI F . 23.28 7.80 -15.99
C2N NAI F . 23.35 7.25 -14.75
C3N NAI F . 22.33 7.36 -13.79
C7N NAI F . 22.40 6.67 -12.43
O7N NAI F . 21.39 6.56 -11.71
N7N NAI F . 23.58 6.18 -11.94
C4N NAI F . 21.21 8.13 -14.17
C5N NAI F . 21.17 8.78 -15.44
C6N NAI F . 22.25 8.60 -16.33
PA NAI G . -33.44 -2.10 3.27
O1A NAI G . -34.24 -0.83 3.15
O2A NAI G . -32.52 -2.71 2.24
O5B NAI G . -34.43 -3.29 3.64
C5B NAI G . -35.40 -3.12 4.65
C4B NAI G . -36.57 -4.04 4.32
O4B NAI G . -37.46 -4.03 5.44
C3B NAI G . -37.33 -3.51 3.09
O3B NAI G . -37.30 -4.49 2.08
C2B NAI G . -38.72 -3.31 3.61
O2B NAI G . -39.73 -3.73 2.69
C1B NAI G . -38.73 -4.20 4.85
N9A NAI G . -39.83 -3.81 5.71
C8A NAI G . -40.27 -2.57 5.97
N7A NAI G . -41.34 -2.62 6.79
C5A NAI G . -41.61 -3.91 7.04
C6A NAI G . -42.63 -4.66 7.80
N6A NAI G . -43.59 -4.03 8.50
N1A NAI G . -42.57 -6.00 7.80
C2A NAI G . -41.62 -6.66 7.12
N3A NAI G . -40.65 -6.02 6.41
C4A NAI G . -40.62 -4.69 6.32
O3 NAI G . -32.61 -1.91 4.64
PN NAI G . -31.26 -2.67 5.02
O1N NAI G . -31.32 -4.18 4.90
O2N NAI G . -30.02 -2.02 4.41
O5D NAI G . -31.26 -2.30 6.59
C5D NAI G . -32.02 -3.07 7.51
C4D NAI G . -31.37 -2.93 8.89
O4D NAI G . -30.02 -3.45 8.87
C3D NAI G . -31.31 -1.52 9.35
O3D NAI G . -31.70 -1.52 10.76
C2D NAI G . -29.84 -1.10 9.11
O2D NAI G . -29.39 -0.14 10.06
C1D NAI G . -29.07 -2.41 9.21
N1N NAI G . -27.93 -2.63 8.35
C2N NAI G . -26.86 -3.30 8.86
C3N NAI G . -25.67 -3.61 8.12
C7N NAI G . -24.45 -4.32 8.78
O7N NAI G . -23.31 -4.32 8.26
N7N NAI G . -24.60 -4.95 9.98
C4N NAI G . -25.68 -3.17 6.77
C5N NAI G . -26.81 -2.53 6.23
C6N NAI G . -27.94 -2.28 7.05
PA NAI H . -9.07 -32.39 -1.18
O1A NAI H . -7.95 -33.35 -0.92
O2A NAI H . -9.50 -31.39 -0.15
O5B NAI H . -10.42 -33.20 -1.44
C5B NAI H . -10.53 -34.22 -2.41
C4B NAI H . -11.70 -35.07 -1.93
O4B NAI H . -11.95 -35.98 -3.01
C3B NAI H . -11.34 -35.87 -0.65
O3B NAI H . -12.21 -35.56 0.44
C2B NAI H . -11.43 -37.32 -1.10
O2B NAI H . -12.03 -38.26 -0.19
C1B NAI H . -12.31 -37.19 -2.34
N9A NAI H . -12.16 -38.41 -3.13
C8A NAI H . -11.05 -39.10 -3.43
N7A NAI H . -11.37 -40.16 -4.18
C5A NAI H . -12.70 -40.17 -4.37
C6A NAI H . -13.69 -41.04 -5.03
N6A NAI H . -13.31 -42.14 -5.71
N1A NAI H . -14.96 -40.68 -4.99
C2A NAI H . -15.36 -39.59 -4.33
N3A NAI H . -14.51 -38.74 -3.69
C4A NAI H . -13.21 -39.00 -3.68
O3 NAI H . -8.66 -31.69 -2.55
PN NAI H . -9.27 -30.30 -3.03
O1N NAI H . -10.73 -30.21 -2.80
O2N NAI H . -8.35 -29.22 -2.47
O5D NAI H . -8.96 -30.40 -4.60
C5D NAI H . -9.90 -31.12 -5.43
C4D NAI H . -9.74 -30.55 -6.84
O4D NAI H . -9.97 -29.15 -6.83
C3D NAI H . -8.34 -30.76 -7.40
O3D NAI H . -8.50 -31.08 -8.80
C2D NAI H . -7.64 -29.43 -7.21
O2D NAI H . -6.66 -29.23 -8.21
C1D NAI H . -8.81 -28.45 -7.35
N1N NAI H . -8.72 -27.22 -6.56
C2N NAI H . -9.13 -26.05 -7.14
C3N NAI H . -9.04 -24.83 -6.48
C7N NAI H . -9.51 -23.57 -7.21
O7N NAI H . -10.17 -23.64 -8.28
N7N NAI H . -9.28 -22.38 -6.69
C4N NAI H . -8.57 -24.82 -5.14
C5N NAI H . -8.19 -26.04 -4.54
C6N NAI H . -8.28 -27.22 -5.27
#